data_8DU4
#
_entry.id   8DU4
#
_cell.length_a   1.00
_cell.length_b   1.00
_cell.length_c   1.00
_cell.angle_alpha   90.00
_cell.angle_beta   90.00
_cell.angle_gamma   90.00
#
_symmetry.space_group_name_H-M   'P 1'
#
loop_
_entity.id
_entity.type
_entity.pdbx_description
1 polymer 'Histone H3'
2 polymer 'Histone H4'
3 polymer 'Histone H2A'
4 polymer 'Histone H2B 1.1'
5 polymer '601 DNA (146-MER)'
6 polymer '601 DNA (146-MER)'
7 polymer 'WD repeat-containing protein 5'
8 polymer 'Retinoblastoma-binding protein 5'
9 polymer Polyubiquitin-B
#
loop_
_entity_poly.entity_id
_entity_poly.type
_entity_poly.pdbx_seq_one_letter_code
_entity_poly.pdbx_strand_id
1 'polypeptide(L)'
;MART(NLE)QTARKSTGGKAPRKQLATKAARKSAPATGGVKKPHRYRPGTVALREIRRYQKSTELLIRKLPFQRLVREIA
QDFKTDLRFQSSAV(NLE)ALQEASEAYLVALFEDTNLCAIHAKRVTI(NLE)PKDIQLARRIRGERA
;
A,E
2 'polypeptide(L)'
;MSGRGKGGKGLGKGGAKRHRKVLRDNIQGITKPAIRRLARRGGVKRISGLIYEETRGVLKVFLENVIRDAVTYTEHAKRK
TVTAMDVVYALKRQGRTLYGFGG
;
B,F
3 'polypeptide(L)'
;MSGRGKQGGKTRAKAKTRSSRAGLQFPVGRVHRLLRKGNYAERVGAGAPVYLAAVLEYLTAEILELAGNAARDNKKTRII
PRHLQLAVRNDEELNKLLGRVTIAQGGVLPNIQSVLLPKKTESSKSAKSK
;
C,G
4 'polypeptide(L)'
;MAKSAPAPKKGSKKAVTKTQKKDGKKRRKTRKESYAIYVYKVLKQVHPDTGISSKAMSIMNSFVNDVFERIAGEASRLAH
YNKRSTITSREIQTAVRLLLPGELAKHAVSEGTKAVTCYTSAK
;
D,H
5 'polydeoxyribonucleotide'
;(DT)(DC)(DG)(DA)(DG)(DA)(DA)(DT)(DC)(DC)(DC)(DG)(DG)(DT)(DG)(DC)(DC)(DG)(DA)(DG)
(DG)(DC)(DC)(DG)(DC)(DT)(DC)(DA)(DA)(DT)(DT)(DG)(DG)(DT)(DC)(DG)(DT)(DA)(DG)(DA)
(DC)(DA)(DG)(DC)(DT)(DC)(DT)(DA)(DG)(DC)(DA)(DC)(DC)(DG)(DC)(DT)(DT)(DA)(DA)(DA)
(DC)(DG)(DC)(DA)(DC)(DG)(DT)(DA)(DC)(DG)(DC)(DG)(DC)(DT)(DG)(DT)(DC)(DC)(DC)(DC)
(DC)(DG)(DC)(DG)(DT)(DT)(DT)(DT)(DA)(DA)(DC)(DC)(DG)(DC)(DC)(DA)(DA)(DG)(DG)(DG)
(DG)(DA)(DT)(DT)(DA)(DC)(DT)(DC)(DC)(DC)(DT)(DA)(DG)(DT)(DC)(DT)(DC)(DC)(DA)(DG)
(DG)(DC)(DA)(DC)(DG)(DT)(DG)(DT)(DC)(DA)(DG)(DA)(DT)(DA)(DT)(DA)(DT)(DA)(DC)(DA)
(DT)(DC)(DC)(DG)(DA)(DT)
;
I
6 'polydeoxyribonucleotide'
;(DA)(DT)(DC)(DG)(DG)(DA)(DT)(DG)(DT)(DA)(DT)(DA)(DT)(DA)(DT)(DC)(DT)(DG)(DA)(DC)
(DA)(DC)(DG)(DT)(DG)(DC)(DC)(DT)(DG)(DG)(DA)(DG)(DA)(DC)(DT)(DA)(DG)(DG)(DG)(DA)
(DG)(DT)(DA)(DA)(DT)(DC)(DC)(DC)(DC)(DT)(DT)(DG)(DG)(DC)(DG)(DG)(DT)(DT)(DA)(DA)
(DA)(DA)(DC)(DG)(DC)(DG)(DG)(DG)(DG)(DG)(DA)(DC)(DA)(DG)(DC)(DG)(DC)(DG)(DT)(DA)
(DC)(DG)(DT)(DG)(DC)(DG)(DT)(DT)(DT)(DA)(DA)(DG)(DC)(DG)(DG)(DT)(DG)(DC)(DT)(DA)
(DG)(DA)(DG)(DC)(DT)(DG)(DT)(DC)(DT)(DA)(DC)(DG)(DA)(DC)(DC)(DA)(DA)(DT)(DT)(DG)
(DA)(DG)(DC)(DG)(DG)(DC)(DC)(DT)(DC)(DG)(DG)(DC)(DA)(DC)(DC)(DG)(DG)(DG)(DA)(DT)
(DT)(DC)(DT)(DC)(DG)(DA)
;
J
7 'polypeptide(L)'
;GSATEEKKPETEAARAQPTPSSSATQSKPTPVKPNYALKFTLAGHTKAVSSVKFSPNGEWLASSSADKLIKIWGAYDGKF
EKTISGHKLGISDVAWSSDSNLLVSASDDKTLKIWDVSSGKCLKTLKGHSNYVFCCNFNPQSNLIVSGSFDESVRIWDVK
TGKCLKTLPAHSDPVSAVHFNRDGSLIVSSSYDGLCRIWDTASGQCLKTLIDDDNPPVSFVKFSPNGKYILAATLDNTLK
LWDYSKGKCLKTYTGHKNEKYCIFANFSVTGGKWIVSGSEDNLVYIWNLQTKEIVQKLQGHTDVVISTACHPTENIIASA
ALENDKTIKLWKSDC
;
L
8 'polypeptide(L)'
;MNLELLESFGQNYPEEADGTLDCISMALTCTFNRWGTLLAVGCNDGRIVIWDFLTRGIAKIISAHIHPVCSLCWSRDGHK
LVSASTDNIVSQWDVLSGDCDQRFRFPSPILKVQYHPRDQNKVLVCPMKSAPVMLTLSDSKHVVLPVDDDSDLNVVASFD
RRGEYIYTGNAKGKILVLKTDSQDLVASFRVTTGTSNTTAIKSIEFARKGSCFLINTADRIIRVYDGREILTCGRDGEPE
PMQKLQDLVNRTPWKKCCFSGDGEYIVAGSARQHALYIWEKSIGNLVKILHGTRGELLLDVAWHPVRPIIASISSGVVSI
WAQNQVENWSAFAPDFKELDENVEYEERESEFDIEDEDKSEPEQTGADAAEDEEVDVTSVDPIAAFCSSDEELEDSKALL
YLPIAPEVEDPEENPYGPPPDAVQTSLMDEGASSEKKRQSSADGSQPPKKKPKTTNIELQGVPNDEVHPLLGVKGDGKSK
KKQAGRPKGSKGKEKDSPFKPKLYKGDRGLPLEGSAKGKVQAELSQPLTAGGAISELL
;
N
9 'polypeptide(L)'
;QGSHMMQIFVKTLTGKTITLEVEPSDTIENVKAKIQDKEGIPPDQQRLIFAGKQLEDGRTLSDYNIQKESTLHLVLRLRG
C
;
O
#
# COMPACT_ATOMS: atom_id res chain seq x y z
N PRO A 39 2.82 42.14 39.97
CA PRO A 39 2.26 42.95 41.06
C PRO A 39 0.98 42.35 41.63
N HIS A 40 -0.07 43.16 41.71
CA HIS A 40 -1.34 42.71 42.25
C HIS A 40 -2.12 41.94 41.18
N ARG A 41 -3.23 41.35 41.62
CA ARG A 41 -4.11 40.62 40.71
C ARG A 41 -4.88 41.63 39.87
N TYR A 42 -4.57 41.69 38.58
CA TYR A 42 -5.15 42.72 37.74
C TYR A 42 -6.28 42.16 36.88
N ARG A 43 -7.12 43.07 36.39
CA ARG A 43 -8.29 42.69 35.64
C ARG A 43 -7.90 42.18 34.25
N PRO A 44 -8.61 41.18 33.73
CA PRO A 44 -8.21 40.57 32.46
C PRO A 44 -8.39 41.52 31.29
N GLY A 45 -7.65 41.26 30.21
CA GLY A 45 -7.81 41.94 28.95
C GLY A 45 -7.00 43.21 28.75
N THR A 46 -6.24 43.65 29.74
CA THR A 46 -5.48 44.90 29.59
C THR A 46 -4.14 44.65 28.92
N VAL A 47 -3.46 43.57 29.31
CA VAL A 47 -2.11 43.31 28.79
C VAL A 47 -2.18 42.40 27.57
N ALA A 48 -3.30 41.72 27.34
CA ALA A 48 -3.45 40.94 26.11
C ALA A 48 -3.39 41.84 24.89
N LEU A 49 -3.96 43.04 24.97
CA LEU A 49 -3.91 43.98 23.86
C LEU A 49 -2.49 44.42 23.58
N ARG A 50 -1.73 44.72 24.62
CA ARG A 50 -0.33 45.10 24.44
C ARG A 50 0.49 43.95 23.88
N GLU A 51 0.20 42.72 24.31
CA GLU A 51 0.89 41.55 23.78
C GLU A 51 0.59 41.36 22.31
N ILE A 52 -0.67 41.57 21.91
CA ILE A 52 -1.04 41.50 20.50
C ILE A 52 -0.30 42.57 19.71
N ARG A 53 -0.24 43.79 20.25
CA ARG A 53 0.49 44.86 19.57
C ARG A 53 1.96 44.51 19.39
N ARG A 54 2.57 43.92 20.42
CA ARG A 54 3.99 43.57 20.33
C ARG A 54 4.24 42.50 19.28
N TYR A 55 3.47 41.41 19.30
CA TYR A 55 3.74 40.32 18.35
C TYR A 55 3.29 40.65 16.93
N GLN A 56 2.27 41.48 16.78
CA GLN A 56 1.77 41.73 15.43
C GLN A 56 2.70 42.64 14.65
N LYS A 57 3.56 43.38 15.35
CA LYS A 57 4.55 44.25 14.71
C LYS A 57 5.89 43.56 14.48
N SER A 58 6.32 42.69 15.39
CA SER A 58 7.66 42.14 15.37
C SER A 58 7.82 41.07 14.29
N THR A 59 9.08 40.74 14.01
CA THR A 59 9.44 39.70 13.04
C THR A 59 10.48 38.79 13.69
N GLU A 60 10.03 37.61 14.10
CA GLU A 60 10.92 36.54 14.58
C GLU A 60 10.15 35.23 14.48
N LEU A 61 10.75 34.17 15.02
CA LEU A 61 10.20 32.84 14.94
C LEU A 61 9.64 32.45 16.30
N LEU A 62 8.31 32.30 16.37
CA LEU A 62 7.62 32.13 17.64
C LEU A 62 7.78 30.73 18.23
N ILE A 63 8.20 29.76 17.43
CA ILE A 63 8.37 28.40 17.91
C ILE A 63 9.86 28.11 18.07
N ARG A 64 10.22 27.49 19.19
CA ARG A 64 11.61 27.16 19.47
C ARG A 64 12.16 26.23 18.40
N LYS A 65 13.44 26.42 18.09
CA LYS A 65 14.07 25.70 16.98
C LYS A 65 14.21 24.21 17.23
N LEU A 66 14.88 23.82 18.32
CA LEU A 66 15.16 22.41 18.56
C LEU A 66 13.91 21.54 18.68
N PRO A 67 12.84 21.96 19.38
CA PRO A 67 11.62 21.12 19.36
C PRO A 67 11.10 20.85 17.97
N PHE A 68 11.14 21.82 17.06
CA PHE A 68 10.72 21.56 15.70
C PHE A 68 11.69 20.61 15.00
N GLN A 69 12.99 20.74 15.29
CA GLN A 69 13.95 19.77 14.78
C GLN A 69 13.55 18.36 15.14
N ARG A 70 13.31 18.11 16.42
CA ARG A 70 12.98 16.75 16.84
C ARG A 70 11.63 16.31 16.29
N LEU A 71 10.70 17.26 16.13
CA LEU A 71 9.39 16.91 15.58
C LEU A 71 9.51 16.42 14.14
N VAL A 72 10.25 17.14 13.30
CA VAL A 72 10.38 16.70 11.91
C VAL A 72 11.19 15.42 11.83
N ARG A 73 12.23 15.28 12.67
CA ARG A 73 12.97 14.02 12.67
C ARG A 73 12.06 12.84 13.00
N GLU A 74 11.21 12.97 14.02
CA GLU A 74 10.31 11.88 14.36
C GLU A 74 9.30 11.62 13.25
N ILE A 75 8.73 12.68 12.67
CA ILE A 75 7.64 12.49 11.72
C ILE A 75 8.13 12.08 10.34
N ALA A 76 9.45 12.15 10.10
CA ALA A 76 9.99 11.61 8.86
C ALA A 76 10.45 10.16 9.01
N GLN A 77 10.33 9.59 10.21
CA GLN A 77 10.68 8.19 10.39
C GLN A 77 9.81 7.26 9.57
N ASP A 78 8.51 7.54 9.51
CA ASP A 78 7.56 6.62 8.90
C ASP A 78 7.83 6.48 7.40
N PHE A 79 8.26 7.55 6.75
CA PHE A 79 8.30 7.55 5.28
C PHE A 79 9.58 6.89 4.77
N LYS A 80 10.71 7.17 5.40
CA LYS A 80 11.93 6.41 5.13
C LYS A 80 12.85 6.56 6.34
N THR A 81 13.45 5.45 6.76
CA THR A 81 14.34 5.47 7.91
C THR A 81 15.73 5.95 7.51
N ASP A 82 16.41 6.56 8.48
CA ASP A 82 17.78 7.06 8.31
C ASP A 82 17.87 8.08 7.19
N LEU A 83 17.10 9.15 7.33
CA LEU A 83 17.20 10.32 6.47
C LEU A 83 18.01 11.39 7.19
N ARG A 84 18.68 12.23 6.41
CA ARG A 84 19.50 13.31 6.93
C ARG A 84 19.09 14.62 6.27
N PHE A 85 18.82 15.62 7.09
CA PHE A 85 18.19 16.85 6.63
C PHE A 85 19.24 17.92 6.35
N GLN A 86 18.86 18.88 5.52
CA GLN A 86 19.63 20.10 5.34
C GLN A 86 19.27 21.08 6.42
N SER A 87 20.27 21.78 6.96
CA SER A 87 20.01 22.75 8.02
C SER A 87 19.22 23.93 7.50
N SER A 88 19.16 24.11 6.17
CA SER A 88 18.41 25.21 5.61
C SER A 88 17.02 24.78 5.15
N ALA A 89 16.85 23.49 4.89
CA ALA A 89 15.55 22.97 4.47
C ALA A 89 14.54 23.06 5.60
N VAL A 90 14.84 22.41 6.72
CA VAL A 90 13.92 22.34 7.85
C VAL A 90 13.42 23.72 8.25
N ALA A 92 13.08 26.46 6.42
CA ALA A 92 12.06 26.79 5.42
C ALA A 92 10.75 26.15 5.80
N LEU A 93 10.79 24.83 5.98
CA LEU A 93 9.59 24.08 6.32
C LEU A 93 8.87 24.72 7.49
N GLN A 94 9.57 24.87 8.62
CA GLN A 94 8.92 25.38 9.82
C GLN A 94 8.33 26.76 9.56
N GLU A 95 9.06 27.60 8.82
CA GLU A 95 8.54 28.91 8.49
C GLU A 95 7.15 28.79 7.88
N ALA A 96 7.05 28.05 6.78
CA ALA A 96 5.75 27.88 6.12
C ALA A 96 4.71 27.43 7.12
N SER A 97 5.05 26.43 7.94
CA SER A 97 4.08 25.87 8.87
C SER A 97 3.47 26.98 9.72
N GLU A 98 4.32 27.78 10.36
CA GLU A 98 3.78 28.76 11.30
C GLU A 98 2.89 29.75 10.57
N ALA A 99 3.29 30.15 9.36
CA ALA A 99 2.47 31.08 8.60
C ALA A 99 1.08 30.52 8.43
N TYR A 100 0.99 29.28 7.95
CA TYR A 100 -0.31 28.64 7.77
C TYR A 100 -1.10 28.70 9.07
N LEU A 101 -0.46 28.31 10.18
CA LEU A 101 -1.17 28.27 11.44
C LEU A 101 -1.72 29.65 11.78
N VAL A 102 -0.89 30.68 11.62
CA VAL A 102 -1.34 32.03 11.95
C VAL A 102 -2.62 32.36 11.18
N ALA A 103 -2.61 32.09 9.87
CA ALA A 103 -3.77 32.42 9.06
C ALA A 103 -5.00 31.71 9.60
N LEU A 104 -4.86 30.42 9.92
CA LEU A 104 -5.98 29.66 10.45
C LEU A 104 -6.61 30.38 11.63
N PHE A 105 -5.77 30.81 12.57
CA PHE A 105 -6.30 31.43 13.79
C PHE A 105 -7.14 32.65 13.45
N GLU A 106 -6.66 33.47 12.51
CA GLU A 106 -7.40 34.66 12.14
C GLU A 106 -8.79 34.27 11.68
N ASP A 107 -8.87 33.28 10.78
CA ASP A 107 -10.17 32.81 10.31
C ASP A 107 -11.01 32.34 11.48
N THR A 108 -10.41 31.56 12.38
CA THR A 108 -11.13 31.08 13.55
C THR A 108 -11.70 32.25 14.33
N ASN A 109 -10.90 33.30 14.52
CA ASN A 109 -11.35 34.46 15.26
C ASN A 109 -12.62 35.02 14.63
N LEU A 110 -12.63 35.13 13.31
CA LEU A 110 -13.80 35.66 12.62
C LEU A 110 -15.04 34.85 12.99
N CYS A 111 -14.92 33.52 12.94
CA CYS A 111 -16.05 32.67 13.27
C CYS A 111 -16.53 32.94 14.70
N ALA A 112 -15.60 33.13 15.63
CA ALA A 112 -15.99 33.43 17.00
C ALA A 112 -16.81 34.71 17.06
N ILE A 113 -16.38 35.75 16.32
CA ILE A 113 -17.11 37.00 16.33
C ILE A 113 -18.50 36.80 15.74
N HIS A 114 -18.65 35.82 14.85
CA HIS A 114 -19.97 35.55 14.30
C HIS A 114 -20.89 34.88 15.29
N ALA A 115 -20.36 34.20 16.31
CA ALA A 115 -21.18 33.55 17.31
C ALA A 115 -21.48 34.45 18.50
N LYS A 116 -21.15 35.75 18.40
CA LYS A 116 -21.43 36.73 19.45
C LYS A 116 -20.71 36.36 20.74
N ARG A 117 -19.40 36.11 20.65
CA ARG A 117 -18.59 35.89 21.84
C ARG A 117 -17.16 36.32 21.52
N VAL A 118 -16.28 36.12 22.50
CA VAL A 118 -14.91 36.61 22.40
C VAL A 118 -13.92 35.46 22.29
N THR A 119 -14.23 34.34 22.93
CA THR A 119 -13.24 33.29 23.11
C THR A 119 -13.06 32.48 21.84
N ILE A 120 -12.27 31.41 21.94
CA ILE A 120 -12.06 30.48 20.86
C ILE A 120 -12.33 29.06 21.36
N PRO A 122 -13.08 24.90 20.42
CA PRO A 122 -12.65 23.93 19.40
C PRO A 122 -13.62 23.78 18.22
N LYS A 123 -14.89 24.12 18.41
CA LYS A 123 -15.85 24.02 17.32
C LYS A 123 -15.54 25.03 16.21
N ASP A 124 -15.01 26.21 16.58
CA ASP A 124 -14.71 27.22 15.58
C ASP A 124 -13.62 26.76 14.61
N ILE A 125 -12.60 26.07 15.10
CA ILE A 125 -11.54 25.58 14.22
C ILE A 125 -12.10 24.56 13.26
N GLN A 126 -12.97 23.68 13.74
CA GLN A 126 -13.58 22.69 12.84
C GLN A 126 -14.44 23.37 11.79
N LEU A 127 -15.20 24.40 12.17
CA LEU A 127 -16.00 25.12 11.20
C LEU A 127 -15.14 25.80 10.14
N ALA A 128 -14.04 26.43 10.59
CA ALA A 128 -13.15 27.10 9.65
C ALA A 128 -12.52 26.10 8.70
N ARG A 129 -12.10 24.95 9.22
CA ARG A 129 -11.52 23.92 8.36
C ARG A 129 -12.52 23.41 7.35
N ARG A 130 -13.78 23.21 7.77
CA ARG A 130 -14.77 22.67 6.85
C ARG A 130 -15.13 23.68 5.75
N ILE A 131 -15.39 24.93 6.13
CA ILE A 131 -15.70 25.95 5.13
C ILE A 131 -14.52 26.23 4.22
N ARG A 132 -13.28 26.19 4.74
CA ARG A 132 -12.10 26.49 3.94
C ARG A 132 -11.96 25.54 2.75
N GLY A 133 -12.18 24.25 2.96
CA GLY A 133 -12.08 23.30 1.87
C GLY A 133 -11.11 22.17 2.13
N GLU A 134 -10.64 22.05 3.37
CA GLU A 134 -9.66 21.04 3.75
C GLU A 134 -10.23 20.15 4.87
N ARG A 135 -11.48 19.76 4.72
CA ARG A 135 -12.11 18.83 5.67
C ARG A 135 -11.33 17.52 5.75
N LYS B 21 12.17 4.27 15.80
CA LYS B 21 11.32 3.96 16.95
C LYS B 21 10.16 4.93 17.04
N VAL B 22 9.02 4.45 17.53
CA VAL B 22 7.80 5.23 17.66
C VAL B 22 7.43 5.29 19.14
N LEU B 23 7.44 6.49 19.70
CA LEU B 23 7.06 6.70 21.10
C LEU B 23 6.03 7.83 21.14
N ARG B 24 5.12 7.76 22.10
CA ARG B 24 4.01 8.70 22.18
C ARG B 24 4.47 10.13 22.47
N ASP B 25 5.71 10.32 22.88
CA ASP B 25 6.21 11.63 23.26
C ASP B 25 6.58 12.46 22.03
N ASN B 26 7.05 13.68 22.30
CA ASN B 26 7.64 14.60 21.34
C ASN B 26 6.58 15.24 20.44
N ILE B 27 5.33 14.79 20.58
CA ILE B 27 4.22 15.56 20.01
C ILE B 27 4.02 16.83 20.81
N GLN B 28 4.17 16.75 22.13
CA GLN B 28 3.93 17.85 23.05
C GLN B 28 5.10 18.82 23.14
N GLY B 29 6.09 18.67 22.27
CA GLY B 29 7.28 19.52 22.34
C GLY B 29 6.99 20.98 22.10
N ILE B 30 6.09 21.29 21.16
CA ILE B 30 5.71 22.67 20.86
C ILE B 30 4.74 23.11 21.95
N THR B 31 5.25 23.93 22.87
CA THR B 31 4.60 24.17 24.15
C THR B 31 3.34 25.01 23.99
N LYS B 32 2.68 25.24 25.11
CA LYS B 32 1.46 26.06 25.12
C LYS B 32 1.73 27.54 24.90
N PRO B 33 2.77 28.16 25.47
CA PRO B 33 3.04 29.56 25.14
C PRO B 33 3.32 29.80 23.66
N ALA B 34 3.83 28.81 22.93
CA ALA B 34 4.04 28.99 21.49
C ALA B 34 2.70 29.14 20.77
N ILE B 35 1.73 28.30 21.11
CA ILE B 35 0.38 28.45 20.56
C ILE B 35 -0.22 29.77 21.01
N ARG B 36 0.03 30.16 22.27
CA ARG B 36 -0.41 31.46 22.75
C ARG B 36 0.09 32.57 21.83
N ARG B 37 1.38 32.58 21.53
CA ARG B 37 1.97 33.66 20.75
C ARG B 37 1.49 33.63 19.31
N LEU B 38 1.34 32.44 18.73
CA LEU B 38 0.81 32.34 17.37
C LEU B 38 -0.62 32.87 17.31
N ALA B 39 -1.42 32.56 18.32
CA ALA B 39 -2.77 33.12 18.39
C ALA B 39 -2.74 34.63 18.52
N ARG B 40 -1.83 35.16 19.36
CA ARG B 40 -1.76 36.60 19.55
C ARG B 40 -1.41 37.32 18.25
N ARG B 41 -0.44 36.80 17.51
CA ARG B 41 -0.16 37.36 16.20
C ARG B 41 -1.34 37.16 15.25
N GLY B 42 -2.13 36.11 15.48
CA GLY B 42 -3.37 35.95 14.74
C GLY B 42 -4.41 37.00 15.11
N GLY B 43 -4.27 37.63 16.27
CA GLY B 43 -5.15 38.71 16.65
C GLY B 43 -6.33 38.31 17.51
N VAL B 44 -6.09 37.57 18.59
CA VAL B 44 -7.16 37.12 19.48
C VAL B 44 -6.79 37.46 20.92
N LYS B 45 -7.82 37.66 21.74
CA LYS B 45 -7.63 37.99 23.16
C LYS B 45 -7.95 36.80 24.05
N ARG B 46 -9.15 36.25 23.93
CA ARG B 46 -9.61 35.15 24.78
C ARG B 46 -9.51 33.86 23.98
N ILE B 47 -8.88 32.84 24.55
CA ILE B 47 -8.83 31.51 23.96
C ILE B 47 -9.09 30.49 25.05
N SER B 48 -10.00 29.55 24.79
CA SER B 48 -10.30 28.53 25.76
C SER B 48 -9.13 27.56 25.90
N GLY B 49 -9.11 26.84 27.03
CA GLY B 49 -7.97 26.03 27.39
C GLY B 49 -7.88 24.69 26.71
N LEU B 50 -8.85 24.32 25.87
CA LEU B 50 -8.86 23.02 25.21
C LEU B 50 -8.76 23.13 23.70
N ILE B 51 -8.04 24.12 23.19
CA ILE B 51 -7.83 24.26 21.76
C ILE B 51 -6.42 23.80 21.41
N TYR B 52 -5.57 23.65 22.42
CA TYR B 52 -4.17 23.31 22.17
C TYR B 52 -4.03 21.93 21.55
N GLU B 53 -4.82 20.96 22.02
CA GLU B 53 -4.66 19.58 21.56
C GLU B 53 -5.01 19.47 20.07
N GLU B 54 -6.12 20.07 19.66
CA GLU B 54 -6.46 19.96 18.25
C GLU B 54 -5.54 20.83 17.40
N THR B 55 -4.91 21.85 17.98
CA THR B 55 -3.87 22.57 17.26
C THR B 55 -2.67 21.67 17.01
N ARG B 56 -2.29 20.87 18.00
CA ARG B 56 -1.30 19.82 17.79
C ARG B 56 -1.70 18.94 16.62
N GLY B 57 -2.96 18.50 16.63
CA GLY B 57 -3.43 17.59 15.59
C GLY B 57 -3.37 18.19 14.20
N VAL B 58 -3.84 19.43 14.06
CA VAL B 58 -3.84 20.07 12.74
C VAL B 58 -2.42 20.36 12.27
N LEU B 59 -1.53 20.73 13.19
CA LEU B 59 -0.13 20.92 12.80
C LEU B 59 0.48 19.62 12.31
N LYS B 60 0.20 18.51 13.00
CA LYS B 60 0.73 17.21 12.59
C LYS B 60 0.21 16.81 11.22
N VAL B 61 -1.11 16.97 10.99
CA VAL B 61 -1.68 16.53 9.72
C VAL B 61 -1.22 17.43 8.59
N PHE B 62 -0.93 18.70 8.87
CA PHE B 62 -0.35 19.56 7.84
C PHE B 62 1.09 19.15 7.53
N LEU B 63 1.87 18.84 8.55
CA LEU B 63 3.27 18.47 8.33
C LEU B 63 3.39 17.17 7.55
N GLU B 64 2.48 16.23 7.79
CA GLU B 64 2.61 14.89 7.19
C GLU B 64 2.66 14.97 5.66
N ASN B 65 1.71 15.69 5.05
CA ASN B 65 1.63 15.72 3.59
C ASN B 65 2.87 16.35 2.97
N VAL B 66 3.31 17.49 3.52
CA VAL B 66 4.45 18.19 2.96
C VAL B 66 5.71 17.34 3.08
N ILE B 67 5.90 16.69 4.24
CA ILE B 67 7.09 15.87 4.39
C ILE B 67 7.04 14.64 3.49
N ARG B 68 5.85 14.07 3.29
CA ARG B 68 5.72 12.93 2.39
C ARG B 68 6.08 13.31 0.96
N ASP B 69 5.59 14.46 0.50
CA ASP B 69 5.92 14.89 -0.85
C ASP B 69 7.41 15.22 -0.98
N ALA B 70 7.98 15.82 0.05
CA ALA B 70 9.41 16.14 0.01
C ALA B 70 10.26 14.87 -0.07
N VAL B 71 9.92 13.85 0.73
CA VAL B 71 10.71 12.63 0.71
C VAL B 71 10.50 11.88 -0.60
N THR B 72 9.33 12.00 -1.21
CA THR B 72 9.14 11.41 -2.53
C THR B 72 10.04 12.09 -3.55
N TYR B 73 10.10 13.41 -3.54
CA TYR B 73 10.97 14.14 -4.46
C TYR B 73 12.43 13.77 -4.24
N THR B 74 12.85 13.61 -2.98
CA THR B 74 14.24 13.25 -2.73
C THR B 74 14.51 11.78 -3.04
N GLU B 75 13.49 10.93 -3.02
CA GLU B 75 13.68 9.53 -3.33
C GLU B 75 13.78 9.30 -4.82
N HIS B 76 13.08 10.11 -5.61
CA HIS B 76 13.19 9.95 -7.06
C HIS B 76 14.54 10.44 -7.57
N ALA B 77 15.25 11.25 -6.79
CA ALA B 77 16.51 11.83 -7.21
C ALA B 77 17.72 11.05 -6.72
N LYS B 78 17.52 9.90 -6.07
CA LYS B 78 18.58 8.99 -5.64
C LYS B 78 19.57 9.62 -4.67
N ARG B 79 19.09 10.36 -3.68
CA ARG B 79 19.87 10.69 -2.50
C ARG B 79 19.00 10.48 -1.27
N LYS B 80 19.64 10.41 -0.11
CA LYS B 80 18.91 10.31 1.16
C LYS B 80 19.04 11.59 1.97
N THR B 81 19.08 12.74 1.32
CA THR B 81 19.00 14.04 1.96
C THR B 81 18.06 14.93 1.17
N VAL B 82 17.22 15.68 1.88
CA VAL B 82 16.29 16.61 1.26
C VAL B 82 16.90 18.01 1.31
N THR B 83 16.86 18.71 0.20
CA THR B 83 17.42 20.05 0.15
C THR B 83 16.32 21.05 0.53
N ALA B 84 16.65 22.33 0.47
CA ALA B 84 15.64 23.37 0.67
C ALA B 84 14.80 23.61 -0.56
N MET B 85 15.09 22.91 -1.65
CA MET B 85 14.32 23.09 -2.88
C MET B 85 13.23 22.03 -3.00
N ASP B 86 13.45 20.85 -2.42
CA ASP B 86 12.39 19.85 -2.42
C ASP B 86 11.20 20.30 -1.59
N VAL B 87 11.44 20.95 -0.46
CA VAL B 87 10.36 21.41 0.40
C VAL B 87 9.52 22.45 -0.32
N VAL B 88 10.17 23.42 -0.97
CA VAL B 88 9.42 24.46 -1.67
C VAL B 88 8.73 23.88 -2.90
N TYR B 89 9.34 22.91 -3.57
CA TYR B 89 8.66 22.23 -4.67
C TYR B 89 7.39 21.55 -4.20
N ALA B 90 7.46 20.84 -3.07
CA ALA B 90 6.28 20.17 -2.53
C ALA B 90 5.21 21.17 -2.12
N LEU B 91 5.61 22.27 -1.48
CA LEU B 91 4.66 23.29 -1.08
C LEU B 91 3.98 23.91 -2.29
N LYS B 92 4.75 24.23 -3.32
CA LYS B 92 4.17 24.77 -4.55
C LYS B 92 3.22 23.78 -5.20
N ARG B 93 3.54 22.48 -5.14
CA ARG B 93 2.61 21.47 -5.62
C ARG B 93 1.31 21.49 -4.83
N GLN B 94 1.40 21.67 -3.51
CA GLN B 94 0.19 21.70 -2.69
C GLN B 94 -0.69 22.90 -3.03
N GLY B 95 -0.09 24.07 -3.23
CA GLY B 95 -0.85 25.26 -3.52
C GLY B 95 -0.35 26.49 -2.80
N ARG B 96 0.61 26.32 -1.90
CA ARG B 96 1.19 27.42 -1.14
C ARG B 96 2.65 27.58 -1.58
N THR B 97 3.00 28.77 -2.05
CA THR B 97 4.34 29.00 -2.56
C THR B 97 5.21 29.66 -1.49
N LEU B 98 6.52 29.49 -1.63
CA LEU B 98 7.49 30.11 -0.75
C LEU B 98 8.42 31.02 -1.53
N TYR B 99 8.70 32.18 -0.94
CA TYR B 99 9.62 33.15 -1.52
C TYR B 99 10.71 33.44 -0.49
N GLY B 100 11.96 33.19 -0.87
CA GLY B 100 13.07 33.45 0.03
C GLY B 100 14.06 32.31 0.15
N PHE B 101 13.80 31.19 -0.52
CA PHE B 101 14.65 30.02 -0.35
C PHE B 101 15.16 29.42 -1.64
N GLY B 102 15.15 30.15 -2.76
CA GLY B 102 15.70 29.63 -3.99
C GLY B 102 14.80 29.84 -5.20
N LYS C 16 2.39 -3.31 -36.93
CA LYS C 16 1.96 -4.41 -36.08
C LYS C 16 1.38 -3.88 -34.78
N THR C 17 0.42 -4.62 -34.21
CA THR C 17 -0.26 -4.18 -33.00
C THR C 17 0.70 -4.20 -31.81
N ARG C 18 0.42 -3.30 -30.86
CA ARG C 18 1.25 -3.15 -29.67
C ARG C 18 0.46 -3.15 -28.37
N SER C 19 -0.84 -2.83 -28.40
CA SER C 19 -1.63 -2.89 -27.18
C SER C 19 -1.96 -4.33 -26.80
N SER C 20 -2.17 -5.19 -27.79
CA SER C 20 -2.37 -6.62 -27.51
C SER C 20 -1.11 -7.28 -26.96
N ARG C 21 0.06 -6.68 -27.16
CA ARG C 21 1.28 -7.21 -26.58
C ARG C 21 1.22 -7.23 -25.05
N ALA C 22 0.57 -6.24 -24.46
CA ALA C 22 0.47 -6.13 -23.01
C ALA C 22 -0.89 -6.51 -22.46
N GLY C 23 -1.88 -6.75 -23.32
CA GLY C 23 -3.20 -7.12 -22.85
C GLY C 23 -4.10 -5.95 -22.51
N LEU C 24 -3.66 -4.73 -22.74
CA LEU C 24 -4.49 -3.56 -22.46
C LEU C 24 -5.57 -3.42 -23.53
N GLN C 25 -6.41 -2.40 -23.39
CA GLN C 25 -7.41 -2.09 -24.40
C GLN C 25 -7.34 -0.66 -24.90
N PHE C 26 -6.92 0.28 -24.06
CA PHE C 26 -6.60 1.61 -24.58
C PHE C 26 -5.39 1.51 -25.52
N PRO C 27 -5.38 2.27 -26.60
CA PRO C 27 -4.28 2.15 -27.56
C PRO C 27 -2.97 2.61 -26.96
N VAL C 28 -1.88 2.02 -27.43
CA VAL C 28 -0.55 2.37 -26.97
C VAL C 28 0.19 3.22 -28.00
N GLY C 29 -0.03 2.95 -29.29
CA GLY C 29 0.52 3.83 -30.31
C GLY C 29 -0.10 5.20 -30.28
N ARG C 30 -1.40 5.28 -30.02
CA ARG C 30 -2.08 6.56 -29.94
C ARG C 30 -1.59 7.38 -28.75
N VAL C 31 -1.44 6.74 -27.59
CA VAL C 31 -0.92 7.44 -26.41
C VAL C 31 0.51 7.88 -26.66
N HIS C 32 1.30 7.04 -27.32
CA HIS C 32 2.68 7.41 -27.62
C HIS C 32 2.73 8.63 -28.53
N ARG C 33 1.88 8.64 -29.57
CA ARG C 33 1.82 9.80 -30.46
C ARG C 33 1.37 11.05 -29.72
N LEU C 34 0.35 10.91 -28.87
CA LEU C 34 -0.18 12.07 -28.16
C LEU C 34 0.80 12.62 -27.15
N LEU C 35 1.60 11.75 -26.53
CA LEU C 35 2.64 12.20 -25.61
C LEU C 35 3.81 12.81 -26.36
N ARG C 36 4.09 12.33 -27.58
CA ARG C 36 5.22 12.84 -28.34
C ARG C 36 4.95 14.26 -28.84
N LYS C 37 3.77 14.50 -29.42
CA LYS C 37 3.47 15.76 -30.07
C LYS C 37 3.00 16.84 -29.09
N GLY C 38 2.77 16.50 -27.83
CA GLY C 38 2.35 17.48 -26.85
C GLY C 38 3.48 18.27 -26.21
N ASN C 39 4.72 18.07 -26.67
CA ASN C 39 5.91 18.75 -26.16
C ASN C 39 5.95 18.77 -24.63
N TYR C 40 5.91 17.59 -24.02
CA TYR C 40 6.15 17.50 -22.58
C TYR C 40 7.65 17.35 -22.30
N ALA C 41 8.40 16.77 -23.23
CA ALA C 41 9.84 16.69 -23.13
C ALA C 41 10.39 16.51 -24.55
N GLU C 42 11.71 16.56 -24.68
CA GLU C 42 12.36 16.45 -25.97
C GLU C 42 12.54 15.02 -26.45
N ARG C 43 12.61 14.05 -25.54
CA ARG C 43 12.90 12.67 -25.89
C ARG C 43 12.16 11.75 -24.94
N VAL C 44 11.09 11.12 -25.42
CA VAL C 44 10.26 10.26 -24.58
C VAL C 44 10.77 8.82 -24.67
N GLY C 45 10.45 8.05 -23.63
CA GLY C 45 10.89 6.67 -23.53
C GLY C 45 9.98 5.71 -24.26
N ALA C 46 10.16 4.43 -23.95
CA ALA C 46 9.37 3.37 -24.59
C ALA C 46 8.39 2.70 -23.64
N GLY C 47 8.62 2.78 -22.33
CA GLY C 47 7.68 2.19 -21.37
C GLY C 47 6.66 3.16 -20.81
N ALA C 48 6.87 4.45 -21.03
CA ALA C 48 5.89 5.44 -20.57
C ALA C 48 4.52 5.25 -21.20
N PRO C 49 4.38 5.06 -22.52
CA PRO C 49 3.03 4.87 -23.07
C PRO C 49 2.29 3.67 -22.49
N VAL C 50 2.95 2.53 -22.33
CA VAL C 50 2.26 1.35 -21.81
C VAL C 50 1.92 1.53 -20.34
N TYR C 51 2.84 2.09 -19.55
CA TYR C 51 2.53 2.38 -18.16
C TYR C 51 1.31 3.29 -18.04
N LEU C 52 1.30 4.38 -18.81
CA LEU C 52 0.21 5.35 -18.69
C LEU C 52 -1.11 4.76 -19.19
N ALA C 53 -1.05 3.95 -20.24
CA ALA C 53 -2.26 3.29 -20.73
C ALA C 53 -2.81 2.33 -19.68
N ALA C 54 -1.93 1.61 -18.98
CA ALA C 54 -2.39 0.71 -17.91
C ALA C 54 -3.05 1.50 -16.77
N VAL C 55 -2.45 2.63 -16.40
CA VAL C 55 -3.03 3.43 -15.34
C VAL C 55 -4.41 3.94 -15.74
N LEU C 56 -4.53 4.43 -16.98
CA LEU C 56 -5.82 4.89 -17.47
C LEU C 56 -6.84 3.76 -17.49
N GLU C 57 -6.41 2.56 -17.91
CA GLU C 57 -7.27 1.39 -17.87
C GLU C 57 -7.82 1.15 -16.48
N TYR C 58 -6.94 1.11 -15.48
CA TYR C 58 -7.39 0.79 -14.13
C TYR C 58 -8.35 1.84 -13.61
N LEU C 59 -8.04 3.13 -13.85
CA LEU C 59 -8.91 4.19 -13.35
C LEU C 59 -10.27 4.16 -14.03
N THR C 60 -10.31 4.00 -15.35
CA THR C 60 -11.60 4.02 -16.04
C THR C 60 -12.44 2.80 -15.68
N ALA C 61 -11.82 1.63 -15.53
CA ALA C 61 -12.57 0.46 -15.10
C ALA C 61 -13.09 0.62 -13.68
N GLU C 62 -12.27 1.21 -12.81
CA GLU C 62 -12.69 1.47 -11.44
C GLU C 62 -13.93 2.37 -11.41
N ILE C 63 -13.96 3.40 -12.26
CA ILE C 63 -15.13 4.27 -12.31
C ILE C 63 -16.33 3.52 -12.88
N LEU C 64 -16.15 2.79 -13.99
CA LEU C 64 -17.27 2.13 -14.66
C LEU C 64 -17.88 1.04 -13.78
N GLU C 65 -17.12 0.44 -12.87
CA GLU C 65 -17.69 -0.59 -12.01
C GLU C 65 -18.86 -0.04 -11.19
N LEU C 66 -18.59 1.00 -10.38
CA LEU C 66 -19.67 1.58 -9.59
C LEU C 66 -20.67 2.32 -10.45
N ALA C 67 -20.26 2.84 -11.61
CA ALA C 67 -21.23 3.42 -12.52
C ALA C 67 -22.27 2.39 -12.95
N GLY C 68 -21.82 1.20 -13.33
CA GLY C 68 -22.73 0.15 -13.72
C GLY C 68 -23.57 -0.36 -12.56
N ASN C 69 -22.99 -0.42 -11.37
CA ASN C 69 -23.76 -0.83 -10.19
C ASN C 69 -24.89 0.16 -9.93
N ALA C 70 -24.58 1.46 -9.98
CA ALA C 70 -25.63 2.45 -9.78
C ALA C 70 -26.65 2.44 -10.90
N ALA C 71 -26.23 2.09 -12.12
CA ALA C 71 -27.19 1.90 -13.21
C ALA C 71 -28.13 0.74 -12.89
N ARG C 72 -27.57 -0.35 -12.38
CA ARG C 72 -28.34 -1.47 -11.87
C ARG C 72 -29.36 -1.03 -10.83
N ASP C 73 -29.03 -0.03 -10.00
CA ASP C 73 -30.02 0.51 -9.08
C ASP C 73 -31.22 1.06 -9.84
N ASN C 74 -30.97 1.74 -10.95
CA ASN C 74 -32.04 2.32 -11.78
C ASN C 74 -32.47 1.42 -12.93
N LYS C 75 -31.85 0.25 -13.06
CA LYS C 75 -32.27 -0.77 -14.04
C LYS C 75 -32.10 -0.30 -15.48
N LYS C 76 -31.55 0.89 -15.69
CA LYS C 76 -31.35 1.45 -17.02
C LYS C 76 -30.15 0.79 -17.67
N THR C 77 -30.36 0.21 -18.85
CA THR C 77 -29.24 -0.34 -19.62
C THR C 77 -28.19 0.73 -19.85
N ARG C 78 -28.60 1.90 -20.32
CA ARG C 78 -27.69 3.03 -20.43
C ARG C 78 -27.41 3.60 -19.04
N ILE C 79 -26.18 4.08 -18.85
CA ILE C 79 -25.78 4.68 -17.58
C ILE C 79 -25.88 6.20 -17.71
N ILE C 80 -26.86 6.80 -17.04
CA ILE C 80 -27.09 8.23 -17.11
C ILE C 80 -26.06 8.94 -16.23
N PRO C 81 -25.82 10.25 -16.42
CA PRO C 81 -24.75 10.92 -15.66
C PRO C 81 -24.97 10.93 -14.16
N ARG C 82 -26.22 10.91 -13.68
CA ARG C 82 -26.42 10.97 -12.24
C ARG C 82 -25.85 9.73 -11.56
N HIS C 83 -25.80 8.60 -12.26
CA HIS C 83 -25.12 7.43 -11.73
C HIS C 83 -23.64 7.69 -11.55
N LEU C 84 -23.01 8.37 -12.52
CA LEU C 84 -21.61 8.74 -12.38
C LEU C 84 -21.41 9.66 -11.19
N GLN C 85 -22.29 10.65 -11.03
CA GLN C 85 -22.17 11.58 -9.92
C GLN C 85 -22.30 10.84 -8.57
N LEU C 86 -23.27 9.94 -8.47
CA LEU C 86 -23.45 9.18 -7.24
C LEU C 86 -22.24 8.31 -6.95
N ALA C 87 -21.72 7.63 -7.98
CA ALA C 87 -20.56 6.77 -7.78
C ALA C 87 -19.34 7.56 -7.31
N VAL C 88 -19.11 8.74 -7.92
CA VAL C 88 -17.94 9.53 -7.53
C VAL C 88 -18.12 10.12 -6.14
N ARG C 89 -19.29 10.69 -5.86
CA ARG C 89 -19.45 11.44 -4.60
C ARG C 89 -19.60 10.51 -3.41
N ASN C 90 -20.14 9.31 -3.62
CA ASN C 90 -20.37 8.41 -2.50
C ASN C 90 -19.07 7.81 -2.01
N ASP C 91 -18.14 7.51 -2.91
CA ASP C 91 -16.82 7.02 -2.53
C ASP C 91 -15.99 8.18 -1.96
N GLU C 92 -14.90 7.82 -1.27
CA GLU C 92 -14.05 8.81 -0.62
C GLU C 92 -12.75 9.07 -1.35
N GLU C 93 -12.10 8.03 -1.87
CA GLU C 93 -10.88 8.23 -2.64
C GLU C 93 -11.14 9.02 -3.92
N LEU C 94 -12.22 8.68 -4.64
CA LEU C 94 -12.56 9.41 -5.85
C LEU C 94 -13.07 10.80 -5.52
N ASN C 95 -13.64 10.99 -4.32
CA ASN C 95 -13.90 12.34 -3.83
C ASN C 95 -12.61 13.13 -3.70
N LYS C 96 -11.60 12.55 -3.06
CA LYS C 96 -10.31 13.24 -2.93
C LYS C 96 -9.68 13.50 -4.29
N LEU C 97 -9.98 12.66 -5.28
CA LEU C 97 -9.40 12.90 -6.60
C LEU C 97 -10.15 13.97 -7.37
N LEU C 98 -11.45 13.79 -7.62
CA LEU C 98 -12.27 14.80 -8.28
C LEU C 98 -13.02 15.65 -7.26
N GLY C 99 -12.26 16.45 -6.52
CA GLY C 99 -12.85 17.32 -5.51
C GLY C 99 -13.31 18.64 -6.09
N ARG C 100 -12.39 19.37 -6.72
CA ARG C 100 -12.72 20.64 -7.37
C ARG C 100 -13.15 20.35 -8.82
N VAL C 101 -14.31 19.71 -8.93
CA VAL C 101 -14.83 19.19 -10.19
C VAL C 101 -16.35 19.18 -10.12
N THR C 102 -17.00 19.63 -11.19
CA THR C 102 -18.45 19.54 -11.31
C THR C 102 -18.81 18.69 -12.52
N ILE C 103 -19.89 17.93 -12.39
CA ILE C 103 -20.35 17.01 -13.42
C ILE C 103 -21.67 17.51 -13.97
N ALA C 104 -21.71 17.78 -15.27
CA ALA C 104 -22.89 18.35 -15.88
C ALA C 104 -24.06 17.38 -15.80
N GLN C 105 -25.24 17.92 -15.48
CA GLN C 105 -26.51 17.20 -15.47
C GLN C 105 -26.55 16.10 -14.42
N GLY C 106 -25.64 16.11 -13.44
CA GLY C 106 -25.51 14.98 -12.55
C GLY C 106 -26.26 15.14 -11.24
N GLY C 107 -26.74 16.34 -10.95
CA GLY C 107 -27.47 16.57 -9.72
C GLY C 107 -26.56 16.58 -8.50
N VAL C 108 -27.19 16.39 -7.34
CA VAL C 108 -26.51 16.45 -6.06
C VAL C 108 -26.77 15.17 -5.29
N LEU C 109 -25.94 14.90 -4.29
CA LEU C 109 -26.11 13.73 -3.45
C LEU C 109 -27.01 14.08 -2.26
N PRO C 110 -28.03 13.26 -2.01
CA PRO C 110 -29.00 13.59 -0.96
C PRO C 110 -28.36 13.78 0.41
N ASN C 111 -28.79 14.83 1.10
CA ASN C 111 -28.33 15.10 2.46
C ASN C 111 -29.23 16.17 3.08
N ILE C 112 -29.60 15.96 4.34
CA ILE C 112 -30.44 16.89 5.09
C ILE C 112 -29.85 17.00 6.49
N GLN C 113 -29.77 18.23 7.01
CA GLN C 113 -29.05 18.48 8.24
C GLN C 113 -29.72 17.78 9.42
N SER C 114 -28.91 17.33 10.38
CA SER C 114 -29.43 16.56 11.51
C SER C 114 -30.26 17.44 12.43
N VAL C 115 -29.75 18.62 12.78
CA VAL C 115 -30.50 19.55 13.62
C VAL C 115 -31.79 20.01 12.94
N LEU C 116 -31.75 20.21 11.63
CA LEU C 116 -32.89 20.75 10.88
C LEU C 116 -33.80 19.61 10.43
N LEU C 117 -34.33 18.89 11.43
CA LEU C 117 -35.24 17.77 11.19
C LEU C 117 -36.53 18.01 11.96
N PRO C 118 -37.54 18.62 11.34
CA PRO C 118 -38.81 18.85 12.03
C PRO C 118 -39.50 17.53 12.34
N LYS C 119 -39.93 17.40 13.60
CA LYS C 119 -40.59 16.19 14.05
C LYS C 119 -41.54 16.54 15.18
N LYS C 120 -42.55 15.68 15.35
CA LYS C 120 -43.55 15.86 16.40
C LYS C 120 -44.13 14.51 16.76
N THR C 121 -44.98 14.50 17.77
CA THR C 121 -45.65 13.27 18.21
C THR C 121 -46.76 12.87 17.26
N ARG D 27 -15.92 22.68 -44.47
CA ARG D 27 -15.53 22.58 -45.88
C ARG D 27 -14.84 21.24 -46.16
N ARG D 28 -13.51 21.27 -46.14
CA ARG D 28 -12.70 20.07 -46.33
C ARG D 28 -12.65 19.34 -44.99
N LYS D 29 -13.11 18.10 -44.98
CA LYS D 29 -13.41 17.40 -43.73
C LYS D 29 -12.14 17.13 -42.93
N THR D 30 -12.31 17.10 -41.61
CA THR D 30 -11.23 16.84 -40.67
C THR D 30 -11.62 15.68 -39.77
N ARG D 31 -10.62 15.14 -39.07
CA ARG D 31 -10.76 13.91 -38.29
C ARG D 31 -10.41 14.19 -36.84
N LYS D 32 -11.21 13.65 -35.91
CA LYS D 32 -11.01 13.86 -34.49
C LYS D 32 -11.11 12.52 -33.76
N GLU D 33 -10.25 12.34 -32.76
CA GLU D 33 -10.14 11.11 -32.00
C GLU D 33 -10.78 11.27 -30.64
N SER D 34 -11.52 10.25 -30.21
CA SER D 34 -12.07 10.18 -28.87
C SER D 34 -11.93 8.76 -28.34
N TYR D 35 -11.89 8.64 -27.01
CA TYR D 35 -11.80 7.34 -26.35
C TYR D 35 -13.18 6.72 -26.20
N ALA D 36 -13.79 6.37 -27.33
CA ALA D 36 -15.15 5.86 -27.34
C ALA D 36 -15.21 4.34 -27.33
N ILE D 37 -14.71 3.73 -28.41
CA ILE D 37 -14.79 2.28 -28.55
C ILE D 37 -14.05 1.59 -27.41
N TYR D 38 -12.99 2.23 -26.89
CA TYR D 38 -12.16 1.57 -25.90
C TYR D 38 -12.85 1.45 -24.55
N VAL D 39 -13.46 2.54 -24.08
CA VAL D 39 -14.22 2.47 -22.84
C VAL D 39 -15.50 1.67 -23.04
N TYR D 40 -16.03 1.66 -24.27
CA TYR D 40 -17.13 0.74 -24.54
C TYR D 40 -16.70 -0.71 -24.34
N LYS D 41 -15.52 -1.08 -24.84
CA LYS D 41 -15.01 -2.43 -24.63
C LYS D 41 -14.80 -2.71 -23.15
N VAL D 42 -14.27 -1.74 -22.41
CA VAL D 42 -14.04 -1.94 -20.98
C VAL D 42 -15.36 -2.18 -20.25
N LEU D 43 -16.37 -1.37 -20.56
CA LEU D 43 -17.68 -1.54 -19.91
C LEU D 43 -18.30 -2.88 -20.27
N LYS D 44 -18.19 -3.29 -21.54
CA LYS D 44 -18.73 -4.58 -21.95
C LYS D 44 -18.01 -5.72 -21.25
N GLN D 45 -16.69 -5.61 -21.10
CA GLN D 45 -15.93 -6.64 -20.39
C GLN D 45 -16.30 -6.71 -18.93
N VAL D 46 -16.53 -5.58 -18.28
CA VAL D 46 -16.87 -5.58 -16.86
C VAL D 46 -18.33 -5.99 -16.67
N HIS D 47 -19.23 -5.39 -17.45
CA HIS D 47 -20.67 -5.67 -17.35
C HIS D 47 -21.23 -5.85 -18.75
N PRO D 48 -21.36 -7.10 -19.20
CA PRO D 48 -21.88 -7.32 -20.57
C PRO D 48 -23.39 -7.33 -20.64
N ASP D 49 -24.05 -6.36 -19.98
CA ASP D 49 -25.49 -6.21 -20.09
C ASP D 49 -25.97 -4.77 -20.07
N THR D 50 -25.08 -3.79 -20.02
CA THR D 50 -25.47 -2.39 -19.85
C THR D 50 -24.89 -1.54 -20.98
N GLY D 51 -25.61 -0.49 -21.36
CA GLY D 51 -25.15 0.41 -22.38
C GLY D 51 -24.66 1.74 -21.82
N ILE D 52 -24.56 2.72 -22.71
CA ILE D 52 -24.05 4.04 -22.36
C ILE D 52 -24.72 5.08 -23.25
N SER D 53 -24.76 6.32 -22.75
CA SER D 53 -25.36 7.43 -23.46
C SER D 53 -24.28 8.34 -24.06
N SER D 54 -24.70 9.23 -24.95
CA SER D 54 -23.73 10.12 -25.59
C SER D 54 -23.16 11.14 -24.60
N LYS D 55 -23.96 11.60 -23.64
CA LYS D 55 -23.43 12.53 -22.65
C LYS D 55 -22.55 11.81 -21.63
N ALA D 56 -22.89 10.57 -21.28
CA ALA D 56 -21.97 9.76 -20.50
C ALA D 56 -20.69 9.48 -21.29
N MET D 57 -20.82 9.32 -22.61
CA MET D 57 -19.64 9.13 -23.45
C MET D 57 -18.74 10.36 -23.40
N SER D 58 -19.34 11.54 -23.49
CA SER D 58 -18.57 12.77 -23.44
C SER D 58 -17.93 12.97 -22.08
N ILE D 59 -18.65 12.64 -21.01
CA ILE D 59 -18.09 12.80 -19.68
C ILE D 59 -16.92 11.85 -19.46
N MET D 60 -17.00 10.63 -20.00
CA MET D 60 -15.89 9.70 -19.82
C MET D 60 -14.69 10.11 -20.66
N ASN D 61 -14.93 10.60 -21.87
CA ASN D 61 -13.85 11.11 -22.70
C ASN D 61 -13.14 12.28 -22.02
N SER D 62 -13.92 13.22 -21.47
CA SER D 62 -13.31 14.36 -20.79
C SER D 62 -12.55 13.93 -19.55
N PHE D 63 -13.08 12.94 -18.81
CA PHE D 63 -12.36 12.38 -17.66
C PHE D 63 -11.01 11.83 -18.07
N VAL D 64 -10.98 11.02 -19.13
CA VAL D 64 -9.71 10.44 -19.57
C VAL D 64 -8.74 11.53 -20.00
N ASN D 65 -9.22 12.52 -20.76
CA ASN D 65 -8.34 13.59 -21.21
C ASN D 65 -7.77 14.38 -20.02
N ASP D 66 -8.61 14.67 -19.03
CA ASP D 66 -8.16 15.40 -17.85
C ASP D 66 -7.07 14.64 -17.12
N VAL D 67 -7.30 13.34 -16.86
CA VAL D 67 -6.31 12.58 -16.10
C VAL D 67 -5.02 12.46 -16.90
N PHE D 68 -5.12 12.24 -18.21
CA PHE D 68 -3.93 12.16 -19.06
C PHE D 68 -3.12 13.44 -18.99
N GLU D 69 -3.79 14.58 -19.13
CA GLU D 69 -3.09 15.86 -19.09
C GLU D 69 -2.42 16.10 -17.74
N ARG D 70 -3.13 15.79 -16.66
CA ARG D 70 -2.57 15.99 -15.33
C ARG D 70 -1.29 15.18 -15.14
N ILE D 71 -1.36 13.87 -15.44
CA ILE D 71 -0.20 13.01 -15.20
C ILE D 71 0.95 13.38 -16.12
N ALA D 72 0.67 13.67 -17.39
CA ALA D 72 1.74 14.03 -18.31
C ALA D 72 2.42 15.32 -17.91
N GLY D 73 1.64 16.32 -17.48
CA GLY D 73 2.24 17.56 -17.04
C GLY D 73 3.10 17.38 -15.79
N GLU D 74 2.62 16.59 -14.83
CA GLU D 74 3.44 16.35 -13.64
C GLU D 74 4.73 15.64 -13.99
N ALA D 75 4.66 14.65 -14.90
CA ALA D 75 5.88 13.95 -15.30
C ALA D 75 6.86 14.88 -16.00
N SER D 76 6.34 15.77 -16.87
CA SER D 76 7.23 16.70 -17.56
C SER D 76 7.92 17.64 -16.59
N ARG D 77 7.17 18.18 -15.62
CA ARG D 77 7.79 19.08 -14.66
C ARG D 77 8.80 18.36 -13.79
N LEU D 78 8.53 17.10 -13.42
CA LEU D 78 9.50 16.33 -12.64
C LEU D 78 10.77 16.09 -13.44
N ALA D 79 10.64 15.72 -14.71
CA ALA D 79 11.82 15.50 -15.54
C ALA D 79 12.64 16.77 -15.69
N HIS D 80 11.97 17.90 -15.88
CA HIS D 80 12.70 19.17 -15.98
C HIS D 80 13.40 19.52 -14.67
N TYR D 81 12.72 19.31 -13.54
CA TYR D 81 13.32 19.64 -12.25
C TYR D 81 14.56 18.81 -11.97
N ASN D 82 14.54 17.52 -12.28
CA ASN D 82 15.66 16.64 -11.98
C ASN D 82 16.74 16.69 -13.05
N LYS D 83 16.75 17.73 -13.89
CA LYS D 83 17.79 17.98 -14.88
C LYS D 83 17.91 16.87 -15.92
N ARG D 84 16.86 16.06 -16.08
CA ARG D 84 16.85 14.98 -17.05
C ARG D 84 16.04 15.43 -18.27
N SER D 85 16.49 15.03 -19.45
CA SER D 85 15.82 15.38 -20.70
C SER D 85 14.92 14.28 -21.23
N THR D 86 14.80 13.16 -20.52
CA THR D 86 14.05 12.01 -21.00
C THR D 86 12.88 11.73 -20.06
N ILE D 87 11.80 11.21 -20.65
CA ILE D 87 10.64 10.75 -19.90
C ILE D 87 10.75 9.23 -19.82
N THR D 88 11.33 8.75 -18.73
CA THR D 88 11.47 7.31 -18.51
C THR D 88 10.15 6.81 -17.93
N SER D 89 10.10 5.55 -17.50
CA SER D 89 8.89 5.04 -16.87
C SER D 89 8.91 5.19 -15.36
N ARG D 90 10.08 5.46 -14.78
CA ARG D 90 10.15 5.75 -13.36
C ARG D 90 9.46 7.07 -13.03
N GLU D 91 9.61 8.06 -13.91
CA GLU D 91 9.03 9.38 -13.64
C GLU D 91 7.52 9.32 -13.63
N ILE D 92 6.92 8.51 -14.51
CA ILE D 92 5.47 8.39 -14.52
C ILE D 92 4.98 7.70 -13.25
N GLN D 93 5.72 6.74 -12.74
CA GLN D 93 5.30 6.10 -11.49
C GLN D 93 5.46 7.03 -10.31
N THR D 94 6.48 7.90 -10.32
CA THR D 94 6.57 8.92 -9.29
C THR D 94 5.42 9.91 -9.41
N ALA D 95 5.01 10.23 -10.64
CA ALA D 95 3.88 11.12 -10.84
C ALA D 95 2.59 10.54 -10.29
N VAL D 96 2.34 9.25 -10.53
CA VAL D 96 1.11 8.65 -10.00
C VAL D 96 1.21 8.40 -8.49
N ARG D 97 2.42 8.33 -7.94
CA ARG D 97 2.53 8.29 -6.48
C ARG D 97 2.23 9.65 -5.87
N LEU D 98 2.69 10.73 -6.52
CA LEU D 98 2.44 12.08 -6.01
C LEU D 98 0.99 12.49 -6.21
N LEU D 99 0.33 11.92 -7.22
CA LEU D 99 -0.95 12.46 -7.65
C LEU D 99 -2.12 11.67 -7.07
N LEU D 100 -2.11 10.35 -7.23
CA LEU D 100 -3.23 9.52 -6.79
C LEU D 100 -3.18 9.33 -5.28
N PRO D 101 -4.32 9.34 -4.59
CA PRO D 101 -4.31 9.22 -3.13
C PRO D 101 -4.51 7.78 -2.65
N GLY D 102 -3.77 7.44 -1.59
CA GLY D 102 -3.97 6.21 -0.86
C GLY D 102 -3.74 4.94 -1.68
N GLU D 103 -4.56 3.93 -1.34
CA GLU D 103 -4.47 2.60 -1.93
C GLU D 103 -4.69 2.62 -3.44
N LEU D 104 -5.32 3.67 -3.96
CA LEU D 104 -5.48 3.80 -5.41
C LEU D 104 -4.13 3.90 -6.10
N ALA D 105 -3.18 4.60 -5.48
CA ALA D 105 -1.83 4.68 -6.03
C ALA D 105 -1.17 3.32 -6.05
N LYS D 106 -1.33 2.53 -4.98
CA LYS D 106 -0.75 1.19 -4.95
C LYS D 106 -1.33 0.31 -6.04
N HIS D 107 -2.65 0.33 -6.22
CA HIS D 107 -3.25 -0.48 -7.26
C HIS D 107 -2.77 -0.04 -8.65
N ALA D 108 -2.70 1.28 -8.87
CA ALA D 108 -2.28 1.77 -10.18
C ALA D 108 -0.83 1.41 -10.48
N VAL D 109 0.07 1.54 -9.49
CA VAL D 109 1.46 1.21 -9.74
C VAL D 109 1.63 -0.29 -9.96
N SER D 110 0.86 -1.11 -9.24
CA SER D 110 0.92 -2.55 -9.48
C SER D 110 0.47 -2.88 -10.90
N GLU D 111 -0.64 -2.28 -11.35
CA GLU D 111 -1.11 -2.55 -12.71
C GLU D 111 -0.11 -2.09 -13.75
N GLY D 112 0.50 -0.92 -13.55
CA GLY D 112 1.49 -0.44 -14.50
C GLY D 112 2.71 -1.33 -14.57
N THR D 113 3.22 -1.76 -13.42
CA THR D 113 4.38 -2.65 -13.40
C THR D 113 4.04 -3.98 -14.08
N LYS D 114 2.84 -4.52 -13.81
CA LYS D 114 2.44 -5.75 -14.47
C LYS D 114 2.39 -5.57 -15.98
N ALA D 115 1.83 -4.45 -16.44
CA ALA D 115 1.70 -4.23 -17.88
C ALA D 115 3.06 -4.09 -18.56
N VAL D 116 3.97 -3.33 -17.94
CA VAL D 116 5.28 -3.15 -18.56
C VAL D 116 6.08 -4.45 -18.55
N THR D 117 5.98 -5.22 -17.46
CA THR D 117 6.68 -6.50 -17.40
C THR D 117 6.13 -7.47 -18.45
N CYS D 118 4.82 -7.51 -18.62
CA CYS D 118 4.23 -8.34 -19.65
C CYS D 118 4.60 -7.89 -21.05
N TYR D 119 4.74 -6.58 -21.28
CA TYR D 119 5.04 -6.08 -22.61
C TYR D 119 6.50 -6.31 -22.99
N THR D 120 7.43 -6.15 -22.04
CA THR D 120 8.85 -6.14 -22.40
C THR D 120 9.28 -7.49 -22.97
N SER D 121 8.80 -8.60 -22.41
CA SER D 121 9.21 -9.93 -22.85
C SER D 121 8.13 -10.52 -23.79
N ALA D 122 8.08 -9.95 -25.00
CA ALA D 122 7.14 -10.42 -26.01
C ALA D 122 7.59 -10.03 -27.41
N ARG E 41 -50.28 21.82 2.12
CA ARG E 41 -50.94 23.11 1.99
C ARG E 41 -50.39 24.09 3.03
N TYR E 42 -51.04 24.16 4.18
CA TYR E 42 -50.60 24.99 5.29
C TYR E 42 -49.44 24.29 6.00
N ARG E 43 -49.10 24.76 7.21
CA ARG E 43 -48.02 24.21 8.01
C ARG E 43 -46.67 24.33 7.33
N PRO E 44 -46.08 25.52 7.28
CA PRO E 44 -44.73 25.65 6.73
C PRO E 44 -43.73 24.81 7.52
N GLY E 45 -42.77 24.23 6.81
CA GLY E 45 -41.83 23.32 7.39
C GLY E 45 -41.96 21.89 6.88
N THR E 46 -43.19 21.43 6.65
CA THR E 46 -43.39 20.09 6.10
C THR E 46 -43.31 20.08 4.58
N VAL E 47 -44.09 20.94 3.92
CA VAL E 47 -43.98 21.06 2.47
C VAL E 47 -42.59 21.54 2.09
N ALA E 48 -41.91 22.24 3.00
CA ALA E 48 -40.51 22.61 2.77
C ALA E 48 -39.66 21.36 2.59
N LEU E 49 -39.82 20.36 3.46
CA LEU E 49 -39.07 19.12 3.29
C LEU E 49 -39.56 18.33 2.08
N ARG E 50 -40.84 18.42 1.76
CA ARG E 50 -41.33 17.78 0.54
C ARG E 50 -40.57 18.30 -0.68
N GLU E 51 -40.52 19.62 -0.85
CA GLU E 51 -39.83 20.17 -2.02
C GLU E 51 -38.33 19.99 -1.90
N ILE E 52 -37.79 19.99 -0.69
CA ILE E 52 -36.35 19.77 -0.53
C ILE E 52 -35.97 18.39 -1.03
N ARG E 53 -36.81 17.38 -0.76
CA ARG E 53 -36.48 16.03 -1.21
C ARG E 53 -36.69 15.89 -2.71
N ARG E 54 -37.78 16.46 -3.23
CA ARG E 54 -37.96 16.50 -4.68
C ARG E 54 -36.74 17.10 -5.37
N TYR E 55 -36.25 18.23 -4.85
CA TYR E 55 -35.19 18.97 -5.52
C TYR E 55 -33.83 18.33 -5.33
N GLN E 56 -33.61 17.63 -4.21
CA GLN E 56 -32.40 16.83 -4.09
C GLN E 56 -32.44 15.64 -5.02
N LYS E 57 -33.63 15.19 -5.42
CA LYS E 57 -33.71 14.15 -6.45
C LYS E 57 -33.61 14.74 -7.85
N SER E 58 -34.26 15.87 -8.10
CA SER E 58 -34.34 16.42 -9.44
C SER E 58 -32.97 16.84 -9.96
N THR E 59 -32.88 17.03 -11.28
CA THR E 59 -31.62 17.35 -11.95
C THR E 59 -31.83 18.40 -13.05
N GLU E 60 -32.60 19.45 -12.77
CA GLU E 60 -32.96 20.40 -13.81
C GLU E 60 -32.40 21.80 -13.55
N LEU E 61 -32.01 22.45 -14.65
CA LEU E 61 -31.53 23.82 -14.65
C LEU E 61 -32.69 24.82 -14.65
N LEU E 62 -32.42 26.04 -14.14
CA LEU E 62 -33.48 26.97 -13.75
C LEU E 62 -33.22 28.46 -14.05
N ILE E 63 -32.39 28.80 -15.02
CA ILE E 63 -31.99 30.19 -15.25
C ILE E 63 -32.27 30.55 -16.70
N ARG E 64 -32.43 31.86 -16.98
CA ARG E 64 -32.86 32.30 -18.31
C ARG E 64 -31.68 32.71 -19.18
N LYS E 65 -31.94 32.80 -20.49
CA LYS E 65 -30.87 32.85 -21.48
C LYS E 65 -30.70 34.25 -22.07
N LEU E 66 -31.78 34.99 -22.19
CA LEU E 66 -31.69 36.28 -22.89
C LEU E 66 -31.12 37.39 -22.02
N PRO E 67 -31.53 37.57 -20.75
CA PRO E 67 -30.75 38.48 -19.88
C PRO E 67 -29.32 38.02 -19.68
N PHE E 68 -29.12 36.70 -19.63
CA PHE E 68 -27.79 36.11 -19.67
C PHE E 68 -26.99 36.65 -20.85
N GLN E 69 -27.59 36.63 -22.05
CA GLN E 69 -26.87 36.98 -23.27
C GLN E 69 -26.67 38.49 -23.40
N ARG E 70 -27.64 39.27 -22.95
CA ARG E 70 -27.47 40.72 -23.00
C ARG E 70 -26.43 41.17 -22.00
N LEU E 71 -26.38 40.55 -20.81
CA LEU E 71 -25.25 40.77 -19.92
C LEU E 71 -23.94 40.35 -20.56
N VAL E 72 -23.94 39.22 -21.27
CA VAL E 72 -22.72 38.75 -21.94
C VAL E 72 -22.22 39.80 -22.91
N ARG E 73 -23.11 40.28 -23.78
CA ARG E 73 -22.70 41.22 -24.82
C ARG E 73 -22.36 42.58 -24.24
N GLU E 74 -23.02 42.98 -23.15
CA GLU E 74 -22.73 44.29 -22.57
C GLU E 74 -21.42 44.27 -21.78
N ILE E 75 -21.12 43.15 -21.11
CA ILE E 75 -19.88 43.08 -20.34
C ILE E 75 -18.71 42.77 -21.26
N ALA E 76 -19.00 42.25 -22.46
CA ALA E 76 -17.98 42.24 -23.49
C ALA E 76 -17.79 43.64 -24.06
N GLN E 77 -18.91 44.35 -24.32
CA GLN E 77 -18.86 45.72 -24.82
C GLN E 77 -18.07 46.62 -23.89
N ASP E 78 -18.09 46.32 -22.59
CA ASP E 78 -17.19 46.98 -21.65
C ASP E 78 -15.73 46.78 -22.07
N PHE E 79 -15.42 45.65 -22.70
CA PHE E 79 -14.06 45.36 -23.14
C PHE E 79 -13.97 45.33 -24.66
N LYS E 80 -14.85 44.56 -25.31
CA LYS E 80 -14.99 44.56 -26.76
C LYS E 80 -16.33 43.97 -27.15
N THR E 81 -17.01 44.64 -28.08
CA THR E 81 -18.38 44.30 -28.45
C THR E 81 -18.43 43.66 -29.83
N ASP E 82 -19.60 43.10 -30.15
CA ASP E 82 -19.84 42.41 -31.42
C ASP E 82 -18.82 41.29 -31.63
N LEU E 83 -18.91 40.29 -30.76
CA LEU E 83 -18.10 39.08 -30.81
C LEU E 83 -19.03 37.94 -31.24
N ARG E 84 -18.53 37.06 -32.10
CA ARG E 84 -19.38 36.12 -32.83
C ARG E 84 -19.40 34.77 -32.12
N PHE E 85 -20.42 34.56 -31.29
CA PHE E 85 -20.46 33.47 -30.32
C PHE E 85 -20.98 32.16 -30.90
N GLN E 86 -21.22 31.21 -30.00
CA GLN E 86 -21.80 29.92 -30.31
C GLN E 86 -23.20 29.86 -29.72
N SER E 87 -23.82 28.68 -29.76
CA SER E 87 -25.21 28.57 -29.31
C SER E 87 -25.36 27.62 -28.13
N SER E 88 -24.54 26.58 -28.05
CA SER E 88 -24.65 25.62 -26.95
C SER E 88 -23.81 26.04 -25.76
N ALA E 89 -23.02 27.11 -25.90
CA ALA E 89 -22.21 27.60 -24.79
C ALA E 89 -23.07 28.05 -23.63
N VAL E 90 -24.16 28.75 -23.92
CA VAL E 90 -25.04 29.32 -22.91
C VAL E 90 -25.40 28.28 -21.84
N ALA E 92 -24.03 25.55 -21.01
CA ALA E 92 -22.84 25.24 -20.25
C ALA E 92 -22.70 26.21 -19.10
N LEU E 93 -22.61 27.50 -19.45
CA LEU E 93 -22.52 28.55 -18.44
C LEU E 93 -23.51 28.30 -17.31
N GLN E 94 -24.79 28.20 -17.66
CA GLN E 94 -25.85 28.04 -16.67
C GLN E 94 -25.53 26.91 -15.72
N GLU E 95 -25.20 25.74 -16.28
CA GLU E 95 -24.88 24.58 -15.45
C GLU E 95 -23.89 24.97 -14.36
N ALA E 96 -22.73 25.48 -14.76
CA ALA E 96 -21.70 25.82 -13.79
C ALA E 96 -22.27 26.74 -12.72
N SER E 97 -22.93 27.82 -13.16
CA SER E 97 -23.40 28.82 -12.22
C SER E 97 -24.31 28.17 -11.17
N GLU E 98 -25.26 27.34 -11.64
CA GLU E 98 -26.19 26.72 -10.70
C GLU E 98 -25.44 25.92 -9.67
N ALA E 99 -24.49 25.09 -10.12
CA ALA E 99 -23.68 24.32 -9.18
C ALA E 99 -23.05 25.26 -8.16
N TYR E 100 -22.35 26.27 -8.66
CA TYR E 100 -21.78 27.29 -7.78
C TYR E 100 -22.78 27.68 -6.71
N LEU E 101 -23.94 28.18 -7.15
CA LEU E 101 -24.86 28.78 -6.19
C LEU E 101 -25.26 27.75 -5.14
N VAL E 102 -25.62 26.54 -5.57
CA VAL E 102 -26.13 25.59 -4.59
C VAL E 102 -25.03 25.24 -3.60
N ALA E 103 -23.81 25.06 -4.10
CA ALA E 103 -22.70 24.74 -3.20
C ALA E 103 -22.54 25.84 -2.16
N LEU E 104 -22.58 27.10 -2.62
CA LEU E 104 -22.41 28.20 -1.69
C LEU E 104 -23.44 28.13 -0.59
N PHE E 105 -24.69 27.82 -0.95
CA PHE E 105 -25.76 27.84 0.03
C PHE E 105 -25.45 26.87 1.16
N GLU E 106 -24.90 25.70 0.81
CA GLU E 106 -24.57 24.71 1.82
C GLU E 106 -23.72 25.34 2.92
N ASP E 107 -22.64 26.02 2.53
CA ASP E 107 -21.76 26.60 3.54
C ASP E 107 -22.51 27.60 4.40
N THR E 108 -23.33 28.46 3.78
CA THR E 108 -24.06 29.44 4.57
C THR E 108 -24.95 28.75 5.59
N ASN E 109 -25.56 27.63 5.20
CA ASN E 109 -26.41 26.90 6.13
C ASN E 109 -25.62 26.54 7.38
N LEU E 110 -24.41 25.99 7.19
CA LEU E 110 -23.58 25.65 8.34
C LEU E 110 -23.37 26.86 9.23
N CYS E 111 -23.06 28.01 8.63
CA CYS E 111 -22.82 29.21 9.44
C CYS E 111 -24.05 29.55 10.27
N ALA E 112 -25.25 29.42 9.68
CA ALA E 112 -26.46 29.67 10.45
C ALA E 112 -26.55 28.72 11.63
N ILE E 113 -26.28 27.43 11.40
CA ILE E 113 -26.32 26.46 12.49
C ILE E 113 -25.28 26.80 13.54
N HIS E 114 -24.20 27.47 13.14
CA HIS E 114 -23.18 27.87 14.11
C HIS E 114 -23.65 28.99 15.01
N ALA E 115 -24.63 29.79 14.60
CA ALA E 115 -25.12 30.90 15.39
C ALA E 115 -26.38 30.53 16.18
N LYS E 116 -26.70 29.24 16.25
CA LYS E 116 -27.86 28.74 16.99
C LYS E 116 -29.16 29.33 16.44
N ARG E 117 -29.32 29.26 15.12
CA ARG E 117 -30.59 29.62 14.49
C ARG E 117 -30.74 28.79 13.23
N VAL E 118 -31.91 28.93 12.60
CA VAL E 118 -32.22 28.19 11.39
C VAL E 118 -32.25 29.10 10.16
N THR E 119 -32.80 30.30 10.31
CA THR E 119 -32.90 31.22 9.17
C THR E 119 -31.51 31.65 8.73
N ILE E 120 -31.33 31.71 7.41
CA ILE E 120 -30.08 32.21 6.85
C ILE E 120 -30.27 33.66 6.42
N PRO E 122 -28.30 37.60 5.08
CA PRO E 122 -27.21 38.15 4.26
C PRO E 122 -25.85 38.20 4.96
N LYS E 123 -25.86 38.16 6.29
CA LYS E 123 -24.61 38.14 7.04
C LYS E 123 -23.82 36.86 6.81
N ASP E 124 -24.52 35.72 6.78
CA ASP E 124 -23.85 34.43 6.63
C ASP E 124 -23.22 34.27 5.26
N ILE E 125 -23.85 34.80 4.22
CA ILE E 125 -23.26 34.72 2.88
C ILE E 125 -21.93 35.46 2.85
N GLN E 126 -21.88 36.67 3.41
CA GLN E 126 -20.63 37.42 3.45
C GLN E 126 -19.59 36.70 4.29
N LEU E 127 -19.98 36.12 5.43
CA LEU E 127 -19.02 35.37 6.24
C LEU E 127 -18.45 34.20 5.45
N ALA E 128 -19.32 33.43 4.80
CA ALA E 128 -18.88 32.24 4.08
C ALA E 128 -17.98 32.61 2.90
N ARG E 129 -18.26 33.73 2.23
CA ARG E 129 -17.42 34.11 1.11
C ARG E 129 -16.09 34.67 1.58
N ARG E 130 -16.07 35.34 2.74
CA ARG E 130 -14.81 35.86 3.25
C ARG E 130 -13.90 34.75 3.76
N ILE E 131 -14.44 33.81 4.54
CA ILE E 131 -13.57 32.77 5.11
C ILE E 131 -13.16 31.77 4.04
N ARG E 132 -13.94 31.67 2.96
CA ARG E 132 -13.57 30.77 1.86
C ARG E 132 -12.29 31.23 1.18
N GLY E 133 -12.05 32.54 1.12
CA GLY E 133 -10.90 33.08 0.45
C GLY E 133 -11.19 33.56 -0.95
N GLU E 134 -12.28 34.31 -1.11
CA GLU E 134 -12.66 34.81 -2.42
C GLU E 134 -13.05 36.29 -2.41
N ARG E 135 -12.76 37.00 -1.32
CA ARG E 135 -12.93 38.45 -1.27
C ARG E 135 -11.90 39.16 -2.17
N ARG F 24 -27.68 49.81 -19.95
CA ARG F 24 -28.61 48.69 -20.11
C ARG F 24 -28.83 48.01 -18.76
N ASP F 25 -30.05 47.54 -18.52
CA ASP F 25 -30.43 47.03 -17.20
C ASP F 25 -31.35 45.83 -17.40
N ASN F 26 -30.83 44.64 -17.11
CA ASN F 26 -31.60 43.40 -17.20
C ASN F 26 -31.32 42.44 -16.05
N ILE F 27 -30.69 42.91 -14.97
CA ILE F 27 -30.16 42.02 -13.93
C ILE F 27 -31.25 41.22 -13.24
N GLN F 28 -32.45 41.79 -13.09
CA GLN F 28 -33.43 41.26 -12.16
C GLN F 28 -34.18 40.06 -12.73
N GLY F 29 -33.81 39.62 -13.94
CA GLY F 29 -34.53 38.52 -14.60
C GLY F 29 -34.55 37.24 -13.79
N ILE F 30 -33.44 36.91 -13.13
CA ILE F 30 -33.40 35.74 -12.26
C ILE F 30 -34.41 35.95 -11.15
N THR F 31 -35.49 35.19 -11.17
CA THR F 31 -36.64 35.43 -10.32
C THR F 31 -36.38 34.96 -8.90
N LYS F 32 -37.34 35.22 -8.01
CA LYS F 32 -37.19 34.88 -6.59
C LYS F 32 -37.45 33.41 -6.30
N PRO F 33 -38.54 32.79 -6.79
CA PRO F 33 -38.70 31.35 -6.56
C PRO F 33 -37.60 30.50 -7.17
N ALA F 34 -36.87 31.00 -8.16
CA ALA F 34 -35.75 30.23 -8.70
C ALA F 34 -34.65 30.06 -7.64
N ILE F 35 -34.25 31.14 -7.00
CA ILE F 35 -33.25 31.01 -5.94
C ILE F 35 -33.87 30.36 -4.70
N ARG F 36 -35.19 30.42 -4.56
CA ARG F 36 -35.83 29.60 -3.54
C ARG F 36 -35.60 28.12 -3.81
N ARG F 37 -35.77 27.70 -5.06
CA ARG F 37 -35.52 26.32 -5.45
C ARG F 37 -34.05 25.95 -5.26
N LEU F 38 -33.13 26.86 -5.58
CA LEU F 38 -31.72 26.56 -5.35
C LEU F 38 -31.39 26.44 -3.87
N ALA F 39 -31.99 27.28 -3.02
CA ALA F 39 -31.80 27.13 -1.59
C ALA F 39 -32.33 25.78 -1.11
N ARG F 40 -33.48 25.35 -1.63
CA ARG F 40 -34.00 24.03 -1.28
C ARG F 40 -33.04 22.93 -1.72
N ARG F 41 -32.52 23.03 -2.94
CA ARG F 41 -31.45 22.15 -3.38
C ARG F 41 -30.33 22.08 -2.36
N GLY F 42 -29.91 23.25 -1.85
CA GLY F 42 -28.78 23.28 -0.92
C GLY F 42 -29.05 22.55 0.37
N GLY F 43 -30.27 22.67 0.89
CA GLY F 43 -30.61 21.96 2.12
C GLY F 43 -31.03 22.86 3.26
N VAL F 44 -31.58 24.03 2.95
CA VAL F 44 -32.02 24.98 3.95
C VAL F 44 -33.50 25.24 3.75
N LYS F 45 -34.20 25.55 4.86
CA LYS F 45 -35.65 25.74 4.82
C LYS F 45 -36.12 27.14 5.16
N ARG F 46 -35.39 27.87 6.01
CA ARG F 46 -35.81 29.19 6.47
C ARG F 46 -34.90 30.23 5.83
N ILE F 47 -35.50 31.17 5.10
CA ILE F 47 -34.75 32.20 4.40
C ILE F 47 -35.33 33.57 4.74
N SER F 48 -34.45 34.48 5.14
CA SER F 48 -34.85 35.87 5.34
C SER F 48 -35.24 36.51 4.02
N GLY F 49 -36.10 37.51 4.10
CA GLY F 49 -36.57 38.17 2.88
C GLY F 49 -35.60 39.14 2.26
N LEU F 50 -34.50 39.48 2.94
CA LEU F 50 -33.52 40.43 2.45
C LEU F 50 -32.25 39.74 1.96
N ILE F 51 -32.39 38.54 1.40
CA ILE F 51 -31.25 37.75 0.95
C ILE F 51 -31.10 37.76 -0.56
N TYR F 52 -32.12 38.21 -1.29
CA TYR F 52 -32.12 38.03 -2.74
C TYR F 52 -31.16 39.00 -3.43
N GLU F 53 -31.05 40.22 -2.90
CA GLU F 53 -30.23 41.24 -3.54
C GLU F 53 -28.76 40.82 -3.63
N GLU F 54 -28.20 40.31 -2.53
CA GLU F 54 -26.79 39.95 -2.56
C GLU F 54 -26.56 38.64 -3.31
N THR F 55 -27.57 37.76 -3.38
CA THR F 55 -27.44 36.60 -4.27
C THR F 55 -27.35 37.05 -5.72
N ARG F 56 -28.17 38.03 -6.12
CA ARG F 56 -28.05 38.53 -7.49
C ARG F 56 -26.72 39.25 -7.70
N GLY F 57 -26.21 39.92 -6.67
CA GLY F 57 -24.88 40.52 -6.78
C GLY F 57 -23.79 39.49 -6.99
N VAL F 58 -23.85 38.39 -6.23
CA VAL F 58 -22.90 37.29 -6.39
C VAL F 58 -23.00 36.72 -7.80
N LEU F 59 -24.22 36.56 -8.31
CA LEU F 59 -24.39 36.07 -9.67
C LEU F 59 -23.76 37.01 -10.69
N LYS F 60 -23.96 38.32 -10.50
CA LYS F 60 -23.30 39.29 -11.39
C LYS F 60 -21.79 39.11 -11.36
N VAL F 61 -21.21 38.99 -10.17
CA VAL F 61 -19.75 38.92 -10.06
C VAL F 61 -19.23 37.66 -10.75
N PHE F 62 -19.85 36.52 -10.47
CA PHE F 62 -19.42 35.27 -11.08
C PHE F 62 -19.54 35.33 -12.60
N LEU F 63 -20.69 35.82 -13.10
CA LEU F 63 -20.89 35.90 -14.54
C LEU F 63 -19.84 36.79 -15.19
N GLU F 64 -19.57 37.95 -14.59
CA GLU F 64 -18.63 38.88 -15.20
C GLU F 64 -17.23 38.29 -15.26
N ASN F 65 -16.79 37.65 -14.16
CA ASN F 65 -15.46 37.05 -14.17
C ASN F 65 -15.36 35.96 -15.22
N VAL F 66 -16.40 35.15 -15.38
CA VAL F 66 -16.31 34.07 -16.37
C VAL F 66 -16.30 34.62 -17.79
N ILE F 67 -17.16 35.61 -18.07
CA ILE F 67 -17.32 36.08 -19.43
C ILE F 67 -16.13 36.94 -19.87
N ARG F 68 -15.44 37.63 -18.96
CA ARG F 68 -14.19 38.27 -19.34
C ARG F 68 -13.23 37.28 -19.98
N ASP F 69 -12.88 36.23 -19.25
CA ASP F 69 -11.94 35.24 -19.75
C ASP F 69 -12.45 34.56 -21.00
N ALA F 70 -13.75 34.27 -21.07
CA ALA F 70 -14.29 33.67 -22.29
C ALA F 70 -14.04 34.57 -23.50
N VAL F 71 -14.37 35.85 -23.37
CA VAL F 71 -14.26 36.76 -24.52
C VAL F 71 -12.80 36.96 -24.92
N THR F 72 -11.88 37.05 -23.96
CA THR F 72 -10.48 37.20 -24.35
C THR F 72 -9.95 35.93 -25.02
N TYR F 73 -10.36 34.77 -24.49
CA TYR F 73 -9.97 33.49 -25.10
C TYR F 73 -10.39 33.44 -26.55
N THR F 74 -11.56 34.00 -26.86
CA THR F 74 -11.94 34.04 -28.27
C THR F 74 -11.18 35.11 -29.02
N GLU F 75 -10.91 36.25 -28.37
CA GLU F 75 -10.25 37.36 -29.05
C GLU F 75 -8.86 37.00 -29.53
N HIS F 76 -8.17 36.09 -28.84
CA HIS F 76 -6.86 35.72 -29.33
C HIS F 76 -6.94 34.50 -30.26
N ALA F 77 -8.00 34.39 -31.05
CA ALA F 77 -7.97 33.43 -32.12
C ALA F 77 -7.42 33.99 -33.41
N LYS F 78 -6.98 35.26 -33.40
CA LYS F 78 -6.80 36.05 -34.61
C LYS F 78 -8.09 36.09 -35.43
N ARG F 79 -9.20 35.76 -34.77
CA ARG F 79 -10.52 35.77 -35.36
C ARG F 79 -11.40 36.62 -34.46
N LYS F 80 -12.21 37.49 -35.07
CA LYS F 80 -13.15 38.30 -34.31
C LYS F 80 -14.33 37.49 -33.76
N THR F 81 -14.27 36.16 -33.85
CA THR F 81 -15.38 35.33 -33.46
C THR F 81 -15.22 34.76 -32.05
N VAL F 82 -16.12 33.83 -31.71
CA VAL F 82 -16.17 33.14 -30.43
C VAL F 82 -16.51 31.69 -30.69
N THR F 83 -16.02 30.80 -29.83
CA THR F 83 -16.20 29.35 -29.94
C THR F 83 -17.02 28.84 -28.74
N ALA F 84 -17.10 27.52 -28.58
CA ALA F 84 -17.84 26.95 -27.46
C ALA F 84 -16.94 26.27 -26.43
N MET F 85 -15.74 25.84 -26.82
CA MET F 85 -14.79 25.28 -25.86
C MET F 85 -14.20 26.34 -24.95
N ASP F 86 -14.35 27.61 -25.33
CA ASP F 86 -13.71 28.68 -24.58
C ASP F 86 -14.37 28.89 -23.21
N VAL F 87 -15.67 28.60 -23.10
CA VAL F 87 -16.30 28.64 -21.78
C VAL F 87 -15.67 27.61 -20.87
N VAL F 88 -15.41 26.40 -21.39
CA VAL F 88 -14.75 25.36 -20.60
C VAL F 88 -13.34 25.79 -20.24
N TYR F 89 -12.61 26.40 -21.18
CA TYR F 89 -11.28 26.91 -20.90
C TYR F 89 -11.30 27.92 -19.77
N ALA F 90 -12.21 28.89 -19.84
CA ALA F 90 -12.31 29.92 -18.80
C ALA F 90 -12.67 29.31 -17.45
N LEU F 91 -13.62 28.38 -17.44
CA LEU F 91 -14.00 27.73 -16.19
C LEU F 91 -12.83 26.95 -15.60
N LYS F 92 -12.08 26.23 -16.44
CA LYS F 92 -10.94 25.47 -15.96
C LYS F 92 -9.87 26.38 -15.38
N ARG F 93 -9.58 27.50 -16.03
CA ARG F 93 -8.52 28.37 -15.54
C ARG F 93 -8.97 29.15 -14.29
N GLN F 94 -10.27 29.40 -14.16
CA GLN F 94 -10.78 30.13 -13.01
C GLN F 94 -10.59 29.34 -11.73
N GLY F 95 -10.62 28.01 -11.83
CA GLY F 95 -10.53 27.16 -10.66
C GLY F 95 -11.49 26.00 -10.72
N ARG F 96 -12.64 26.22 -11.36
CA ARG F 96 -13.62 25.18 -11.57
C ARG F 96 -13.17 24.29 -12.73
N THR F 97 -14.00 23.32 -13.09
CA THR F 97 -13.81 22.52 -14.29
C THR F 97 -15.09 21.74 -14.56
N LEU F 98 -15.47 21.65 -15.83
CA LEU F 98 -16.76 21.11 -16.22
C LEU F 98 -16.57 19.89 -17.12
N TYR F 99 -17.27 18.81 -16.77
CA TYR F 99 -17.26 17.59 -17.56
C TYR F 99 -18.57 17.43 -18.32
N GLY F 100 -18.46 17.17 -19.61
CA GLY F 100 -19.63 16.90 -20.42
C GLY F 100 -19.80 17.77 -21.65
N PHE F 101 -18.78 18.53 -22.03
CA PHE F 101 -18.86 19.46 -23.16
C PHE F 101 -17.51 19.44 -23.87
N GLY F 102 -17.38 18.58 -24.87
CA GLY F 102 -16.14 18.42 -25.59
C GLY F 102 -14.97 17.96 -24.73
N LYS G 14 34.46 42.28 -30.34
CA LYS G 14 33.61 41.71 -29.30
C LYS G 14 33.55 42.58 -28.07
N ALA G 15 32.43 43.27 -27.87
CA ALA G 15 32.18 44.11 -26.71
C ALA G 15 30.70 44.45 -26.67
N LYS G 16 30.32 45.38 -25.79
CA LYS G 16 28.99 45.99 -25.78
C LYS G 16 27.90 44.94 -25.59
N THR G 17 27.90 44.34 -24.40
CA THR G 17 26.89 43.36 -24.01
C THR G 17 25.48 43.83 -24.32
N ARG G 18 24.60 42.90 -24.68
CA ARG G 18 23.27 43.24 -25.18
C ARG G 18 22.42 43.96 -24.13
N SER G 19 22.64 43.69 -22.85
CA SER G 19 21.87 44.36 -21.81
C SER G 19 22.07 45.88 -21.87
N SER G 20 23.23 46.33 -22.35
CA SER G 20 23.48 47.76 -22.46
C SER G 20 23.10 48.28 -23.84
N ARG G 21 22.61 47.41 -24.72
CA ARG G 21 22.24 47.83 -26.07
C ARG G 21 21.00 48.72 -26.05
N ALA G 22 20.26 48.70 -24.95
CA ALA G 22 19.08 49.53 -24.80
C ALA G 22 19.14 50.43 -23.57
N GLY G 23 20.31 50.57 -22.95
CA GLY G 23 20.43 51.36 -21.75
C GLY G 23 19.99 50.62 -20.50
N LEU G 24 19.69 49.33 -20.63
CA LEU G 24 19.15 48.50 -19.56
C LEU G 24 20.27 47.99 -18.66
N GLN G 25 19.91 47.51 -17.48
CA GLN G 25 20.86 47.12 -16.45
C GLN G 25 20.92 45.62 -16.19
N PHE G 26 19.79 44.99 -15.87
CA PHE G 26 19.80 43.58 -15.49
C PHE G 26 20.25 42.72 -16.66
N PRO G 27 20.82 41.53 -16.40
CA PRO G 27 21.35 40.71 -17.50
C PRO G 27 20.28 40.30 -18.49
N VAL G 28 20.63 40.30 -19.77
CA VAL G 28 19.71 39.85 -20.80
C VAL G 28 20.31 38.69 -21.59
N GLY G 29 21.64 38.63 -21.67
CA GLY G 29 22.27 37.41 -22.18
C GLY G 29 21.98 36.22 -21.30
N ARG G 30 22.01 36.42 -19.99
CA ARG G 30 21.68 35.35 -19.04
C ARG G 30 20.26 34.85 -19.20
N VAL G 31 19.28 35.76 -19.30
CA VAL G 31 17.89 35.33 -19.41
C VAL G 31 17.62 34.73 -20.78
N HIS G 32 18.31 35.26 -21.80
CA HIS G 32 18.25 34.66 -23.13
C HIS G 32 18.72 33.21 -23.09
N ARG G 33 19.85 32.97 -22.42
CA ARG G 33 20.33 31.59 -22.25
C ARG G 33 19.34 30.74 -21.46
N LEU G 34 18.77 31.31 -20.41
CA LEU G 34 17.94 30.52 -19.51
C LEU G 34 16.56 30.25 -20.09
N LEU G 35 16.24 30.90 -21.22
CA LEU G 35 15.14 30.41 -22.05
C LEU G 35 15.66 29.55 -23.19
N ARG G 36 16.94 29.69 -23.53
CA ARG G 36 17.55 28.80 -24.52
C ARG G 36 17.55 27.35 -24.04
N LYS G 37 18.21 27.08 -22.91
CA LYS G 37 18.31 25.76 -22.33
C LYS G 37 17.16 25.42 -21.41
N GLY G 38 16.08 26.20 -21.42
CA GLY G 38 14.94 25.88 -20.59
C GLY G 38 14.08 24.76 -21.10
N ASN G 39 14.31 24.32 -22.33
CA ASN G 39 13.58 23.19 -22.93
C ASN G 39 12.07 23.46 -22.93
N TYR G 40 11.73 24.74 -22.91
CA TYR G 40 10.34 25.17 -22.90
C TYR G 40 9.65 25.06 -24.25
N ALA G 41 10.37 25.27 -25.34
CA ALA G 41 9.81 25.24 -26.69
C ALA G 41 10.95 24.92 -27.66
N GLU G 42 10.69 25.10 -28.96
CA GLU G 42 11.64 24.70 -29.99
C GLU G 42 12.55 25.83 -30.47
N ARG G 43 12.01 26.98 -30.88
CA ARG G 43 12.83 28.12 -31.26
C ARG G 43 12.71 29.18 -30.16
N VAL G 44 13.84 29.69 -29.70
CA VAL G 44 13.90 30.70 -28.66
C VAL G 44 14.32 32.02 -29.30
N GLY G 45 13.51 33.06 -29.11
CA GLY G 45 13.73 34.30 -29.82
C GLY G 45 14.75 35.19 -29.14
N ALA G 46 15.01 36.32 -29.80
CA ALA G 46 15.92 37.32 -29.25
C ALA G 46 15.16 38.46 -28.56
N GLY G 47 13.84 38.29 -28.38
CA GLY G 47 13.05 39.35 -27.79
C GLY G 47 12.25 38.98 -26.55
N ALA G 48 11.81 37.73 -26.44
CA ALA G 48 10.90 37.41 -25.34
C ALA G 48 11.60 37.33 -23.98
N PRO G 49 12.69 36.58 -23.80
CA PRO G 49 13.41 36.70 -22.51
C PRO G 49 13.97 38.08 -22.28
N VAL G 50 14.16 38.87 -23.35
CA VAL G 50 14.56 40.27 -23.20
C VAL G 50 13.45 41.07 -22.53
N TYR G 51 12.21 40.88 -22.96
CA TYR G 51 11.10 41.57 -22.28
C TYR G 51 10.91 41.02 -20.88
N LEU G 52 11.27 39.75 -20.67
CA LEU G 52 11.29 39.23 -19.31
C LEU G 52 12.31 39.97 -18.45
N ALA G 53 13.49 40.26 -19.01
CA ALA G 53 14.47 41.07 -18.30
C ALA G 53 13.99 42.50 -18.12
N ALA G 54 13.16 42.98 -19.06
CA ALA G 54 12.59 44.32 -18.95
C ALA G 54 11.63 44.42 -17.77
N VAL G 55 10.69 43.47 -17.67
CA VAL G 55 9.82 43.43 -16.50
C VAL G 55 10.63 43.11 -15.25
N LEU G 56 11.77 42.42 -15.41
CA LEU G 56 12.66 42.22 -14.26
C LEU G 56 13.16 43.55 -13.72
N GLU G 57 13.77 44.38 -14.59
CA GLU G 57 14.25 45.68 -14.15
C GLU G 57 13.10 46.53 -13.61
N TYR G 58 11.97 46.53 -14.31
CA TYR G 58 10.84 47.38 -13.95
C TYR G 58 10.26 47.00 -12.59
N LEU G 59 9.92 45.72 -12.40
CA LEU G 59 9.27 45.31 -11.16
C LEU G 59 10.27 45.21 -10.02
N THR G 60 11.53 44.87 -10.30
CA THR G 60 12.54 44.88 -9.24
C THR G 60 12.79 46.29 -8.74
N ALA G 61 12.90 47.26 -9.67
CA ALA G 61 13.03 48.65 -9.26
C ALA G 61 11.82 49.11 -8.48
N GLU G 62 10.62 48.76 -8.94
CA GLU G 62 9.40 49.10 -8.19
C GLU G 62 9.42 48.49 -6.79
N ILE G 63 9.89 47.25 -6.68
CA ILE G 63 9.67 46.50 -5.45
C ILE G 63 10.70 46.91 -4.40
N LEU G 64 11.96 47.10 -4.82
CA LEU G 64 12.93 47.68 -3.90
C LEU G 64 12.67 49.18 -3.71
N GLU G 65 11.93 49.80 -4.62
CA GLU G 65 11.44 51.16 -4.41
C GLU G 65 10.52 51.22 -3.21
N LEU G 66 9.49 50.37 -3.18
CA LEU G 66 8.58 50.35 -2.04
C LEU G 66 9.30 49.87 -0.77
N ALA G 67 10.28 48.97 -0.92
CA ALA G 67 11.10 48.59 0.21
C ALA G 67 11.81 49.81 0.81
N GLY G 68 12.51 50.58 -0.03
CA GLY G 68 13.18 51.77 0.46
C GLY G 68 12.21 52.83 0.95
N ASN G 69 11.02 52.90 0.34
CA ASN G 69 9.99 53.83 0.79
C ASN G 69 9.62 53.54 2.23
N ALA G 70 9.28 52.29 2.54
CA ALA G 70 8.99 51.93 3.93
C ALA G 70 10.24 52.09 4.81
N ALA G 71 11.43 51.89 4.24
CA ALA G 71 12.65 52.06 5.01
C ALA G 71 12.85 53.50 5.45
N ARG G 72 12.60 54.44 4.54
CA ARG G 72 12.72 55.86 4.88
C ARG G 72 11.56 56.30 5.75
N ASP G 73 10.43 55.60 5.65
CA ASP G 73 9.35 55.84 6.60
C ASP G 73 9.71 55.30 7.98
N ASN G 74 10.69 54.40 8.06
CA ASN G 74 11.11 53.81 9.32
C ASN G 74 12.57 54.10 9.65
N LYS G 75 13.27 54.84 8.79
CA LYS G 75 14.64 55.31 9.03
C LYS G 75 15.59 54.21 9.53
N LYS G 76 15.51 53.04 8.89
CA LYS G 76 16.53 52.00 9.04
C LYS G 76 17.60 52.19 7.98
N THR G 77 18.87 51.99 8.38
CA THR G 77 19.97 51.99 7.43
C THR G 77 20.11 50.66 6.70
N ARG G 78 19.36 49.64 7.11
CA ARG G 78 19.30 48.36 6.40
C ARG G 78 17.86 47.95 6.18
N ILE G 79 17.60 47.38 5.00
CA ILE G 79 16.27 46.95 4.57
C ILE G 79 16.08 45.49 4.93
N ILE G 80 14.99 45.20 5.62
CA ILE G 80 14.57 43.82 5.87
C ILE G 80 13.43 43.51 4.90
N PRO G 81 13.12 42.23 4.69
CA PRO G 81 11.96 41.89 3.86
C PRO G 81 10.63 42.36 4.43
N ARG G 82 10.61 42.80 5.69
CA ARG G 82 9.36 43.30 6.28
C ARG G 82 8.79 44.45 5.48
N HIS G 83 9.65 45.34 5.00
CA HIS G 83 9.20 46.50 4.22
C HIS G 83 8.53 46.04 2.93
N LEU G 84 9.15 45.08 2.25
CA LEU G 84 8.58 44.48 1.06
C LEU G 84 7.24 43.79 1.34
N GLN G 85 7.16 43.03 2.43
CA GLN G 85 5.91 42.35 2.75
C GLN G 85 4.80 43.36 3.01
N LEU G 86 5.11 44.43 3.75
CA LEU G 86 4.12 45.45 4.04
C LEU G 86 3.67 46.16 2.76
N ALA G 87 4.61 46.44 1.86
CA ALA G 87 4.26 47.10 0.61
C ALA G 87 3.35 46.24 -0.25
N VAL G 88 3.65 44.94 -0.34
CA VAL G 88 2.82 44.04 -1.14
C VAL G 88 1.46 43.84 -0.48
N ARG G 89 1.45 43.66 0.84
CA ARG G 89 0.21 43.38 1.55
C ARG G 89 -0.75 44.57 1.50
N ASN G 90 -0.24 45.78 1.77
CA ASN G 90 -1.08 46.96 1.84
C ASN G 90 -1.66 47.34 0.49
N ASP G 91 -0.90 47.21 -0.59
CA ASP G 91 -1.39 47.56 -1.92
C ASP G 91 -2.50 46.60 -2.30
N GLU G 92 -3.25 46.94 -3.35
CA GLU G 92 -4.46 46.18 -3.66
C GLU G 92 -4.23 45.24 -4.83
N GLU G 93 -3.65 45.73 -5.92
CA GLU G 93 -3.48 44.90 -7.11
C GLU G 93 -2.41 43.85 -6.90
N LEU G 94 -1.31 44.22 -6.25
CA LEU G 94 -0.31 43.22 -5.87
C LEU G 94 -0.88 42.20 -4.90
N ASN G 95 -1.77 42.64 -4.00
CA ASN G 95 -2.41 41.70 -3.08
C ASN G 95 -3.30 40.72 -3.83
N LYS G 96 -3.99 41.20 -4.88
CA LYS G 96 -4.83 40.30 -5.66
C LYS G 96 -3.99 39.34 -6.50
N LEU G 97 -2.88 39.82 -7.07
CA LEU G 97 -2.03 38.96 -7.88
C LEU G 97 -1.35 37.89 -7.02
N LEU G 98 -0.73 38.30 -5.92
CA LEU G 98 -0.06 37.37 -5.01
C LEU G 98 -1.01 36.93 -3.90
N GLY G 99 -2.10 36.27 -4.31
CA GLY G 99 -3.08 35.83 -3.34
C GLY G 99 -2.57 34.72 -2.45
N ARG G 100 -1.91 33.72 -3.05
CA ARG G 100 -1.32 32.60 -2.31
C ARG G 100 0.18 32.74 -2.44
N VAL G 101 0.80 33.28 -1.40
CA VAL G 101 2.22 33.57 -1.41
C VAL G 101 2.66 33.78 0.02
N THR G 102 3.92 33.51 0.28
CA THR G 102 4.50 33.75 1.59
C THR G 102 5.85 34.42 1.40
N ILE G 103 6.26 35.19 2.40
CA ILE G 103 7.49 35.96 2.36
C ILE G 103 8.33 35.55 3.57
N ALA G 104 9.58 35.18 3.32
CA ALA G 104 10.44 34.69 4.39
C ALA G 104 10.83 35.82 5.33
N GLN G 105 10.81 35.53 6.63
CA GLN G 105 11.20 36.48 7.67
C GLN G 105 10.46 37.80 7.51
N GLY G 106 9.14 37.72 7.43
CA GLY G 106 8.31 38.90 7.30
C GLY G 106 7.36 39.06 8.46
N GLY G 107 6.07 39.19 8.19
CA GLY G 107 5.10 39.25 9.26
C GLY G 107 3.74 39.65 8.73
N VAL G 108 2.90 40.10 9.66
CA VAL G 108 1.53 40.49 9.36
C VAL G 108 1.38 41.98 9.59
N LEU G 109 0.65 42.65 8.71
CA LEU G 109 0.34 44.05 8.93
C LEU G 109 -0.59 44.19 10.13
N PRO G 110 -0.45 45.24 10.93
CA PRO G 110 -1.28 45.36 12.14
C PRO G 110 -2.75 45.56 11.80
N ASN G 111 -3.60 44.88 12.55
CA ASN G 111 -5.04 44.97 12.35
C ASN G 111 -5.70 44.41 13.61
N ILE G 112 -6.69 45.16 14.11
CA ILE G 112 -7.41 44.81 15.33
C ILE G 112 -8.90 44.92 15.05
N GLN G 113 -9.65 43.90 15.48
CA GLN G 113 -11.10 43.92 15.30
C GLN G 113 -11.73 45.01 16.16
N SER G 114 -12.86 45.55 15.67
CA SER G 114 -13.52 46.64 16.38
C SER G 114 -14.18 46.15 17.66
N VAL G 115 -14.82 44.99 17.61
CA VAL G 115 -15.49 44.44 18.80
C VAL G 115 -14.47 44.13 19.89
N LEU G 116 -13.26 43.72 19.51
CA LEU G 116 -12.26 43.35 20.51
C LEU G 116 -11.82 44.54 21.36
N LEU G 117 -11.85 45.74 20.79
CA LEU G 117 -11.40 46.91 21.52
C LEU G 117 -12.38 47.25 22.65
N PRO G 118 -11.87 47.58 23.84
CA PRO G 118 -12.70 47.88 25.01
C PRO G 118 -13.40 49.24 24.91
N LYS H 29 34.04 26.85 -4.99
CA LYS H 29 34.83 25.86 -5.72
C LYS H 29 34.41 25.80 -7.19
N THR H 30 33.22 25.24 -7.43
CA THR H 30 32.68 25.12 -8.77
C THR H 30 31.89 26.38 -9.12
N ARG H 31 31.14 26.34 -10.22
CA ARG H 31 30.36 27.48 -10.67
C ARG H 31 28.88 27.23 -10.41
N LYS H 32 28.19 28.27 -9.96
CA LYS H 32 26.75 28.22 -9.68
C LYS H 32 26.13 29.55 -10.10
N GLU H 33 24.81 29.52 -10.31
CA GLU H 33 24.09 30.69 -10.79
C GLU H 33 23.38 31.41 -9.65
N SER H 34 23.53 32.73 -9.61
CA SER H 34 22.89 33.56 -8.60
C SER H 34 23.05 35.03 -9.01
N TYR H 35 22.03 35.83 -8.69
CA TYR H 35 22.07 37.28 -8.87
C TYR H 35 22.51 37.89 -7.54
N ALA H 36 23.67 38.53 -7.54
CA ALA H 36 24.20 39.19 -6.36
C ALA H 36 24.44 40.67 -6.56
N ILE H 37 25.06 41.06 -7.67
CA ILE H 37 25.44 42.45 -7.87
C ILE H 37 24.29 43.29 -8.41
N TYR H 38 23.50 42.71 -9.33
CA TYR H 38 22.49 43.49 -10.02
C TYR H 38 21.40 43.98 -9.07
N VAL H 39 21.02 43.15 -8.10
CA VAL H 39 20.02 43.58 -7.12
C VAL H 39 20.54 44.73 -6.29
N TYR H 40 21.82 44.68 -5.90
CA TYR H 40 22.42 45.79 -5.17
C TYR H 40 22.45 47.06 -6.02
N LYS H 41 22.73 46.91 -7.32
CA LYS H 41 22.74 48.06 -8.22
C LYS H 41 21.34 48.66 -8.34
N VAL H 42 20.30 47.83 -8.42
CA VAL H 42 18.96 48.36 -8.62
C VAL H 42 18.40 48.90 -7.30
N LEU H 43 18.96 48.46 -6.17
CA LEU H 43 18.68 49.12 -4.90
C LEU H 43 19.38 50.47 -4.82
N LYS H 44 20.58 50.57 -5.41
CA LYS H 44 21.32 51.83 -5.37
C LYS H 44 20.74 52.87 -6.31
N GLN H 45 20.06 52.44 -7.38
CA GLN H 45 19.60 53.40 -8.38
C GLN H 45 18.72 54.49 -7.78
N VAL H 46 17.74 54.12 -6.95
CA VAL H 46 16.80 55.09 -6.41
C VAL H 46 17.13 55.40 -4.96
N HIS H 47 17.54 54.39 -4.20
CA HIS H 47 17.77 54.50 -2.75
C HIS H 47 19.25 54.27 -2.44
N PRO H 48 20.10 55.26 -2.70
CA PRO H 48 21.54 55.04 -2.52
C PRO H 48 22.03 55.27 -1.10
N ASP H 49 21.37 54.69 -0.10
CA ASP H 49 21.86 54.81 1.27
C ASP H 49 21.77 53.55 2.11
N THR H 50 21.05 52.51 1.68
CA THR H 50 20.67 51.40 2.55
C THR H 50 21.15 50.07 1.99
N GLY H 51 21.80 49.25 2.86
CA GLY H 51 22.23 47.92 2.49
C GLY H 51 21.35 46.82 3.04
N ILE H 52 21.64 45.58 2.62
CA ILE H 52 20.83 44.42 2.95
C ILE H 52 21.72 43.24 3.32
N SER H 53 21.08 42.24 3.95
CA SER H 53 21.71 41.00 4.40
C SER H 53 21.36 39.86 3.44
N SER H 54 21.86 38.67 3.79
CA SER H 54 21.67 37.49 2.96
C SER H 54 20.20 37.24 2.60
N LYS H 55 19.30 37.32 3.60
CA LYS H 55 17.91 37.00 3.39
C LYS H 55 17.30 37.83 2.26
N ALA H 56 17.79 39.06 2.10
CA ALA H 56 17.19 39.98 1.14
C ALA H 56 17.40 39.54 -0.30
N MET H 57 18.67 39.39 -0.71
CA MET H 57 18.92 38.92 -2.07
C MET H 57 18.47 37.47 -2.24
N SER H 58 18.36 36.74 -1.13
CA SER H 58 17.75 35.42 -1.27
C SER H 58 16.31 35.54 -1.73
N ILE H 59 15.51 36.40 -1.09
CA ILE H 59 14.10 36.46 -1.46
C ILE H 59 13.94 37.07 -2.85
N MET H 60 14.80 38.03 -3.22
CA MET H 60 14.70 38.52 -4.59
C MET H 60 15.17 37.51 -5.63
N ASN H 61 16.18 36.69 -5.31
CA ASN H 61 16.55 35.59 -6.20
C ASN H 61 15.43 34.59 -6.33
N SER H 62 14.74 34.32 -5.21
CA SER H 62 13.59 33.44 -5.25
C SER H 62 12.49 34.01 -6.12
N PHE H 63 12.22 35.31 -5.98
CA PHE H 63 11.18 35.92 -6.80
C PHE H 63 11.55 35.87 -8.26
N VAL H 64 12.80 36.23 -8.60
CA VAL H 64 13.18 36.27 -10.01
C VAL H 64 13.13 34.87 -10.61
N ASN H 65 13.68 33.87 -9.91
CA ASN H 65 13.71 32.52 -10.47
C ASN H 65 12.32 31.90 -10.50
N ASP H 66 11.46 32.24 -9.54
CA ASP H 66 10.14 31.62 -9.49
C ASP H 66 9.19 32.25 -10.49
N VAL H 67 9.23 33.58 -10.62
CA VAL H 67 8.52 34.22 -11.71
C VAL H 67 9.12 33.77 -13.04
N PHE H 68 10.41 33.44 -13.04
CA PHE H 68 11.05 32.91 -14.23
C PHE H 68 10.45 31.59 -14.66
N GLU H 69 10.37 30.63 -13.74
CA GLU H 69 9.82 29.32 -14.06
C GLU H 69 8.33 29.42 -14.40
N ARG H 70 7.56 30.08 -13.51
CA ARG H 70 6.14 30.29 -13.76
C ARG H 70 5.90 30.96 -15.10
N ILE H 71 6.74 31.96 -15.45
CA ILE H 71 6.47 32.82 -16.58
C ILE H 71 6.87 32.12 -17.87
N ALA H 72 7.97 31.35 -17.84
CA ALA H 72 8.36 30.62 -19.04
C ALA H 72 7.44 29.43 -19.28
N GLY H 73 6.96 28.79 -18.21
CA GLY H 73 5.95 27.75 -18.39
C GLY H 73 4.63 28.29 -18.90
N GLU H 74 4.16 29.40 -18.33
CA GLU H 74 2.97 30.08 -18.84
C GLU H 74 3.14 30.40 -20.31
N ALA H 75 4.26 31.02 -20.68
CA ALA H 75 4.50 31.39 -22.07
C ALA H 75 4.53 30.17 -22.99
N SER H 76 5.17 29.09 -22.54
CA SER H 76 5.35 27.92 -23.39
C SER H 76 4.03 27.18 -23.58
N ARG H 77 3.22 27.09 -22.54
CA ARG H 77 1.91 26.47 -22.70
C ARG H 77 0.98 27.35 -23.54
N LEU H 78 1.01 28.67 -23.33
CA LEU H 78 0.24 29.58 -24.16
C LEU H 78 0.72 29.51 -25.60
N ALA H 79 1.97 29.08 -25.80
CA ALA H 79 2.51 28.90 -27.14
C ALA H 79 1.96 27.63 -27.79
N HIS H 80 2.17 26.49 -27.15
CA HIS H 80 1.68 25.22 -27.70
C HIS H 80 0.16 25.22 -27.83
N TYR H 81 -0.53 26.10 -27.10
CA TYR H 81 -1.97 26.24 -27.29
C TYR H 81 -2.32 26.51 -28.75
N ASN H 82 -1.54 27.37 -29.41
CA ASN H 82 -1.86 27.83 -30.76
C ASN H 82 -0.80 27.46 -31.79
N LYS H 83 -0.27 26.24 -31.74
CA LYS H 83 0.37 25.55 -32.87
C LYS H 83 1.42 26.37 -33.61
N ARG H 84 2.52 26.73 -32.94
CA ARG H 84 3.55 27.55 -33.55
C ARG H 84 4.89 26.86 -33.27
N SER H 85 6.00 27.48 -33.68
CA SER H 85 7.34 26.91 -33.52
C SER H 85 8.33 27.83 -32.81
N THR H 86 7.89 28.86 -32.10
CA THR H 86 8.78 29.75 -31.36
C THR H 86 8.10 30.24 -30.09
N ILE H 87 8.70 31.29 -29.51
CA ILE H 87 8.04 32.15 -28.53
C ILE H 87 8.03 33.55 -29.11
N THR H 88 6.90 34.25 -28.99
CA THR H 88 6.72 35.54 -29.63
C THR H 88 6.49 36.62 -28.59
N SER H 89 6.10 37.80 -29.07
CA SER H 89 5.72 38.89 -28.16
C SER H 89 4.21 38.95 -27.97
N ARG H 90 3.41 38.63 -29.00
CA ARG H 90 1.97 38.85 -28.88
C ARG H 90 1.30 37.84 -27.96
N GLU H 91 1.72 36.57 -28.01
CA GLU H 91 1.22 35.60 -27.04
C GLU H 91 1.50 36.07 -25.62
N ILE H 92 2.69 36.62 -25.39
CA ILE H 92 3.02 37.17 -24.09
C ILE H 92 2.10 38.33 -23.74
N GLN H 93 1.79 39.18 -24.72
CA GLN H 93 0.89 40.30 -24.45
C GLN H 93 -0.51 39.82 -24.07
N THR H 94 -1.03 38.80 -24.76
CA THR H 94 -2.36 38.33 -24.41
C THR H 94 -2.37 37.60 -23.06
N ALA H 95 -1.31 36.84 -22.77
CA ALA H 95 -1.22 36.21 -21.45
C ALA H 95 -1.16 37.26 -20.34
N VAL H 96 -0.40 38.33 -20.56
CA VAL H 96 -0.35 39.43 -19.61
C VAL H 96 -1.73 40.04 -19.44
N ARG H 97 -2.48 40.16 -20.52
CA ARG H 97 -3.84 40.69 -20.43
C ARG H 97 -4.76 39.70 -19.74
N LEU H 98 -4.40 38.42 -19.71
CA LEU H 98 -5.30 37.40 -19.17
C LEU H 98 -5.03 37.08 -17.70
N LEU H 99 -3.80 37.18 -17.24
CA LEU H 99 -3.51 36.99 -15.83
C LEU H 99 -3.64 38.29 -15.02
N LEU H 100 -2.89 39.32 -15.40
CA LEU H 100 -2.76 40.51 -14.57
C LEU H 100 -4.04 41.35 -14.58
N PRO H 101 -4.41 41.91 -13.44
CA PRO H 101 -5.48 42.92 -13.42
C PRO H 101 -5.00 44.25 -13.98
N GLY H 102 -5.89 45.24 -13.93
CA GLY H 102 -5.74 46.47 -14.70
C GLY H 102 -4.44 47.25 -14.65
N GLU H 103 -4.13 47.87 -13.51
CA GLU H 103 -3.06 48.87 -13.50
C GLU H 103 -1.69 48.22 -13.65
N LEU H 104 -1.49 47.04 -13.03
CA LEU H 104 -0.21 46.37 -13.19
C LEU H 104 -0.01 45.95 -14.63
N ALA H 105 -1.08 45.49 -15.29
CA ALA H 105 -1.01 45.18 -16.72
C ALA H 105 -0.63 46.41 -17.53
N LYS H 106 -1.28 47.55 -17.25
CA LYS H 106 -0.97 48.78 -17.99
C LYS H 106 0.51 49.14 -17.83
N HIS H 107 1.00 49.19 -16.60
CA HIS H 107 2.39 49.56 -16.37
C HIS H 107 3.35 48.59 -17.06
N ALA H 108 3.11 47.29 -16.89
CA ALA H 108 4.00 46.29 -17.46
C ALA H 108 4.01 46.36 -18.99
N VAL H 109 2.84 46.41 -19.61
CA VAL H 109 2.78 46.45 -21.07
C VAL H 109 3.38 47.74 -21.60
N SER H 110 3.23 48.84 -20.87
CA SER H 110 3.83 50.09 -21.30
C SER H 110 5.34 50.01 -21.30
N GLU H 111 5.93 49.55 -20.19
CA GLU H 111 7.39 49.45 -20.14
C GLU H 111 7.90 48.43 -21.15
N GLY H 112 7.12 47.36 -21.38
CA GLY H 112 7.51 46.38 -22.38
C GLY H 112 7.50 46.92 -23.79
N THR H 113 6.50 47.73 -24.13
CA THR H 113 6.48 48.35 -25.46
C THR H 113 7.60 49.37 -25.61
N LYS H 114 7.92 50.09 -24.52
CA LYS H 114 9.08 50.97 -24.56
C LYS H 114 10.36 50.17 -24.81
N ALA H 115 10.48 49.01 -24.14
CA ALA H 115 11.64 48.16 -24.35
C ALA H 115 11.71 47.63 -25.78
N VAL H 116 10.56 47.25 -26.34
CA VAL H 116 10.56 46.73 -27.71
C VAL H 116 10.97 47.82 -28.69
N THR H 117 10.47 49.06 -28.50
CA THR H 117 10.85 50.14 -29.41
C THR H 117 12.33 50.47 -29.27
N CYS H 118 12.84 50.53 -28.04
CA CYS H 118 14.24 50.92 -27.85
C CYS H 118 15.19 49.83 -28.29
N TYR H 119 14.78 48.56 -28.23
CA TYR H 119 15.65 47.49 -28.71
C TYR H 119 15.60 47.41 -30.23
N THR H 120 14.42 47.50 -30.82
CA THR H 120 14.30 47.37 -32.28
C THR H 120 14.91 48.55 -33.01
N SER H 121 14.85 49.76 -32.42
CA SER H 121 15.41 50.92 -33.09
C SER H 121 16.91 50.78 -33.31
N ALA H 122 17.64 50.32 -32.30
CA ALA H 122 19.09 50.12 -32.36
C ALA H 122 19.40 48.70 -31.92
N LYS H 123 19.92 47.90 -32.85
CA LYS H 123 20.25 46.50 -32.57
C LYS H 123 21.75 46.25 -32.67
N LYS K 33 -2.70 -52.47 7.85
CA LYS K 33 -3.31 -52.65 9.16
C LYS K 33 -2.56 -51.86 10.23
N PRO K 34 -3.31 -51.10 11.03
CA PRO K 34 -2.69 -50.37 12.16
C PRO K 34 -2.34 -51.34 13.29
N ASN K 35 -1.05 -51.60 13.45
CA ASN K 35 -0.57 -52.56 14.45
C ASN K 35 -0.13 -51.84 15.73
N TYR K 36 -1.11 -51.24 16.41
CA TYR K 36 -0.87 -50.51 17.65
C TYR K 36 -0.75 -51.52 18.79
N ALA K 37 0.47 -51.70 19.29
CA ALA K 37 0.73 -52.62 20.38
C ALA K 37 1.12 -51.85 21.63
N LEU K 38 0.62 -52.31 22.78
CA LEU K 38 0.88 -51.63 24.04
C LEU K 38 2.35 -51.76 24.43
N LYS K 39 2.93 -50.65 24.91
CA LYS K 39 4.32 -50.66 25.35
C LYS K 39 4.50 -50.16 26.78
N PHE K 40 3.74 -49.17 27.20
CA PHE K 40 3.85 -48.62 28.56
C PHE K 40 2.47 -48.55 29.20
N THR K 41 2.34 -49.15 30.37
CA THR K 41 1.10 -49.12 31.15
C THR K 41 1.32 -48.17 32.32
N LEU K 42 0.62 -47.04 32.29
CA LEU K 42 0.82 -45.96 33.26
C LEU K 42 -0.36 -45.89 34.21
N ALA K 43 -0.08 -45.90 35.51
CA ALA K 43 -1.12 -45.77 36.52
C ALA K 43 -0.47 -45.13 37.76
N GLY K 44 -0.64 -43.81 37.88
CA GLY K 44 -0.04 -43.08 38.99
C GLY K 44 -1.05 -42.35 39.83
N HIS K 45 -2.23 -42.09 39.28
CA HIS K 45 -3.26 -41.34 39.98
C HIS K 45 -3.97 -42.24 40.99
N THR K 46 -4.94 -41.65 41.70
CA THR K 46 -5.64 -42.34 42.79
C THR K 46 -7.11 -42.60 42.48
N LYS K 47 -7.87 -41.56 42.14
CA LYS K 47 -9.31 -41.72 41.96
C LYS K 47 -9.64 -42.43 40.65
N ALA K 48 -9.32 -41.79 39.52
CA ALA K 48 -9.58 -42.36 38.20
C ALA K 48 -8.87 -41.57 37.11
N VAL K 49 -8.05 -42.24 36.29
CA VAL K 49 -7.41 -41.56 35.18
C VAL K 49 -8.41 -41.46 34.04
N SER K 50 -9.15 -40.35 34.00
CA SER K 50 -10.23 -40.17 33.04
C SER K 50 -9.97 -39.02 32.08
N SER K 51 -8.74 -38.52 32.02
CA SER K 51 -8.41 -37.42 31.12
C SER K 51 -6.92 -37.47 30.79
N VAL K 52 -6.60 -38.01 29.62
CA VAL K 52 -5.25 -37.93 29.05
C VAL K 52 -5.38 -37.38 27.64
N LYS K 53 -4.61 -36.33 27.33
CA LYS K 53 -4.68 -35.67 26.04
C LYS K 53 -3.28 -35.51 25.48
N PHE K 54 -3.09 -35.98 24.25
CA PHE K 54 -1.82 -35.81 23.54
C PHE K 54 -1.82 -34.44 22.88
N SER K 55 -0.91 -33.57 23.33
CA SER K 55 -0.84 -32.22 22.79
C SER K 55 -0.37 -32.26 21.34
N PRO K 56 -0.84 -31.32 20.51
CA PRO K 56 -0.48 -31.34 19.08
C PRO K 56 1.00 -31.21 18.82
N ASN K 57 1.78 -30.67 19.77
CA ASN K 57 3.22 -30.67 19.62
C ASN K 57 3.84 -31.99 20.05
N GLY K 58 3.10 -32.81 20.78
CA GLY K 58 3.53 -34.16 21.11
C GLY K 58 4.78 -34.26 21.96
N GLU K 59 4.86 -33.49 23.03
CA GLU K 59 6.01 -33.51 23.93
CA GLU K 59 6.01 -33.51 23.93
C GLU K 59 5.79 -34.36 25.17
N TRP K 60 4.75 -34.07 25.95
CA TRP K 60 4.49 -34.81 27.17
CA TRP K 60 4.49 -34.78 27.19
C TRP K 60 2.99 -35.05 27.31
N LEU K 61 2.65 -35.92 28.27
CA LEU K 61 1.26 -36.26 28.54
C LEU K 61 0.86 -35.69 29.90
N ALA K 62 -0.20 -34.89 29.92
CA ALA K 62 -0.69 -34.26 31.15
C ALA K 62 -1.87 -35.07 31.67
N SER K 63 -1.56 -36.18 32.34
CA SER K 63 -2.61 -37.03 32.87
C SER K 63 -3.33 -36.34 34.02
N SER K 64 -4.65 -36.52 34.06
CA SER K 64 -5.49 -35.88 35.06
C SER K 64 -6.42 -36.92 35.68
N SER K 65 -6.83 -36.66 36.92
CA SER K 65 -7.75 -37.52 37.65
C SER K 65 -8.66 -36.66 38.52
N ALA K 66 -9.63 -37.29 39.16
CA ALA K 66 -10.53 -36.59 40.06
C ALA K 66 -9.97 -36.54 41.48
N ASP K 67 -8.70 -36.14 41.60
CA ASP K 67 -8.04 -36.02 42.88
C ASP K 67 -7.15 -34.78 42.95
N LYS K 68 -7.55 -33.72 42.26
CA LYS K 68 -6.81 -32.44 42.18
C LYS K 68 -5.31 -32.65 41.95
N LEU K 69 -5.00 -33.54 41.00
CA LEU K 69 -3.62 -33.83 40.62
C LEU K 69 -3.47 -33.76 39.10
N ILE K 70 -2.36 -33.22 38.64
CA ILE K 70 -2.04 -33.13 37.21
C ILE K 70 -0.62 -33.68 37.04
N LYS K 71 -0.51 -34.94 36.64
CA LYS K 71 0.79 -35.61 36.57
C LYS K 71 1.32 -35.57 35.15
N ILE K 72 2.55 -35.09 34.99
CA ILE K 72 3.18 -34.99 33.68
C ILE K 72 4.03 -36.24 33.46
N TRP K 73 3.66 -37.05 32.49
CA TRP K 73 4.37 -38.27 32.12
C TRP K 73 5.01 -38.09 30.75
N GLY K 74 5.97 -38.96 30.44
CA GLY K 74 6.61 -38.94 29.15
C GLY K 74 5.72 -39.48 28.05
N ALA K 75 6.22 -39.37 26.82
CA ALA K 75 5.48 -39.80 25.64
C ALA K 75 6.10 -41.05 25.01
N TYR K 76 7.40 -41.00 24.68
CA TYR K 76 8.08 -42.13 24.07
C TYR K 76 8.81 -43.01 25.07
N ASP K 77 8.89 -42.59 26.34
CA ASP K 77 9.54 -43.40 27.37
C ASP K 77 8.75 -43.49 28.66
N GLY K 78 7.66 -42.74 28.82
CA GLY K 78 6.90 -42.78 30.06
C GLY K 78 7.66 -42.29 31.27
N LYS K 79 8.52 -41.30 31.10
CA LYS K 79 9.31 -40.78 32.21
C LYS K 79 8.46 -39.85 33.07
N PHE K 80 8.67 -39.93 34.39
CA PHE K 80 7.91 -39.12 35.34
C PHE K 80 8.51 -37.73 35.42
N GLU K 81 7.74 -36.71 35.04
CA GLU K 81 8.24 -35.34 35.05
C GLU K 81 7.99 -34.66 36.39
N LYS K 82 6.72 -34.51 36.76
CA LYS K 82 6.34 -33.96 38.06
C LYS K 82 4.84 -34.16 38.24
N THR K 83 4.32 -33.64 39.36
CA THR K 83 2.90 -33.69 39.67
C THR K 83 2.48 -32.28 40.11
N ILE K 84 1.91 -31.51 39.17
CA ILE K 84 1.41 -30.19 39.49
C ILE K 84 0.10 -30.30 40.24
N SER K 85 0.01 -29.57 41.36
CA SER K 85 -1.17 -29.58 42.21
C SER K 85 -1.48 -28.14 42.61
N GLY K 86 -2.61 -27.96 43.29
CA GLY K 86 -2.99 -26.63 43.73
C GLY K 86 -4.49 -26.39 43.71
N HIS K 87 -5.24 -27.27 43.04
CA HIS K 87 -6.69 -27.15 43.02
C HIS K 87 -7.27 -27.74 44.30
N LYS K 88 -8.60 -27.86 44.35
CA LYS K 88 -9.28 -28.36 45.54
C LYS K 88 -10.07 -29.64 45.30
N LEU K 89 -10.68 -29.80 44.13
CA LEU K 89 -11.36 -31.05 43.80
C LEU K 89 -10.94 -31.51 42.41
N GLY K 90 -11.47 -32.64 41.96
CA GLY K 90 -11.03 -33.23 40.71
C GLY K 90 -11.23 -32.34 39.50
N ILE K 91 -10.66 -32.79 38.38
CA ILE K 91 -10.65 -32.05 37.13
C ILE K 91 -11.44 -32.84 36.09
N SER K 92 -12.28 -32.13 35.33
CA SER K 92 -13.09 -32.74 34.29
C SER K 92 -12.38 -32.82 32.95
N ASP K 93 -11.67 -31.78 32.55
CA ASP K 93 -10.99 -31.76 31.26
C ASP K 93 -9.69 -30.97 31.37
N VAL K 94 -8.65 -31.46 30.72
CA VAL K 94 -7.35 -30.82 30.70
C VAL K 94 -6.92 -30.62 29.26
N ALA K 95 -6.31 -29.47 28.98
CA ALA K 95 -5.89 -29.15 27.63
C ALA K 95 -4.63 -28.30 27.66
N TRP K 96 -3.75 -28.56 26.68
CA TRP K 96 -2.56 -27.76 26.43
C TRP K 96 -2.75 -26.98 25.13
N SER K 97 -2.04 -25.86 25.04
CA SER K 97 -2.11 -25.01 23.85
C SER K 97 -1.34 -25.68 22.70
N SER K 98 -1.25 -24.98 21.58
CA SER K 98 -0.48 -25.49 20.45
CA SER K 98 -0.48 -25.49 20.45
C SER K 98 1.00 -25.64 20.82
N ASP K 99 1.55 -24.67 21.53
CA ASP K 99 2.93 -24.73 22.01
C ASP K 99 3.06 -25.50 23.32
N SER K 100 1.94 -25.96 23.88
CA SER K 100 1.93 -26.71 25.14
C SER K 100 2.61 -25.94 26.27
N ASN K 101 2.37 -24.64 26.32
CA ASN K 101 2.85 -23.79 27.41
C ASN K 101 1.74 -23.47 28.41
N LEU K 102 0.62 -22.94 27.92
CA LEU K 102 -0.56 -22.77 28.77
C LEU K 102 -1.21 -24.12 29.03
N LEU K 103 -1.83 -24.26 30.19
CA LEU K 103 -2.47 -25.50 30.62
C LEU K 103 -3.77 -25.15 31.32
N VAL K 104 -4.90 -25.58 30.75
CA VAL K 104 -6.22 -25.33 31.33
C VAL K 104 -6.75 -26.64 31.89
N SER K 105 -7.32 -26.58 33.09
CA SER K 105 -7.89 -27.73 33.77
C SER K 105 -9.26 -27.37 34.30
N ALA K 106 -10.23 -28.25 34.07
CA ALA K 106 -11.62 -28.00 34.47
C ALA K 106 -11.82 -28.42 35.93
N SER K 107 -11.19 -27.66 36.82
CA SER K 107 -11.40 -27.87 38.24
C SER K 107 -12.73 -27.25 38.68
N ASP K 108 -13.48 -28.01 39.48
CA ASP K 108 -14.83 -27.62 39.85
C ASP K 108 -14.90 -26.92 41.21
N ASP K 109 -13.82 -26.25 41.62
CA ASP K 109 -13.82 -25.44 42.83
C ASP K 109 -14.12 -23.98 42.55
N LYS K 110 -14.89 -23.69 41.51
CA LYS K 110 -15.23 -22.35 41.04
C LYS K 110 -14.02 -21.57 40.54
N THR K 111 -12.87 -22.23 40.37
CA THR K 111 -11.66 -21.58 39.89
C THR K 111 -10.95 -22.49 38.91
N LEU K 112 -10.28 -21.86 37.95
CA LEU K 112 -9.37 -22.54 37.04
C LEU K 112 -8.03 -21.81 37.07
N LYS K 113 -6.96 -22.57 36.87
CA LYS K 113 -5.62 -22.01 36.94
C LYS K 113 -4.77 -22.58 35.81
N ILE K 114 -3.78 -21.79 35.39
CA ILE K 114 -2.80 -22.20 34.39
C ILE K 114 -1.51 -22.54 35.11
N TRP K 115 -0.95 -23.71 34.79
CA TRP K 115 0.27 -24.19 35.40
C TRP K 115 1.38 -24.20 34.35
N ASP K 116 2.51 -23.58 34.69
CA ASP K 116 3.64 -23.52 33.76
C ASP K 116 4.21 -24.92 33.58
N VAL K 117 4.38 -25.33 32.31
CA VAL K 117 4.89 -26.67 32.03
C VAL K 117 6.34 -26.80 32.47
N SER K 118 7.10 -25.70 32.47
CA SER K 118 8.50 -25.76 32.86
C SER K 118 8.64 -25.99 34.36
N SER K 119 7.82 -25.32 35.18
CA SER K 119 7.94 -25.39 36.62
C SER K 119 6.75 -26.07 37.29
N GLY K 120 5.53 -25.59 37.02
CA GLY K 120 4.35 -26.17 37.65
C GLY K 120 3.72 -25.29 38.71
N LYS K 121 3.70 -23.99 38.47
CA LYS K 121 3.17 -23.01 39.40
CA LYS K 121 3.15 -23.03 39.41
C LYS K 121 1.98 -22.27 38.77
N CYS K 122 1.15 -21.69 39.63
CA CYS K 122 -0.04 -20.97 39.17
C CYS K 122 0.37 -19.69 38.45
N LEU K 123 -0.18 -19.50 37.25
CA LEU K 123 0.12 -18.29 36.48
C LEU K 123 -0.96 -17.23 36.67
N LYS K 124 -2.21 -17.55 36.37
CA LYS K 124 -3.30 -16.60 36.45
C LYS K 124 -4.58 -17.32 36.85
N THR K 125 -5.55 -16.55 37.33
CA THR K 125 -6.82 -17.08 37.81
C THR K 125 -7.89 -16.92 36.74
N LEU K 126 -8.89 -17.80 36.80
CA LEU K 126 -10.01 -17.82 35.87
C LEU K 126 -11.34 -17.72 36.60
N LYS K 127 -11.43 -16.81 37.57
CA LYS K 127 -12.64 -16.64 38.34
C LYS K 127 -13.77 -16.10 37.46
N GLY K 128 -15.00 -16.47 37.82
CA GLY K 128 -16.17 -16.01 37.08
C GLY K 128 -17.26 -17.05 36.92
N HIS K 129 -16.90 -18.33 36.95
CA HIS K 129 -17.89 -19.39 36.84
C HIS K 129 -18.69 -19.51 38.13
N SER K 130 -19.93 -19.95 38.01
CA SER K 130 -20.85 -20.02 39.16
C SER K 130 -21.01 -21.42 39.71
N ASN K 131 -20.59 -22.46 39.01
CA ASN K 131 -20.82 -23.83 39.44
C ASN K 131 -19.65 -24.69 38.99
N TYR K 132 -19.84 -26.01 39.02
CA TYR K 132 -18.79 -26.94 38.60
C TYR K 132 -18.40 -26.69 37.16
N VAL K 133 -17.10 -26.71 36.90
CA VAL K 133 -16.59 -26.51 35.54
C VAL K 133 -16.62 -27.84 34.80
N PHE K 134 -17.33 -27.88 33.67
CA PHE K 134 -17.55 -29.11 32.93
C PHE K 134 -16.66 -29.25 31.70
N CYS K 135 -16.27 -28.16 31.06
CA CYS K 135 -15.50 -28.19 29.84
C CYS K 135 -14.60 -26.97 29.73
N CYS K 136 -13.47 -27.14 29.04
CA CYS K 136 -12.51 -26.06 28.82
C CYS K 136 -11.48 -26.54 27.81
N ASN K 137 -11.05 -25.63 26.94
CA ASN K 137 -10.05 -25.96 25.92
C ASN K 137 -9.24 -24.70 25.60
N PHE K 138 -8.49 -24.75 24.51
CA PHE K 138 -7.55 -23.71 24.13
C PHE K 138 -7.72 -23.35 22.67
N ASN K 139 -6.93 -22.37 22.23
CA ASN K 139 -6.92 -21.87 20.86
C ASN K 139 -5.58 -22.22 20.21
N PRO K 140 -5.58 -22.76 18.99
CA PRO K 140 -4.30 -23.00 18.30
C PRO K 140 -3.47 -21.75 18.11
N GLN K 141 -4.09 -20.58 18.00
CA GLN K 141 -3.36 -19.33 17.90
C GLN K 141 -2.71 -18.93 19.22
N SER K 142 -3.01 -19.62 20.32
CA SER K 142 -2.45 -19.34 21.64
C SER K 142 -2.75 -17.92 22.09
N ASN K 143 -3.98 -17.48 21.84
CA ASN K 143 -4.41 -16.14 22.25
C ASN K 143 -5.79 -16.12 22.91
N LEU K 144 -6.52 -17.22 22.90
CA LEU K 144 -7.88 -17.26 23.43
C LEU K 144 -8.09 -18.53 24.23
N ILE K 145 -8.99 -18.45 25.20
CA ILE K 145 -9.37 -19.58 26.05
C ILE K 145 -10.87 -19.60 26.18
N VAL K 146 -11.46 -20.80 26.18
CA VAL K 146 -12.89 -20.99 26.41
C VAL K 146 -13.08 -21.96 27.57
N SER K 147 -13.98 -21.62 28.49
CA SER K 147 -14.30 -22.47 29.62
C SER K 147 -15.81 -22.51 29.77
N GLY K 148 -16.29 -23.60 30.38
CA GLY K 148 -17.72 -23.80 30.51
C GLY K 148 -18.08 -24.44 31.83
N SER K 149 -19.23 -24.04 32.37
CA SER K 149 -19.72 -24.58 33.64
C SER K 149 -21.22 -24.82 33.50
N PHE K 150 -21.88 -25.00 34.63
CA PHE K 150 -23.33 -25.23 34.66
C PHE K 150 -24.12 -23.94 34.65
N ASP K 151 -23.53 -22.82 34.23
CA ASP K 151 -24.22 -21.55 34.11
C ASP K 151 -24.76 -21.32 32.70
N GLU K 152 -25.05 -22.41 31.98
CA GLU K 152 -25.59 -22.42 30.62
C GLU K 152 -24.92 -21.38 29.73
N SER K 153 -23.61 -21.22 29.86
CA SER K 153 -22.87 -20.26 29.06
C SER K 153 -21.41 -20.67 29.00
N VAL K 154 -20.68 -20.07 28.07
CA VAL K 154 -19.25 -20.29 27.89
C VAL K 154 -18.55 -18.94 27.99
N ARG K 155 -17.45 -18.93 28.73
CA ARG K 155 -16.75 -17.70 29.05
C ARG K 155 -15.33 -17.74 28.49
N ILE K 156 -14.78 -16.55 28.24
CA ILE K 156 -13.43 -16.38 27.77
C ILE K 156 -12.71 -15.41 28.71
N TRP K 157 -11.39 -15.58 28.79
CA TRP K 157 -10.57 -14.75 29.67
C TRP K 157 -9.33 -14.30 28.93
N ASP K 158 -8.79 -13.15 29.34
CA ASP K 158 -7.54 -12.67 28.79
C ASP K 158 -6.39 -13.57 29.22
N VAL K 159 -5.54 -13.92 28.26
CA VAL K 159 -4.45 -14.84 28.56
C VAL K 159 -3.36 -14.16 29.39
N LYS K 160 -3.22 -12.84 29.29
CA LYS K 160 -2.17 -12.16 30.04
C LYS K 160 -2.55 -11.98 31.51
N THR K 161 -3.82 -11.71 31.80
CA THR K 161 -4.26 -11.46 33.16
C THR K 161 -5.24 -12.49 33.68
N GLY K 162 -6.30 -12.79 32.93
CA GLY K 162 -7.30 -13.74 33.37
C GLY K 162 -8.53 -13.11 33.97
N LYS K 163 -8.99 -12.02 33.37
CA LYS K 163 -10.18 -11.30 33.82
C LYS K 163 -11.39 -11.73 33.00
N CYS K 164 -12.57 -11.31 33.46
CA CYS K 164 -13.81 -11.66 32.76
C CYS K 164 -13.97 -10.77 31.53
N LEU K 165 -14.20 -11.41 30.38
CA LEU K 165 -14.36 -10.69 29.12
C LEU K 165 -15.75 -10.88 28.52
N LYS K 166 -16.21 -12.12 28.36
CA LYS K 166 -17.49 -12.37 27.70
C LYS K 166 -18.14 -13.61 28.31
N THR K 167 -19.47 -13.65 28.22
CA THR K 167 -20.29 -14.77 28.66
C THR K 167 -21.30 -15.07 27.56
N LEU K 168 -20.92 -15.92 26.61
CA LEU K 168 -21.79 -16.23 25.48
C LEU K 168 -22.73 -17.38 25.86
N PRO K 169 -24.05 -17.21 25.71
CA PRO K 169 -24.97 -18.31 26.05
C PRO K 169 -24.81 -19.48 25.10
N ALA K 170 -24.29 -20.61 25.60
CA ALA K 170 -24.04 -21.75 24.72
C ALA K 170 -25.31 -22.57 24.49
N HIS K 171 -25.87 -23.12 25.57
CA HIS K 171 -27.05 -23.97 25.47
C HIS K 171 -27.88 -23.80 26.74
N SER K 172 -28.99 -24.54 26.80
CA SER K 172 -29.82 -24.59 28.00
CA SER K 172 -29.82 -24.59 28.00
C SER K 172 -29.43 -25.73 28.94
N ASP K 173 -28.43 -26.52 28.57
CA ASP K 173 -27.92 -27.64 29.34
C ASP K 173 -26.41 -27.52 29.44
N PRO K 174 -25.79 -28.17 30.42
CA PRO K 174 -24.34 -28.02 30.60
C PRO K 174 -23.58 -28.46 29.35
N VAL K 175 -22.52 -27.70 29.04
CA VAL K 175 -21.73 -27.92 27.84
C VAL K 175 -20.73 -29.04 28.11
N SER K 176 -20.76 -30.09 27.30
CA SER K 176 -19.90 -31.25 27.52
C SER K 176 -18.55 -31.11 26.81
N ALA K 177 -18.50 -30.35 25.72
CA ALA K 177 -17.26 -30.18 24.98
C ALA K 177 -17.29 -28.86 24.21
N VAL K 178 -16.14 -28.22 24.10
CA VAL K 178 -15.99 -26.98 23.35
C VAL K 178 -14.51 -26.84 22.97
N HIS K 179 -14.28 -26.42 21.72
CA HIS K 179 -12.91 -26.27 21.24
C HIS K 179 -12.89 -25.31 20.06
N PHE K 180 -11.73 -24.70 19.84
CA PHE K 180 -11.55 -23.80 18.71
C PHE K 180 -11.27 -24.57 17.44
N ASN K 181 -11.37 -23.86 16.31
CA ASN K 181 -10.98 -24.42 15.03
C ASN K 181 -9.49 -24.21 14.78
N ARG K 182 -8.96 -24.95 13.81
CA ARG K 182 -7.55 -24.81 13.47
C ARG K 182 -7.25 -23.44 12.89
N ASP K 183 -8.24 -22.78 12.29
CA ASP K 183 -8.08 -21.45 11.75
C ASP K 183 -8.26 -20.36 12.80
N GLY K 184 -8.66 -20.71 14.02
CA GLY K 184 -8.85 -19.73 15.07
C GLY K 184 -9.95 -18.73 14.82
N SER K 185 -11.07 -19.18 14.25
CA SER K 185 -12.19 -18.28 13.98
C SER K 185 -13.55 -18.82 14.39
N LEU K 186 -13.70 -20.11 14.69
CA LEU K 186 -15.00 -20.70 14.98
C LEU K 186 -14.89 -21.55 16.24
N ILE K 187 -16.05 -21.77 16.86
CA ILE K 187 -16.18 -22.61 18.04
C ILE K 187 -17.34 -23.57 17.81
N VAL K 188 -17.21 -24.81 18.26
CA VAL K 188 -18.29 -25.79 18.19
C VAL K 188 -18.75 -26.09 19.61
N SER K 189 -20.05 -25.93 19.86
CA SER K 189 -20.61 -26.12 21.19
C SER K 189 -21.51 -27.34 21.20
N SER K 190 -21.21 -28.28 22.11
CA SER K 190 -21.98 -29.53 22.23
C SER K 190 -22.43 -29.70 23.67
N SER K 191 -23.69 -30.10 23.86
CA SER K 191 -24.26 -30.35 25.17
C SER K 191 -25.14 -31.58 25.11
N TYR K 192 -25.82 -31.86 26.23
CA TYR K 192 -26.74 -32.99 26.32
C TYR K 192 -28.06 -32.75 25.62
N ASP K 193 -28.21 -31.62 24.93
CA ASP K 193 -29.46 -31.33 24.23
C ASP K 193 -29.51 -32.06 22.88
N GLY K 194 -28.57 -31.75 21.99
CA GLY K 194 -28.48 -32.46 20.73
C GLY K 194 -28.28 -31.58 19.51
N LEU K 195 -28.84 -30.38 19.53
CA LEU K 195 -28.75 -29.47 18.39
C LEU K 195 -27.37 -28.82 18.41
N CYS K 196 -26.52 -29.23 17.47
CA CYS K 196 -25.16 -28.71 17.42
CA CYS K 196 -25.15 -28.71 17.41
C CYS K 196 -25.16 -27.24 17.00
N ARG K 197 -24.17 -26.50 17.48
CA ARG K 197 -24.07 -25.07 17.18
C ARG K 197 -22.63 -24.67 16.90
N ILE K 198 -22.47 -23.82 15.89
CA ILE K 198 -21.18 -23.25 15.51
C ILE K 198 -21.23 -21.75 15.78
N TRP K 199 -20.37 -21.29 16.68
CA TRP K 199 -20.38 -19.92 17.17
C TRP K 199 -19.19 -19.15 16.59
N ASP K 200 -19.44 -17.92 16.17
CA ASP K 200 -18.41 -17.04 15.65
C ASP K 200 -17.61 -16.45 16.80
N THR K 201 -16.28 -16.55 16.70
CA THR K 201 -15.40 -15.91 17.69
C THR K 201 -15.32 -14.40 17.49
N ALA K 202 -15.59 -13.92 16.27
CA ALA K 202 -15.48 -12.49 16.00
C ALA K 202 -16.66 -11.69 16.52
N SER K 203 -17.80 -12.34 16.79
CA SER K 203 -18.99 -11.63 17.27
C SER K 203 -19.69 -12.31 18.44
N GLY K 204 -19.38 -13.56 18.75
CA GLY K 204 -20.04 -14.25 19.84
C GLY K 204 -21.41 -14.80 19.53
N GLN K 205 -21.84 -14.78 18.27
CA GLN K 205 -23.14 -15.27 17.87
C GLN K 205 -22.98 -16.51 17.00
N CYS K 206 -23.92 -17.44 17.16
CA CYS K 206 -23.86 -18.71 16.45
C CYS K 206 -24.11 -18.52 14.96
N LEU K 207 -23.32 -19.22 14.15
CA LEU K 207 -23.45 -19.19 12.70
C LEU K 207 -24.49 -20.21 12.21
N LYS K 208 -24.30 -21.49 12.57
CA LYS K 208 -25.20 -22.55 12.16
C LYS K 208 -25.67 -23.33 13.37
N THR K 209 -26.98 -23.55 13.45
CA THR K 209 -27.60 -24.36 14.49
C THR K 209 -28.20 -25.58 13.79
N LEU K 210 -27.44 -26.68 13.76
CA LEU K 210 -27.89 -27.93 13.17
C LEU K 210 -28.85 -28.61 14.14
N ILE K 211 -30.09 -28.78 13.71
CA ILE K 211 -31.17 -29.28 14.56
C ILE K 211 -31.48 -30.72 14.13
N ASP K 212 -31.49 -31.62 15.11
CA ASP K 212 -31.83 -33.02 14.87
C ASP K 212 -33.21 -33.31 15.45
N ASP K 213 -34.06 -33.97 14.66
CA ASP K 213 -35.43 -34.22 15.07
C ASP K 213 -35.50 -35.10 16.31
N ASP K 214 -34.71 -36.18 16.33
CA ASP K 214 -34.74 -37.07 17.49
C ASP K 214 -34.10 -36.44 18.72
N ASN K 215 -33.30 -35.39 18.53
CA ASN K 215 -32.63 -34.66 19.59
C ASN K 215 -31.85 -35.59 20.52
N PRO K 216 -30.86 -36.33 20.02
CA PRO K 216 -30.09 -37.22 20.89
C PRO K 216 -28.95 -36.47 21.56
N PRO K 217 -28.71 -36.73 22.84
CA PRO K 217 -27.68 -35.97 23.56
C PRO K 217 -26.30 -36.18 22.98
N VAL K 218 -25.49 -35.12 23.01
CA VAL K 218 -24.13 -35.13 22.46
C VAL K 218 -23.15 -35.04 23.62
N SER K 219 -21.97 -35.63 23.44
CA SER K 219 -20.94 -35.66 24.48
C SER K 219 -19.66 -34.95 24.09
N PHE K 220 -19.21 -35.07 22.85
CA PHE K 220 -17.95 -34.45 22.45
C PHE K 220 -17.98 -34.06 20.99
N VAL K 221 -17.23 -33.00 20.67
CA VAL K 221 -17.05 -32.53 19.30
C VAL K 221 -15.59 -32.14 19.11
N LYS K 222 -15.12 -32.21 17.86
CA LYS K 222 -13.75 -31.83 17.54
C LYS K 222 -13.72 -31.24 16.14
N PHE K 223 -12.97 -30.15 15.99
CA PHE K 223 -12.88 -29.45 14.71
C PHE K 223 -12.01 -30.21 13.72
N SER K 224 -12.40 -30.18 12.46
CA SER K 224 -11.62 -30.77 11.39
C SER K 224 -10.46 -29.84 11.01
N PRO K 225 -9.39 -30.39 10.42
CA PRO K 225 -8.29 -29.53 9.99
C PRO K 225 -8.70 -28.44 9.02
N ASN K 226 -9.63 -28.73 8.10
CA ASN K 226 -10.14 -27.71 7.20
C ASN K 226 -11.29 -26.92 7.81
N GLY K 227 -11.79 -27.33 8.98
CA GLY K 227 -12.89 -26.64 9.61
C GLY K 227 -14.20 -26.73 8.86
N LYS K 228 -14.55 -27.91 8.36
CA LYS K 228 -15.79 -28.09 7.61
C LYS K 228 -16.65 -29.19 8.23
N TYR K 229 -16.00 -30.24 8.72
CA TYR K 229 -16.70 -31.36 9.35
C TYR K 229 -16.52 -31.28 10.86
N ILE K 230 -17.54 -31.74 11.58
CA ILE K 230 -17.47 -31.84 13.04
C ILE K 230 -17.90 -33.24 13.42
N LEU K 231 -17.36 -33.77 14.51
CA LEU K 231 -17.68 -35.13 14.95
C LEU K 231 -18.42 -35.03 16.28
N ALA K 232 -19.75 -35.10 16.21
CA ALA K 232 -20.60 -35.03 17.40
C ALA K 232 -20.67 -36.42 18.03
N ALA K 233 -19.98 -36.59 19.16
CA ALA K 233 -19.97 -37.87 19.88
C ALA K 233 -21.31 -38.02 20.58
N THR K 234 -22.31 -38.42 19.80
CA THR K 234 -23.68 -38.44 20.27
C THR K 234 -23.93 -39.62 21.21
N LEU K 235 -24.81 -39.40 22.20
CA LEU K 235 -25.14 -40.42 23.19
C LEU K 235 -26.31 -41.28 22.71
N ASP K 236 -26.10 -41.91 21.56
CA ASP K 236 -27.08 -42.85 21.01
C ASP K 236 -26.41 -44.04 20.34
N ASN K 237 -25.24 -44.45 20.87
CA ASN K 237 -24.43 -45.51 20.28
C ASN K 237 -24.04 -45.17 18.85
N THR K 238 -23.87 -43.88 18.56
CA THR K 238 -23.58 -43.44 17.20
C THR K 238 -22.74 -42.17 17.26
N LEU K 239 -21.57 -42.20 16.63
CA LEU K 239 -20.76 -41.00 16.45
C LEU K 239 -21.23 -40.29 15.18
N LYS K 240 -22.36 -39.59 15.29
CA LYS K 240 -22.97 -38.85 14.19
C LYS K 240 -22.17 -37.58 13.91
N LEU K 241 -21.29 -37.61 12.92
CA LEU K 241 -20.63 -36.38 12.52
C LEU K 241 -21.53 -35.54 11.60
N TRP K 242 -21.33 -34.23 11.64
CA TRP K 242 -22.18 -33.29 10.92
C TRP K 242 -21.35 -32.45 9.97
N ASP K 243 -21.98 -32.02 8.89
CA ASP K 243 -21.41 -31.05 7.96
C ASP K 243 -22.25 -29.80 8.04
N TYR K 244 -21.62 -28.66 8.36
CA TYR K 244 -22.34 -27.39 8.49
C TYR K 244 -22.34 -26.58 7.20
N SER K 245 -21.95 -27.21 6.09
CA SER K 245 -22.03 -26.56 4.79
C SER K 245 -23.48 -26.33 4.36
N LYS K 246 -24.34 -27.35 4.48
CA LYS K 246 -25.73 -27.24 4.08
C LYS K 246 -26.72 -27.76 5.09
N GLY K 247 -26.31 -28.52 6.10
CA GLY K 247 -27.21 -29.01 7.12
C GLY K 247 -27.95 -30.27 6.72
N LYS K 248 -27.22 -31.31 6.38
CA LYS K 248 -27.80 -32.57 5.93
C LYS K 248 -27.32 -33.72 6.80
N CYS K 249 -28.22 -34.64 7.12
CA CYS K 249 -27.86 -35.81 7.90
C CYS K 249 -27.00 -36.76 7.08
N LEU K 250 -25.92 -37.25 7.68
CA LEU K 250 -24.95 -38.08 6.99
C LEU K 250 -25.00 -39.52 7.52
N LYS K 251 -24.06 -40.35 7.07
CA LYS K 251 -24.04 -41.77 7.38
C LYS K 251 -23.87 -42.02 8.88
N THR K 252 -24.14 -43.26 9.28
CA THR K 252 -24.21 -43.64 10.69
C THR K 252 -23.01 -44.48 11.09
N TYR K 253 -22.30 -44.01 12.12
CA TYR K 253 -21.16 -44.74 12.70
C TYR K 253 -21.66 -45.61 13.85
N THR K 254 -21.69 -46.92 13.61
CA THR K 254 -22.12 -47.90 14.61
C THR K 254 -20.94 -48.83 14.91
N GLY K 255 -21.21 -49.91 15.63
CA GLY K 255 -20.18 -50.84 16.05
C GLY K 255 -19.55 -50.53 17.39
N HIS K 256 -20.19 -49.70 18.20
CA HIS K 256 -19.68 -49.34 19.52
C HIS K 256 -20.89 -48.98 20.39
N LYS K 257 -20.61 -48.58 21.62
CA LYS K 257 -21.65 -48.22 22.59
C LYS K 257 -21.39 -46.81 23.09
N ASN K 258 -22.38 -45.93 22.91
CA ASN K 258 -22.28 -44.55 23.39
C ASN K 258 -23.69 -44.08 23.75
N GLU K 259 -24.03 -44.19 25.03
CA GLU K 259 -25.36 -43.83 25.52
C GLU K 259 -25.34 -42.85 26.67
N LYS K 260 -24.40 -42.98 27.60
CA LYS K 260 -24.45 -42.25 28.86
C LYS K 260 -23.26 -41.33 29.09
N TYR K 261 -22.04 -41.85 28.96
CA TYR K 261 -20.86 -41.13 29.43
C TYR K 261 -20.28 -40.24 28.35
N CYS K 262 -19.47 -39.26 28.78
CA CYS K 262 -18.90 -38.24 27.90
C CYS K 262 -17.70 -38.84 27.16
N ILE K 263 -18.00 -39.55 26.08
CA ILE K 263 -16.97 -40.19 25.29
C ILE K 263 -16.42 -39.21 24.27
N PHE K 264 -15.10 -39.10 24.18
CA PHE K 264 -14.44 -38.18 23.26
C PHE K 264 -14.10 -38.90 21.95
N ALA K 265 -13.37 -38.20 21.09
CA ALA K 265 -12.92 -38.76 19.82
C ALA K 265 -11.68 -38.00 19.37
N ASN K 266 -10.93 -38.62 18.46
CA ASN K 266 -9.71 -37.99 17.95
C ASN K 266 -9.40 -38.56 16.57
N PHE K 267 -8.50 -37.88 15.87
CA PHE K 267 -8.12 -38.23 14.51
C PHE K 267 -6.79 -38.98 14.51
N SER K 268 -6.49 -39.61 13.38
CA SER K 268 -5.19 -40.29 13.21
C SER K 268 -4.92 -40.38 11.70
N VAL K 269 -3.96 -39.58 11.23
CA VAL K 269 -3.57 -39.56 9.83
C VAL K 269 -2.10 -39.90 9.63
N THR K 270 -1.40 -40.33 10.69
CA THR K 270 0.02 -40.64 10.55
C THR K 270 0.21 -41.94 9.77
N GLY K 271 -0.33 -43.04 10.29
CA GLY K 271 -0.19 -44.33 9.64
C GLY K 271 -1.12 -44.51 8.46
N GLY K 272 -2.35 -44.03 8.59
CA GLY K 272 -3.37 -44.21 7.56
C GLY K 272 -4.39 -43.11 7.60
N LYS K 273 -5.67 -43.49 7.48
CA LYS K 273 -6.81 -42.56 7.49
C LYS K 273 -7.82 -43.12 8.48
N TRP K 274 -7.72 -42.70 9.75
CA TRP K 274 -8.47 -43.34 10.81
C TRP K 274 -8.98 -42.33 11.83
N ILE K 275 -10.03 -42.71 12.56
CA ILE K 275 -10.62 -41.93 13.63
C ILE K 275 -10.79 -42.84 14.84
N VAL K 276 -10.18 -42.47 15.97
CA VAL K 276 -10.21 -43.27 17.19
C VAL K 276 -11.26 -42.73 18.14
N SER K 277 -11.99 -43.63 18.81
CA SER K 277 -12.97 -43.20 19.80
C SER K 277 -13.17 -44.30 20.83
N GLY K 278 -13.53 -43.89 22.05
CA GLY K 278 -13.90 -44.84 23.07
C GLY K 278 -15.33 -45.34 22.88
N SER K 279 -15.64 -46.41 23.61
CA SER K 279 -16.96 -47.00 23.57
C SER K 279 -17.36 -47.43 24.98
N GLU K 280 -18.67 -47.59 25.19
CA GLU K 280 -19.20 -47.97 26.49
C GLU K 280 -19.19 -49.47 26.73
N ASP K 281 -18.73 -50.26 25.76
CA ASP K 281 -18.48 -51.68 25.96
C ASP K 281 -17.11 -51.94 26.58
N ASN K 282 -16.51 -50.91 27.17
CA ASN K 282 -15.24 -50.99 27.89
C ASN K 282 -14.05 -51.25 26.98
N LEU K 283 -14.11 -50.80 25.73
CA LEU K 283 -13.03 -50.97 24.77
C LEU K 283 -12.85 -49.70 23.96
N VAL K 284 -11.67 -49.57 23.35
CA VAL K 284 -11.39 -48.49 22.40
C VAL K 284 -11.58 -49.05 21.00
N TYR K 285 -12.15 -48.25 20.10
CA TYR K 285 -12.40 -48.68 18.73
C TYR K 285 -11.87 -47.63 17.76
N ILE K 286 -11.60 -48.06 16.53
CA ILE K 286 -11.16 -47.12 15.50
C ILE K 286 -11.89 -47.41 14.20
N TRP K 287 -12.25 -46.35 13.48
CA TRP K 287 -12.98 -46.47 12.22
C TRP K 287 -12.34 -45.62 11.14
N ASN K 288 -13.00 -45.53 9.99
CA ASN K 288 -12.54 -44.73 8.86
C ASN K 288 -13.40 -43.48 8.72
N LEU K 289 -12.92 -42.55 7.89
CA LEU K 289 -13.57 -41.25 7.77
C LEU K 289 -14.96 -41.35 7.14
N GLN K 290 -15.07 -42.13 6.05
CA GLN K 290 -16.35 -42.22 5.34
C GLN K 290 -16.61 -43.64 4.82
N THR K 291 -15.97 -44.65 5.43
CA THR K 291 -16.13 -46.03 4.95
C THR K 291 -16.96 -46.90 5.90
N LYS K 292 -17.02 -46.55 7.19
CA LYS K 292 -17.80 -47.28 8.18
C LYS K 292 -17.31 -48.72 8.33
N GLU K 293 -16.02 -48.85 8.65
CA GLU K 293 -15.41 -50.16 8.85
C GLU K 293 -14.59 -50.16 10.13
N ILE K 294 -14.70 -51.25 10.88
CA ILE K 294 -13.88 -51.46 12.07
C ILE K 294 -12.55 -52.04 11.58
N VAL K 295 -11.45 -51.39 11.96
CA VAL K 295 -10.14 -51.88 11.55
C VAL K 295 -9.29 -52.27 12.75
N GLN K 296 -9.52 -51.65 13.91
CA GLN K 296 -8.82 -52.05 15.12
C GLN K 296 -9.71 -51.84 16.34
N LYS K 297 -9.62 -52.80 17.25
CA LYS K 297 -10.36 -52.80 18.52
C LYS K 297 -9.31 -52.95 19.63
N LEU K 298 -8.97 -51.82 20.25
CA LEU K 298 -8.02 -51.81 21.35
C LEU K 298 -8.70 -52.31 22.61
N GLN K 299 -8.22 -53.43 23.13
CA GLN K 299 -8.75 -54.04 24.35
C GLN K 299 -7.75 -53.89 25.48
N GLY K 300 -8.22 -54.19 26.70
CA GLY K 300 -7.38 -54.11 27.87
C GLY K 300 -8.02 -53.31 28.99
N HIS K 301 -8.71 -52.24 28.62
CA HIS K 301 -9.42 -51.42 29.60
C HIS K 301 -10.63 -52.17 30.13
N THR K 302 -10.80 -52.15 31.45
CA THR K 302 -11.89 -52.88 32.10
C THR K 302 -13.17 -52.06 32.20
N ASP K 303 -13.12 -50.75 31.92
CA ASP K 303 -14.27 -49.88 32.08
C ASP K 303 -14.45 -49.04 30.83
N VAL K 304 -15.55 -48.28 30.81
CA VAL K 304 -15.89 -47.46 29.66
C VAL K 304 -14.78 -46.46 29.37
N VAL K 305 -14.33 -46.42 28.12
CA VAL K 305 -13.26 -45.51 27.72
C VAL K 305 -13.85 -44.11 27.58
N ILE K 306 -13.50 -43.22 28.51
CA ILE K 306 -14.10 -41.89 28.54
C ILE K 306 -13.38 -40.89 27.64
N SER K 307 -12.11 -41.13 27.30
CA SER K 307 -11.39 -40.20 26.44
C SER K 307 -10.35 -40.97 25.65
N THR K 308 -10.02 -40.44 24.47
CA THR K 308 -8.99 -41.02 23.60
C THR K 308 -8.09 -39.90 23.10
N ALA K 309 -6.81 -40.20 22.93
CA ALA K 309 -5.84 -39.25 22.41
C ALA K 309 -4.87 -39.96 21.48
N CYS K 310 -4.59 -39.34 20.34
CA CYS K 310 -3.65 -39.86 19.36
C CYS K 310 -2.45 -38.94 19.25
N HIS K 311 -1.25 -39.52 19.25
CA HIS K 311 -0.04 -38.73 19.19
C HIS K 311 0.07 -38.05 17.82
N PRO K 312 0.44 -36.76 17.78
CA PRO K 312 0.44 -36.05 16.49
C PRO K 312 1.55 -36.49 15.56
N THR K 313 2.77 -36.66 16.06
CA THR K 313 3.92 -36.97 15.23
C THR K 313 4.33 -38.44 15.31
N GLU K 314 3.52 -39.28 15.94
CA GLU K 314 3.81 -40.70 16.03
C GLU K 314 2.50 -41.46 16.15
N ASN K 315 2.54 -42.75 15.80
CA ASN K 315 1.36 -43.61 15.90
C ASN K 315 1.27 -44.17 17.33
N ILE K 316 1.01 -43.27 18.26
CA ILE K 316 0.90 -43.60 19.68
C ILE K 316 -0.47 -43.14 20.17
N ILE K 317 -1.20 -44.04 20.82
CA ILE K 317 -2.55 -43.77 21.29
C ILE K 317 -2.60 -44.01 22.80
N ALA K 318 -3.19 -43.05 23.52
CA ALA K 318 -3.44 -43.18 24.96
C ALA K 318 -4.93 -42.97 25.22
N SER K 319 -5.54 -43.91 25.91
CA SER K 319 -6.97 -43.88 26.19
C SER K 319 -7.21 -43.88 27.70
N ALA K 320 -8.06 -42.97 28.15
CA ALA K 320 -8.42 -42.87 29.55
C ALA K 320 -9.85 -43.37 29.77
N ALA K 321 -10.04 -44.08 30.88
CA ALA K 321 -11.34 -44.69 31.18
C ALA K 321 -11.86 -44.23 32.53
N LEU K 322 -12.93 -44.86 33.00
CA LEU K 322 -13.62 -44.46 34.22
C LEU K 322 -12.94 -45.11 35.43
N GLU K 323 -13.63 -45.11 36.57
CA GLU K 323 -13.01 -45.49 37.85
C GLU K 323 -12.42 -46.89 37.83
N ASN K 324 -12.98 -47.80 37.03
CA ASN K 324 -12.61 -49.21 37.13
C ASN K 324 -11.34 -49.56 36.36
N ASP K 325 -10.69 -48.59 35.70
CA ASP K 325 -9.44 -48.85 35.00
C ASP K 325 -8.26 -48.15 35.67
N LYS K 326 -8.31 -46.81 35.77
CA LYS K 326 -7.26 -46.03 36.44
C LYS K 326 -5.88 -46.28 35.81
N THR K 327 -5.85 -46.63 34.53
CA THR K 327 -4.60 -46.97 33.85
C THR K 327 -4.53 -46.27 32.50
N ILE K 328 -3.30 -46.01 32.07
CA ILE K 328 -3.02 -45.40 30.77
C ILE K 328 -2.23 -46.39 29.94
N LYS K 329 -2.69 -46.64 28.72
CA LYS K 329 -2.02 -47.56 27.81
C LYS K 329 -1.46 -46.78 26.63
N LEU K 330 -0.15 -46.90 26.42
CA LEU K 330 0.53 -46.28 25.28
C LEU K 330 0.66 -47.32 24.17
N TRP K 331 -0.26 -47.28 23.21
CA TRP K 331 -0.24 -48.17 22.06
C TRP K 331 0.63 -47.53 20.98
N LYS K 332 1.80 -48.12 20.76
CA LYS K 332 2.73 -47.62 19.78
C LYS K 332 2.69 -48.45 18.50
N SER K 333 2.98 -47.79 17.38
CA SER K 333 3.06 -48.44 16.08
C SER K 333 3.87 -47.55 15.16
N ASP K 334 4.27 -48.11 14.01
CA ASP K 334 5.02 -47.37 13.01
C ASP K 334 4.28 -47.17 11.70
N CYS K 335 3.20 -47.89 11.44
CA CYS K 335 2.45 -47.73 10.20
C CYS K 335 0.95 -47.81 10.43
N GLN L 11 -3.00 -24.40 -1.88
CA GLN L 11 -3.75 -23.74 -2.95
C GLN L 11 -2.94 -22.60 -3.58
N ASN L 12 -3.60 -21.47 -3.79
CA ASN L 12 -3.03 -20.36 -4.54
C ASN L 12 -2.02 -19.60 -3.69
N TYR L 13 -1.54 -18.48 -4.22
CA TYR L 13 -0.54 -17.67 -3.54
C TYR L 13 -1.12 -17.05 -2.26
N PRO L 14 -0.29 -16.79 -1.26
CA PRO L 14 -0.80 -16.22 0.00
C PRO L 14 -1.40 -14.84 -0.20
N GLU L 15 -2.45 -14.55 0.57
CA GLU L 15 -3.14 -13.27 0.51
C GLU L 15 -3.28 -12.56 1.85
N GLU L 16 -3.03 -13.24 2.97
CA GLU L 16 -3.06 -12.62 4.29
C GLU L 16 -1.64 -12.39 4.80
N ALA L 17 -1.51 -11.45 5.72
CA ALA L 17 -0.23 -11.12 6.34
C ALA L 17 -0.34 -11.24 7.85
N ASP L 18 0.67 -11.80 8.49
CA ASP L 18 0.68 -11.91 9.94
C ASP L 18 1.86 -11.16 10.53
N GLY L 19 1.93 -11.17 11.86
CA GLY L 19 2.91 -10.41 12.58
C GLY L 19 4.31 -11.00 12.56
N THR L 20 5.06 -10.79 13.64
CA THR L 20 6.44 -11.22 13.73
C THR L 20 6.57 -12.37 14.73
N LEU L 21 7.51 -13.27 14.44
CA LEU L 21 7.82 -14.41 15.30
C LEU L 21 9.25 -14.22 15.79
N ASP L 22 9.40 -13.52 16.91
CA ASP L 22 10.69 -13.25 17.53
C ASP L 22 10.69 -13.90 18.92
N CYS L 23 11.08 -15.17 18.98
CA CYS L 23 11.26 -15.82 20.27
C CYS L 23 12.45 -15.23 21.01
N ILE L 24 13.47 -14.77 20.26
CA ILE L 24 14.60 -14.05 20.82
C ILE L 24 14.87 -12.84 19.92
N SER L 25 15.59 -11.86 20.48
CA SER L 25 15.72 -10.56 19.82
C SER L 25 16.47 -10.67 18.50
N MET L 26 17.55 -11.45 18.47
CA MET L 26 18.42 -11.53 17.30
C MET L 26 18.08 -12.75 16.46
N ALA L 27 18.09 -12.56 15.14
CA ALA L 27 17.72 -13.62 14.20
C ALA L 27 18.34 -13.32 12.85
N LEU L 28 19.11 -14.25 12.31
CA LEU L 28 19.85 -14.02 11.07
C LEU L 28 19.37 -14.91 9.93
N THR L 29 19.34 -16.23 10.14
CA THR L 29 19.02 -17.20 9.09
C THR L 29 17.79 -18.01 9.45
N CYS L 30 17.16 -18.57 8.42
CA CYS L 30 15.96 -19.40 8.60
C CYS L 30 15.90 -20.46 7.51
N THR L 31 15.41 -21.64 7.87
CA THR L 31 15.22 -22.74 6.94
C THR L 31 14.28 -23.76 7.55
N PHE L 32 13.49 -24.41 6.69
CA PHE L 32 12.58 -25.47 7.11
C PHE L 32 13.22 -26.83 6.92
N ASN L 33 12.74 -27.82 7.66
CA ASN L 33 13.40 -29.14 7.64
C ASN L 33 12.96 -29.98 6.45
N ARG L 34 11.72 -30.45 6.47
CA ARG L 34 11.13 -31.17 5.34
C ARG L 34 9.74 -30.67 4.97
N TRP L 35 8.93 -30.29 5.97
CA TRP L 35 7.60 -29.75 5.72
C TRP L 35 7.28 -28.62 6.70
N GLY L 36 8.29 -27.86 7.12
CA GLY L 36 8.08 -26.79 8.08
C GLY L 36 7.78 -27.26 9.48
N THR L 37 8.76 -27.90 10.12
CA THR L 37 8.62 -28.39 11.49
C THR L 37 9.28 -27.44 12.49
N LEU L 38 10.57 -27.16 12.30
CA LEU L 38 11.34 -26.32 13.20
C LEU L 38 12.12 -25.29 12.39
N LEU L 39 12.46 -24.18 13.04
CA LEU L 39 13.18 -23.08 12.43
C LEU L 39 14.53 -22.90 13.11
N ALA L 40 15.60 -22.96 12.32
CA ALA L 40 16.95 -22.89 12.86
C ALA L 40 17.48 -21.48 12.62
N VAL L 41 17.76 -20.77 13.72
CA VAL L 41 18.22 -19.38 13.65
C VAL L 41 19.64 -19.32 14.18
N GLY L 42 20.54 -18.72 13.40
CA GLY L 42 21.88 -18.46 13.85
C GLY L 42 22.06 -17.05 14.37
N CYS L 43 22.03 -16.87 15.68
CA CYS L 43 22.16 -15.55 16.27
C CYS L 43 23.57 -15.00 16.05
N ASN L 44 23.68 -13.67 16.03
CA ASN L 44 24.98 -13.03 15.82
C ASN L 44 25.73 -12.85 17.13
N ASP L 45 25.77 -13.91 17.94
CA ASP L 45 26.55 -13.88 19.18
C ASP L 45 27.29 -15.19 19.43
N GLY L 46 27.26 -16.13 18.49
CA GLY L 46 27.84 -17.43 18.67
C GLY L 46 26.88 -18.52 19.11
N ARG L 47 25.57 -18.25 19.09
CA ARG L 47 24.57 -19.19 19.55
C ARG L 47 23.69 -19.65 18.40
N ILE L 48 23.14 -20.86 18.56
CA ILE L 48 22.20 -21.44 17.59
C ILE L 48 20.89 -21.71 18.33
N VAL L 49 19.80 -21.10 17.87
CA VAL L 49 18.50 -21.23 18.51
C VAL L 49 17.59 -22.04 17.60
N ILE L 50 16.73 -22.86 18.20
CA ILE L 50 15.78 -23.67 17.45
C ILE L 50 14.38 -23.29 17.90
N TRP L 51 13.67 -22.57 17.05
CA TRP L 51 12.29 -22.18 17.30
C TRP L 51 11.33 -23.23 16.74
N ASP L 52 10.14 -23.28 17.31
CA ASP L 52 9.11 -24.21 16.87
C ASP L 52 8.11 -23.47 15.98
N PHE L 53 8.06 -23.85 14.71
CA PHE L 53 7.13 -23.27 13.77
C PHE L 53 5.85 -24.10 13.72
N LEU L 54 4.75 -23.44 13.36
CA LEU L 54 3.39 -23.97 13.36
C LEU L 54 2.87 -24.21 14.78
N THR L 55 3.70 -23.98 15.80
CA THR L 55 3.27 -24.06 17.19
C THR L 55 3.66 -22.85 18.01
N ARG L 56 4.51 -21.96 17.48
CA ARG L 56 4.94 -20.73 18.16
C ARG L 56 5.63 -21.05 19.49
N GLY L 57 6.76 -21.75 19.37
CA GLY L 57 7.55 -22.12 20.52
C GLY L 57 9.04 -22.21 20.24
N ILE L 58 9.79 -22.83 21.14
CA ILE L 58 11.23 -23.01 20.99
C ILE L 58 11.59 -24.45 21.30
N ALA L 59 12.76 -24.87 20.83
CA ALA L 59 13.23 -26.23 21.04
C ALA L 59 14.49 -26.27 21.89
N LYS L 60 15.56 -25.57 21.50
CA LYS L 60 16.80 -25.64 22.26
C LYS L 60 17.71 -24.49 21.82
N ILE L 61 18.52 -24.01 22.77
CA ILE L 61 19.52 -22.98 22.52
C ILE L 61 20.89 -23.61 22.77
N ILE L 62 21.78 -23.48 21.79
CA ILE L 62 23.09 -24.15 21.81
C ILE L 62 24.17 -23.09 21.78
N SER L 63 25.11 -23.20 22.73
CA SER L 63 26.28 -22.31 22.79
C SER L 63 27.38 -22.93 21.94
N ALA L 64 27.45 -22.50 20.68
CA ALA L 64 28.38 -23.10 19.75
C ALA L 64 29.82 -22.67 20.03
N HIS L 65 30.09 -21.37 19.91
CA HIS L 65 31.44 -20.84 20.09
C HIS L 65 31.31 -19.32 20.26
N ILE L 66 32.45 -18.64 20.25
CA ILE L 66 32.46 -17.19 20.48
C ILE L 66 32.07 -16.45 19.21
N HIS L 67 32.82 -16.65 18.13
CA HIS L 67 32.52 -15.97 16.88
C HIS L 67 31.22 -16.49 16.30
N PRO L 68 30.29 -15.62 15.92
CA PRO L 68 28.95 -16.08 15.54
C PRO L 68 28.96 -16.90 14.25
N VAL L 69 27.79 -17.39 13.90
CA VAL L 69 27.58 -18.17 12.69
C VAL L 69 26.77 -17.33 11.69
N CYS L 70 26.79 -17.77 10.44
CA CYS L 70 26.08 -17.07 9.37
C CYS L 70 25.33 -17.99 8.42
N SER L 71 25.45 -19.31 8.58
CA SER L 71 24.68 -20.26 7.77
C SER L 71 24.46 -21.52 8.58
N LEU L 72 23.35 -22.20 8.31
CA LEU L 72 22.91 -23.28 9.16
C LEU L 72 22.01 -24.22 8.37
N CYS L 73 22.00 -25.49 8.78
CA CYS L 73 21.24 -26.52 8.11
C CYS L 73 21.13 -27.74 9.02
N TRP L 74 20.31 -28.70 8.60
CA TRP L 74 20.11 -29.92 9.36
C TRP L 74 20.55 -31.13 8.53
N SER L 75 20.80 -32.24 9.22
CA SER L 75 21.30 -33.45 8.60
C SER L 75 20.17 -34.22 7.93
N ARG L 76 20.56 -35.25 7.17
CA ARG L 76 19.58 -36.10 6.50
C ARG L 76 18.73 -36.86 7.51
N ASP L 77 19.35 -37.41 8.55
CA ASP L 77 18.62 -38.09 9.60
C ASP L 77 18.07 -37.14 10.66
N GLY L 78 18.41 -35.86 10.59
CA GLY L 78 17.91 -34.89 11.54
C GLY L 78 18.58 -34.94 12.90
N HIS L 79 19.69 -35.67 13.04
CA HIS L 79 20.38 -35.80 14.31
C HIS L 79 21.60 -34.89 14.42
N LYS L 80 21.85 -34.05 13.42
CA LYS L 80 23.02 -33.17 13.44
C LYS L 80 22.61 -31.76 13.00
N LEU L 81 23.30 -30.77 13.57
CA LEU L 81 23.11 -29.36 13.24
C LEU L 81 24.47 -28.81 12.79
N VAL L 82 24.64 -28.69 11.48
CA VAL L 82 25.89 -28.15 10.94
C VAL L 82 25.68 -26.68 10.55
N SER L 83 26.76 -25.90 10.65
CA SER L 83 26.68 -24.46 10.44
C SER L 83 27.98 -23.96 9.83
N ALA L 84 27.87 -23.11 8.81
CA ALA L 84 29.04 -22.48 8.21
C ALA L 84 29.53 -21.35 9.10
N SER L 85 30.41 -21.68 10.06
CA SER L 85 30.87 -20.70 11.02
C SER L 85 31.83 -19.72 10.38
N THR L 86 31.86 -18.50 10.93
CA THR L 86 32.77 -17.46 10.48
C THR L 86 34.17 -17.61 11.05
N ASP L 87 34.36 -18.49 12.03
CA ASP L 87 35.68 -18.73 12.62
C ASP L 87 36.21 -20.11 12.25
N ASN L 88 35.68 -20.69 11.17
CA ASN L 88 36.16 -21.96 10.62
C ASN L 88 36.05 -23.10 11.63
N ILE L 89 34.94 -23.12 12.37
CA ILE L 89 34.66 -24.18 13.33
C ILE L 89 33.60 -25.07 12.70
N VAL L 90 34.04 -26.19 12.13
CA VAL L 90 33.13 -27.13 11.48
C VAL L 90 32.81 -28.21 12.51
N SER L 91 31.75 -27.98 13.27
CA SER L 91 31.30 -28.90 14.29
C SER L 91 29.92 -29.45 13.93
N GLN L 92 29.70 -30.71 14.27
CA GLN L 92 28.42 -31.38 14.03
C GLN L 92 27.65 -31.38 15.35
N TRP L 93 26.99 -30.27 15.63
CA TRP L 93 26.26 -30.13 16.88
C TRP L 93 25.04 -31.04 16.90
N ASP L 94 24.88 -31.78 18.00
CA ASP L 94 23.77 -32.71 18.13
C ASP L 94 22.47 -31.97 18.34
N VAL L 95 21.42 -32.42 17.64
CA VAL L 95 20.10 -31.85 17.83
C VAL L 95 19.54 -32.22 19.20
N LEU L 96 19.80 -33.45 19.65
CA LEU L 96 19.24 -33.93 20.90
C LEU L 96 19.93 -33.31 22.11
N SER L 97 21.23 -33.55 22.25
CA SER L 97 21.96 -33.09 23.42
C SER L 97 22.39 -31.63 23.33
N GLY L 98 22.58 -31.10 22.12
CA GLY L 98 23.06 -29.76 21.95
C GLY L 98 24.56 -29.60 22.09
N ASP L 99 25.29 -30.68 22.31
CA ASP L 99 26.74 -30.63 22.48
C ASP L 99 27.44 -30.77 21.14
N CYS L 100 28.75 -30.95 21.17
CA CYS L 100 29.55 -31.15 19.97
C CYS L 100 29.89 -32.63 19.82
N ASP L 101 29.52 -33.20 18.67
CA ASP L 101 29.79 -34.60 18.41
C ASP L 101 31.14 -34.79 17.71
N GLN L 102 31.31 -34.18 16.54
CA GLN L 102 32.55 -34.24 15.79
C GLN L 102 33.00 -32.83 15.46
N ARG L 103 34.30 -32.58 15.57
CA ARG L 103 34.87 -31.27 15.33
C ARG L 103 35.98 -31.38 14.29
N PHE L 104 36.02 -30.41 13.37
CA PHE L 104 37.06 -30.34 12.36
C PHE L 104 37.19 -28.90 11.91
N ARG L 105 38.35 -28.57 11.35
CA ARG L 105 38.65 -27.21 10.91
C ARG L 105 38.93 -27.22 9.42
N PHE L 106 38.40 -26.22 8.72
CA PHE L 106 38.55 -26.15 7.28
C PHE L 106 39.41 -24.95 6.88
N PRO L 107 40.16 -25.06 5.79
CA PRO L 107 41.02 -23.94 5.38
C PRO L 107 40.26 -22.71 4.92
N SER L 108 38.98 -22.83 4.58
CA SER L 108 38.22 -21.72 4.05
C SER L 108 36.81 -21.69 4.64
N PRO L 109 36.20 -20.51 4.73
CA PRO L 109 34.81 -20.44 5.19
C PRO L 109 33.83 -21.05 4.19
N ILE L 110 32.61 -21.35 4.66
CA ILE L 110 31.62 -22.05 3.86
C ILE L 110 30.46 -21.10 3.60
N LEU L 111 29.78 -21.29 2.46
CA LEU L 111 28.65 -20.46 2.09
C LEU L 111 27.32 -21.18 2.32
N LYS L 112 27.17 -22.38 1.75
CA LYS L 112 25.94 -23.16 1.89
C LYS L 112 26.31 -24.55 2.40
N VAL L 113 25.65 -24.99 3.47
CA VAL L 113 25.82 -26.31 4.03
C VAL L 113 24.57 -27.13 3.75
N GLN L 114 24.75 -28.33 3.22
CA GLN L 114 23.61 -29.19 2.88
C GLN L 114 23.97 -30.64 3.12
N TYR L 115 22.93 -31.47 3.22
CA TYR L 115 23.04 -32.89 3.45
C TYR L 115 22.34 -33.62 2.33
N HIS L 116 22.97 -34.67 1.82
CA HIS L 116 22.34 -35.53 0.83
C HIS L 116 21.18 -36.28 1.47
N PRO L 117 19.95 -36.15 0.95
CA PRO L 117 18.81 -36.86 1.57
C PRO L 117 18.90 -38.37 1.44
N ARG L 118 19.97 -38.86 0.83
CA ARG L 118 20.25 -40.28 0.74
C ARG L 118 21.62 -40.66 1.30
N ASP L 119 22.44 -39.69 1.70
CA ASP L 119 23.78 -39.98 2.22
C ASP L 119 24.14 -38.88 3.23
N GLN L 120 23.93 -39.17 4.51
CA GLN L 120 24.26 -38.22 5.56
C GLN L 120 25.76 -38.09 5.82
N ASN L 121 26.55 -39.10 5.42
CA ASN L 121 27.98 -39.07 5.72
C ASN L 121 28.68 -37.94 4.99
N LYS L 122 28.35 -37.72 3.72
CA LYS L 122 29.01 -36.74 2.88
C LYS L 122 28.25 -35.42 2.96
N VAL L 123 28.80 -34.46 3.72
CA VAL L 123 28.20 -33.13 3.85
C VAL L 123 28.63 -32.26 2.67
N LEU L 124 27.95 -31.14 2.47
CA LEU L 124 28.28 -30.22 1.39
C LEU L 124 29.00 -29.01 1.97
N VAL L 125 30.08 -28.59 1.31
CA VAL L 125 30.87 -27.43 1.71
C VAL L 125 31.18 -26.60 0.46
N CYS L 126 31.16 -25.28 0.62
CA CYS L 126 31.48 -24.34 -0.47
C CYS L 126 32.60 -23.41 0.00
N PRO L 127 33.85 -23.88 -0.06
CA PRO L 127 34.97 -23.03 0.37
C PRO L 127 35.22 -21.89 -0.62
N MET L 128 35.89 -20.86 -0.10
CA MET L 128 36.26 -19.68 -0.87
C MET L 128 37.60 -19.90 -1.55
N LYS L 129 37.66 -19.61 -2.85
CA LYS L 129 38.86 -19.71 -3.66
C LYS L 129 39.46 -21.11 -3.63
N SER L 130 38.63 -22.14 -3.53
CA SER L 130 39.13 -23.51 -3.58
C SER L 130 38.00 -24.43 -4.04
N ALA L 131 38.38 -25.63 -4.46
CA ALA L 131 37.39 -26.60 -4.91
C ALA L 131 36.50 -27.03 -3.73
N PRO L 132 35.23 -27.34 -4.00
CA PRO L 132 34.34 -27.77 -2.92
C PRO L 132 34.87 -29.01 -2.21
N VAL L 133 34.68 -29.05 -0.91
CA VAL L 133 35.18 -30.13 -0.06
C VAL L 133 33.99 -30.94 0.44
N MET L 134 34.10 -32.27 0.32
CA MET L 134 33.06 -33.18 0.78
C MET L 134 33.64 -34.01 1.92
N LEU L 135 33.05 -33.87 3.11
CA LEU L 135 33.60 -34.45 4.34
C LEU L 135 32.78 -35.66 4.76
N THR L 136 33.45 -36.76 5.02
CA THR L 136 32.82 -37.97 5.56
C THR L 136 32.87 -37.89 7.08
N LEU L 137 31.70 -37.96 7.72
CA LEU L 137 31.66 -37.91 9.17
C LEU L 137 31.99 -39.25 9.81
N SER L 138 32.16 -40.31 9.03
CA SER L 138 32.55 -41.60 9.59
C SER L 138 34.02 -41.64 9.96
N ASP L 139 34.88 -40.89 9.26
CA ASP L 139 36.31 -40.90 9.54
C ASP L 139 36.94 -39.51 9.49
N SER L 140 36.14 -38.45 9.36
CA SER L 140 36.64 -37.07 9.26
C SER L 140 37.63 -36.93 8.11
N LYS L 141 37.29 -37.53 6.98
CA LYS L 141 38.11 -37.49 5.77
C LYS L 141 37.48 -36.55 4.75
N HIS L 142 38.27 -35.63 4.23
CA HIS L 142 37.80 -34.63 3.29
C HIS L 142 38.28 -34.96 1.88
N VAL L 143 37.38 -34.89 0.91
CA VAL L 143 37.69 -35.15 -0.49
C VAL L 143 37.45 -33.86 -1.28
N VAL L 144 38.44 -33.46 -2.07
CA VAL L 144 38.32 -32.27 -2.90
C VAL L 144 37.61 -32.63 -4.19
N LEU L 145 36.52 -31.93 -4.47
CA LEU L 145 35.73 -32.21 -5.68
C LEU L 145 36.51 -31.76 -6.91
N PRO L 146 36.68 -32.61 -7.91
CA PRO L 146 37.44 -32.21 -9.10
C PRO L 146 36.74 -31.10 -9.87
N VAL L 147 37.48 -30.05 -10.19
CA VAL L 147 36.94 -28.89 -10.88
C VAL L 147 37.75 -28.61 -12.14
N ASP L 148 37.39 -27.57 -12.87
CA ASP L 148 38.04 -27.19 -14.11
C ASP L 148 38.50 -25.75 -14.06
N ASP L 149 39.38 -25.40 -15.00
CA ASP L 149 39.94 -24.05 -15.13
C ASP L 149 40.64 -23.59 -13.86
N ASP L 150 40.20 -22.48 -13.30
CA ASP L 150 40.84 -21.92 -12.13
C ASP L 150 40.38 -22.64 -10.86
N SER L 151 41.26 -22.66 -9.87
CA SER L 151 40.98 -23.25 -8.57
C SER L 151 40.77 -22.20 -7.49
N ASP L 152 40.73 -20.92 -7.85
CA ASP L 152 40.61 -19.82 -6.89
C ASP L 152 39.30 -19.06 -7.04
N LEU L 153 38.33 -19.62 -7.76
CA LEU L 153 37.04 -18.98 -7.97
C LEU L 153 36.07 -19.37 -6.87
N ASN L 154 35.15 -18.45 -6.57
CA ASN L 154 34.12 -18.67 -5.55
C ASN L 154 33.07 -19.61 -6.13
N VAL L 155 33.36 -20.90 -6.05
CA VAL L 155 32.51 -21.94 -6.60
C VAL L 155 31.48 -22.34 -5.54
N VAL L 156 30.22 -22.37 -5.94
CA VAL L 156 29.11 -22.77 -5.06
C VAL L 156 28.61 -24.12 -5.52
N ALA L 157 28.49 -25.06 -4.60
CA ALA L 157 28.10 -26.43 -4.89
C ALA L 157 26.74 -26.71 -4.27
N SER L 158 25.91 -27.50 -4.98
CA SER L 158 24.61 -27.85 -4.47
C SER L 158 24.15 -29.18 -5.06
N PHE L 159 23.33 -29.91 -4.28
CA PHE L 159 22.78 -31.18 -4.72
C PHE L 159 21.65 -30.97 -5.74
N ASP L 160 21.21 -32.08 -6.32
CA ASP L 160 20.02 -32.10 -7.17
C ASP L 160 18.79 -32.37 -6.29
N ARG L 161 17.67 -32.73 -6.91
CA ARG L 161 16.48 -33.09 -6.14
C ARG L 161 16.78 -34.19 -5.12
N ARG L 162 17.37 -35.29 -5.58
CA ARG L 162 17.67 -36.43 -4.73
C ARG L 162 19.10 -36.45 -4.24
N GLY L 163 19.91 -35.46 -4.63
CA GLY L 163 21.30 -35.42 -4.22
C GLY L 163 22.21 -36.40 -4.91
N GLU L 164 21.72 -37.11 -5.93
CA GLU L 164 22.54 -38.09 -6.63
C GLU L 164 23.64 -37.44 -7.46
N TYR L 165 23.43 -36.19 -7.90
CA TYR L 165 24.42 -35.43 -8.63
C TYR L 165 24.69 -34.12 -7.90
N ILE L 166 25.92 -33.61 -8.05
CA ILE L 166 26.33 -32.35 -7.44
C ILE L 166 26.71 -31.38 -8.54
N TYR L 167 26.10 -30.19 -8.51
CA TYR L 167 26.35 -29.15 -9.50
C TYR L 167 27.17 -28.05 -8.85
N THR L 168 28.27 -27.68 -9.50
CA THR L 168 29.20 -26.67 -8.99
C THR L 168 29.25 -25.50 -9.97
N GLY L 169 29.30 -24.29 -9.42
CA GLY L 169 29.39 -23.09 -10.24
C GLY L 169 30.59 -22.24 -9.91
N ASN L 170 31.41 -21.94 -10.91
CA ASN L 170 32.60 -21.13 -10.75
C ASN L 170 32.23 -19.66 -10.81
N ALA L 171 33.24 -18.79 -10.69
CA ALA L 171 33.04 -17.34 -10.70
C ALA L 171 33.50 -16.72 -12.01
N LYS L 172 33.47 -17.50 -13.10
CA LYS L 172 33.85 -17.01 -14.41
C LYS L 172 32.79 -17.25 -15.47
N GLY L 173 31.94 -18.26 -15.31
CA GLY L 173 30.93 -18.57 -16.30
C GLY L 173 30.96 -20.02 -16.73
N LYS L 174 31.57 -20.87 -15.92
CA LYS L 174 31.64 -22.30 -16.17
C LYS L 174 30.92 -23.04 -15.04
N ILE L 175 30.02 -23.94 -15.42
CA ILE L 175 29.26 -24.72 -14.45
C ILE L 175 29.50 -26.21 -14.74
N LEU L 176 29.92 -26.94 -13.73
CA LEU L 176 30.19 -28.36 -13.87
C LEU L 176 29.14 -29.18 -13.13
N VAL L 177 28.94 -30.41 -13.61
CA VAL L 177 28.06 -31.38 -12.96
C VAL L 177 28.85 -32.68 -12.79
N LEU L 178 28.82 -33.23 -11.58
CA LEU L 178 29.65 -34.38 -11.27
C LEU L 178 28.90 -35.26 -10.26
N LYS L 179 29.50 -36.39 -9.89
CA LYS L 179 28.83 -37.39 -9.08
C LYS L 179 29.04 -37.15 -7.59
N THR L 180 27.98 -37.34 -6.81
CA THR L 180 28.05 -37.03 -5.39
C THR L 180 28.97 -37.98 -4.63
N ASP L 181 29.26 -39.16 -5.18
CA ASP L 181 30.15 -40.12 -4.53
C ASP L 181 31.27 -40.60 -5.44
N SER L 182 31.02 -40.70 -6.75
CA SER L 182 32.01 -41.23 -7.68
C SER L 182 33.00 -40.18 -8.16
N GLN L 183 32.59 -38.92 -8.20
CA GLN L 183 33.46 -37.81 -8.64
C GLN L 183 34.01 -38.04 -10.04
N ASP L 184 33.12 -38.47 -10.94
CA ASP L 184 33.47 -38.66 -12.35
C ASP L 184 33.00 -37.42 -13.12
N LEU L 185 33.90 -36.46 -13.28
CA LEU L 185 33.56 -35.23 -14.01
C LEU L 185 33.35 -35.58 -15.48
N VAL L 186 32.11 -35.42 -15.95
CA VAL L 186 31.78 -35.71 -17.34
C VAL L 186 30.99 -34.56 -17.94
N ALA L 187 30.34 -33.76 -17.09
CA ALA L 187 29.39 -32.76 -17.56
C ALA L 187 29.91 -31.36 -17.27
N SER L 188 29.97 -30.52 -18.31
CA SER L 188 30.42 -29.15 -18.21
C SER L 188 29.49 -28.25 -19.00
N PHE L 189 29.56 -26.94 -18.71
CA PHE L 189 28.68 -25.98 -19.38
C PHE L 189 29.32 -24.60 -19.34
N ARG L 190 29.23 -23.91 -20.48
CA ARG L 190 29.67 -22.52 -20.61
C ARG L 190 28.44 -21.65 -20.84
N VAL L 191 28.33 -20.56 -20.08
CA VAL L 191 27.14 -19.73 -20.15
C VAL L 191 27.24 -18.77 -21.33
N THR L 192 26.09 -18.20 -21.71
CA THR L 192 26.05 -17.21 -22.77
C THR L 192 26.75 -15.94 -22.34
N THR L 193 27.42 -15.30 -23.30
CA THR L 193 28.20 -14.08 -23.05
C THR L 193 27.44 -12.83 -23.45
N GLY L 194 26.11 -12.90 -23.51
CA GLY L 194 25.33 -11.73 -23.88
C GLY L 194 25.69 -11.26 -25.28
N THR L 195 25.97 -9.96 -25.40
CA THR L 195 26.33 -9.36 -26.68
C THR L 195 27.81 -9.05 -26.83
N SER L 196 28.43 -8.44 -25.83
CA SER L 196 29.84 -8.06 -25.94
C SER L 196 30.69 -8.59 -24.80
N ASN L 197 30.19 -8.60 -23.57
CA ASN L 197 30.99 -8.89 -22.39
C ASN L 197 30.48 -10.14 -21.68
N THR L 198 31.41 -10.93 -21.15
CA THR L 198 31.06 -12.07 -20.32
C THR L 198 30.56 -11.60 -18.96
N THR L 199 29.97 -12.53 -18.21
CA THR L 199 29.37 -12.21 -16.93
C THR L 199 29.54 -13.39 -15.97
N ALA L 200 29.81 -13.08 -14.71
CA ALA L 200 29.93 -14.10 -13.68
C ALA L 200 28.54 -14.50 -13.19
N ILE L 201 28.47 -15.59 -12.41
CA ILE L 201 27.21 -16.12 -11.91
C ILE L 201 27.29 -16.12 -10.39
N LYS L 202 26.25 -15.58 -9.75
CA LYS L 202 26.28 -15.42 -8.29
C LYS L 202 25.90 -16.70 -7.56
N SER L 203 24.72 -17.25 -7.84
CA SER L 203 24.21 -18.34 -7.02
C SER L 203 23.28 -19.22 -7.84
N ILE L 204 23.07 -20.44 -7.34
CA ILE L 204 22.13 -21.40 -7.92
C ILE L 204 21.28 -21.98 -6.80
N GLU L 205 19.98 -22.03 -7.04
CA GLU L 205 19.02 -22.50 -6.04
C GLU L 205 18.14 -23.57 -6.65
N PHE L 206 17.99 -24.68 -5.94
CA PHE L 206 17.29 -25.86 -6.44
C PHE L 206 15.93 -26.03 -5.78
N ALA L 207 15.25 -27.10 -6.16
CA ALA L 207 13.88 -27.37 -5.71
C ALA L 207 13.70 -28.83 -5.32
N ARG L 208 12.46 -29.25 -5.11
CA ARG L 208 12.14 -30.58 -4.63
C ARG L 208 11.41 -31.44 -5.65
N LYS L 209 10.90 -30.85 -6.73
CA LYS L 209 10.13 -31.60 -7.73
C LYS L 209 10.33 -30.94 -9.09
N GLY L 210 10.67 -31.75 -10.08
CA GLY L 210 10.81 -31.29 -11.45
C GLY L 210 12.24 -31.06 -11.89
N SER L 211 13.20 -31.16 -10.99
CA SER L 211 14.63 -30.92 -11.27
C SER L 211 14.88 -29.51 -11.80
N CYS L 212 14.04 -28.56 -11.41
CA CYS L 212 14.22 -27.16 -11.77
C CYS L 212 15.31 -26.53 -10.92
N PHE L 213 16.03 -25.57 -11.50
CA PHE L 213 16.94 -24.77 -10.69
C PHE L 213 17.04 -23.36 -11.26
N LEU L 214 16.99 -22.38 -10.37
CA LEU L 214 17.16 -20.98 -10.72
C LEU L 214 18.63 -20.59 -10.59
N ILE L 215 19.07 -19.70 -11.48
CA ILE L 215 20.43 -19.18 -11.47
C ILE L 215 20.38 -17.67 -11.40
N ASN L 216 20.99 -17.11 -10.36
CA ASN L 216 21.14 -15.68 -10.18
C ASN L 216 22.55 -15.30 -10.63
N THR L 217 22.63 -14.37 -11.57
CA THR L 217 23.87 -14.00 -12.24
C THR L 217 24.24 -12.57 -11.89
N ALA L 218 25.27 -12.05 -12.57
CA ALA L 218 25.79 -10.72 -12.30
C ALA L 218 25.38 -9.68 -13.32
N ASP L 219 24.58 -10.05 -14.33
CA ASP L 219 24.08 -9.09 -15.30
C ASP L 219 22.68 -8.58 -14.95
N ARG L 220 22.27 -8.75 -13.68
CA ARG L 220 21.02 -8.25 -13.13
C ARG L 220 19.80 -8.95 -13.72
N ILE L 221 19.94 -10.18 -14.21
CA ILE L 221 18.83 -10.94 -14.77
C ILE L 221 18.88 -12.34 -14.18
N ILE L 222 17.72 -12.83 -13.74
CA ILE L 222 17.59 -14.19 -13.22
C ILE L 222 17.26 -15.11 -14.38
N ARG L 223 17.69 -16.38 -14.29
CA ARG L 223 17.35 -17.36 -15.31
C ARG L 223 16.95 -18.67 -14.63
N VAL L 224 16.29 -19.54 -15.40
CA VAL L 224 15.84 -20.84 -14.89
C VAL L 224 16.24 -21.91 -15.89
N TYR L 225 16.69 -23.06 -15.37
CA TYR L 225 17.03 -24.21 -16.19
C TYR L 225 16.57 -25.48 -15.50
N ASP L 226 16.86 -26.62 -16.11
CA ASP L 226 16.47 -27.93 -15.59
C ASP L 226 17.72 -28.75 -15.30
N GLY L 227 17.62 -29.63 -14.30
CA GLY L 227 18.74 -30.46 -13.91
C GLY L 227 18.92 -31.71 -14.74
N ARG L 228 18.59 -31.61 -16.03
CA ARG L 228 18.76 -32.71 -16.96
C ARG L 228 19.31 -32.30 -18.32
N GLU L 229 19.83 -31.09 -18.47
CA GLU L 229 20.29 -30.60 -19.77
C GLU L 229 21.81 -30.68 -19.93
N ILE L 230 22.57 -30.57 -18.84
CA ILE L 230 24.03 -30.56 -18.89
C ILE L 230 24.57 -31.91 -19.33
N LEU L 231 24.01 -33.01 -18.81
CA LEU L 231 24.48 -34.33 -19.20
C LEU L 231 24.02 -34.73 -20.59
N THR L 232 22.83 -34.32 -21.01
CA THR L 232 22.31 -34.73 -22.31
C THR L 232 23.05 -34.05 -23.46
N CYS L 233 23.43 -32.79 -23.28
CA CYS L 233 24.14 -32.08 -24.34
C CYS L 233 25.51 -32.70 -24.62
N GLY L 234 26.13 -33.27 -23.60
CA GLY L 234 27.43 -33.92 -23.77
C GLY L 234 28.49 -33.30 -22.90
N ARG L 235 29.64 -32.98 -23.51
CA ARG L 235 30.68 -32.26 -22.78
C ARG L 235 30.30 -30.80 -22.58
N ASP L 236 29.96 -30.11 -23.67
CA ASP L 236 29.49 -28.73 -23.59
C ASP L 236 28.66 -28.44 -24.83
N GLY L 237 27.63 -27.62 -24.68
CA GLY L 237 26.77 -27.27 -25.79
C GLY L 237 26.45 -25.79 -25.87
N GLU L 238 25.19 -25.47 -26.16
CA GLU L 238 24.75 -24.08 -26.24
C GLU L 238 23.81 -23.76 -25.09
N PRO L 239 24.01 -22.65 -24.40
CA PRO L 239 23.06 -22.24 -23.35
C PRO L 239 21.68 -21.96 -23.95
N GLU L 240 20.65 -22.28 -23.17
CA GLU L 240 19.28 -22.02 -23.60
C GLU L 240 18.40 -21.69 -22.41
N PRO L 241 18.38 -20.44 -21.96
CA PRO L 241 17.50 -20.06 -20.85
C PRO L 241 16.03 -20.30 -21.18
N MET L 242 15.27 -20.62 -20.14
CA MET L 242 13.84 -20.87 -20.32
C MET L 242 13.02 -19.60 -20.09
N GLN L 243 13.38 -18.83 -19.07
CA GLN L 243 12.71 -17.56 -18.77
C GLN L 243 13.76 -16.57 -18.27
N LYS L 244 13.89 -15.44 -18.97
CA LYS L 244 14.83 -14.39 -18.59
C LYS L 244 14.06 -13.31 -17.82
N LEU L 245 13.86 -13.57 -16.53
CA LEU L 245 13.08 -12.67 -15.70
C LEU L 245 13.95 -11.56 -15.11
N GLN L 246 13.40 -10.36 -15.09
CA GLN L 246 14.12 -9.19 -14.59
C GLN L 246 13.11 -8.12 -14.22
N ASP L 247 13.62 -7.03 -13.63
CA ASP L 247 12.83 -5.85 -13.31
C ASP L 247 13.37 -4.70 -14.16
N LEU L 248 12.47 -3.91 -14.75
CA LEU L 248 12.84 -2.91 -15.73
C LEU L 248 12.36 -1.52 -15.33
N VAL L 249 11.96 -1.35 -14.08
CA VAL L 249 11.48 -0.05 -13.61
C VAL L 249 12.46 0.51 -12.59
N ASN L 250 13.20 -0.38 -11.92
CA ASN L 250 14.17 0.01 -10.92
C ASN L 250 15.53 -0.64 -11.08
N ARG L 251 15.63 -1.73 -11.85
CA ARG L 251 16.87 -2.47 -12.02
C ARG L 251 17.41 -2.93 -10.65
N THR L 252 16.56 -3.67 -9.96
CA THR L 252 16.87 -4.08 -8.59
C THR L 252 17.91 -5.21 -8.61
N PRO L 253 19.04 -5.06 -7.94
CA PRO L 253 19.97 -6.17 -7.80
C PRO L 253 19.37 -7.29 -6.97
N TRP L 254 19.79 -8.51 -7.28
CA TRP L 254 19.27 -9.72 -6.63
C TRP L 254 20.33 -10.29 -5.71
N LYS L 255 19.95 -10.54 -4.46
CA LYS L 255 20.85 -11.12 -3.48
C LYS L 255 20.41 -12.50 -3.02
N LYS L 256 19.17 -12.64 -2.55
CA LYS L 256 18.65 -13.93 -2.10
C LYS L 256 17.38 -14.26 -2.87
N CYS L 257 17.18 -15.54 -3.16
CA CYS L 257 16.03 -16.00 -3.93
C CYS L 257 15.88 -17.50 -3.74
N CYS L 258 14.64 -17.94 -3.51
CA CYS L 258 14.32 -19.34 -3.28
C CYS L 258 13.34 -19.84 -4.34
N PHE L 259 12.85 -21.05 -4.15
CA PHE L 259 11.90 -21.65 -5.06
C PHE L 259 10.59 -21.97 -4.32
N SER L 260 9.61 -22.48 -5.06
CA SER L 260 8.31 -22.77 -4.48
C SER L 260 8.28 -24.16 -3.85
N GLY L 261 7.29 -24.38 -3.00
CA GLY L 261 7.08 -25.67 -2.36
C GLY L 261 6.18 -26.60 -3.13
N ASP L 262 5.49 -26.13 -4.17
CA ASP L 262 4.64 -26.99 -4.97
C ASP L 262 5.22 -27.34 -6.33
N GLY L 263 6.33 -26.72 -6.74
CA GLY L 263 6.97 -27.05 -7.99
C GLY L 263 6.49 -26.25 -9.19
N GLU L 264 5.77 -25.15 -8.97
CA GLU L 264 5.22 -24.38 -10.08
C GLU L 264 5.50 -22.88 -10.00
N TYR L 265 5.85 -22.35 -8.81
CA TYR L 265 6.09 -20.93 -8.66
C TYR L 265 7.58 -20.67 -8.48
N ILE L 266 7.94 -19.39 -8.50
CA ILE L 266 9.32 -18.94 -8.44
C ILE L 266 9.34 -17.52 -7.85
N VAL L 267 10.28 -17.26 -6.95
CA VAL L 267 10.34 -15.99 -6.25
C VAL L 267 11.69 -15.33 -6.52
N ALA L 268 11.68 -14.01 -6.66
CA ALA L 268 12.87 -13.18 -6.68
C ALA L 268 12.71 -12.10 -5.63
N GLY L 269 13.77 -11.87 -4.86
CA GLY L 269 13.71 -11.01 -3.69
C GLY L 269 14.50 -9.72 -3.87
N SER L 270 14.11 -8.71 -3.10
CA SER L 270 14.82 -7.44 -3.07
C SER L 270 15.77 -7.42 -1.88
N ALA L 271 16.61 -6.38 -1.80
CA ALA L 271 17.53 -6.21 -0.69
C ALA L 271 17.09 -5.09 0.24
N ARG L 272 16.75 -3.93 -0.31
CA ARG L 272 16.28 -2.80 0.48
C ARG L 272 14.98 -2.18 -0.02
N GLN L 273 14.54 -2.53 -1.23
CA GLN L 273 13.32 -1.96 -1.80
C GLN L 273 12.07 -2.76 -1.45
N HIS L 274 12.21 -3.94 -0.84
CA HIS L 274 11.08 -4.77 -0.41
C HIS L 274 10.10 -5.00 -1.57
N ALA L 275 10.65 -5.28 -2.74
CA ALA L 275 9.86 -5.59 -3.93
C ALA L 275 10.03 -7.08 -4.19
N LEU L 276 9.20 -7.89 -3.54
CA LEU L 276 9.26 -9.35 -3.67
C LEU L 276 8.41 -9.74 -4.87
N TYR L 277 9.06 -10.20 -5.93
CA TYR L 277 8.38 -10.59 -7.16
C TYR L 277 8.17 -12.10 -7.17
N ILE L 278 7.01 -12.51 -7.68
CA ILE L 278 6.72 -13.93 -7.83
C ILE L 278 6.15 -14.17 -9.22
N TRP L 279 6.52 -15.30 -9.82
CA TRP L 279 6.00 -15.75 -11.09
C TRP L 279 5.72 -17.25 -10.99
N GLU L 280 5.23 -17.83 -12.08
CA GLU L 280 5.05 -19.27 -12.16
C GLU L 280 5.71 -19.81 -13.43
N LYS L 281 6.19 -21.04 -13.33
CA LYS L 281 7.00 -21.61 -14.41
C LYS L 281 6.21 -21.78 -15.70
N SER L 282 4.95 -22.19 -15.61
CA SER L 282 4.17 -22.46 -16.82
C SER L 282 3.96 -21.19 -17.64
N ILE L 283 3.57 -20.10 -16.98
CA ILE L 283 3.35 -18.81 -17.64
C ILE L 283 4.14 -17.76 -16.90
N GLY L 284 5.10 -17.14 -17.58
CA GLY L 284 6.02 -16.21 -16.94
C GLY L 284 5.52 -14.78 -16.85
N ASN L 285 4.41 -14.58 -16.14
CA ASN L 285 3.85 -13.26 -15.92
C ASN L 285 3.87 -12.91 -14.45
N LEU L 286 3.89 -11.61 -14.16
CA LEU L 286 3.82 -11.15 -12.78
C LEU L 286 2.43 -11.38 -12.22
N VAL L 287 2.36 -11.92 -11.00
CA VAL L 287 1.10 -12.26 -10.37
C VAL L 287 0.86 -11.45 -9.10
N LYS L 288 1.89 -11.25 -8.28
CA LYS L 288 1.72 -10.51 -7.05
C LYS L 288 3.03 -9.82 -6.69
N ILE L 289 2.91 -8.72 -5.94
CA ILE L 289 4.03 -7.96 -5.43
C ILE L 289 3.79 -7.67 -3.97
N LEU L 290 4.83 -7.85 -3.15
CA LEU L 290 4.71 -7.77 -1.71
C LEU L 290 4.90 -6.33 -1.22
N HIS L 291 3.91 -5.83 -0.49
CA HIS L 291 3.95 -4.50 0.12
C HIS L 291 4.68 -4.62 1.45
N GLY L 292 6.01 -4.58 1.39
CA GLY L 292 6.84 -4.70 2.58
C GLY L 292 7.34 -3.36 3.08
N THR L 293 7.38 -3.22 4.40
CA THR L 293 7.84 -2.00 5.02
C THR L 293 9.35 -1.84 4.80
N ARG L 294 9.74 -0.79 4.10
CA ARG L 294 11.14 -0.55 3.80
C ARG L 294 11.93 -0.32 5.08
N GLY L 295 13.23 -0.63 5.03
CA GLY L 295 14.12 -0.27 6.11
C GLY L 295 15.05 -1.36 6.59
N GLU L 296 14.93 -2.57 6.03
CA GLU L 296 15.72 -3.70 6.47
C GLU L 296 16.24 -4.48 5.28
N LEU L 297 17.33 -5.20 5.50
CA LEU L 297 17.95 -6.04 4.47
C LEU L 297 17.49 -7.48 4.64
N LEU L 298 16.91 -8.03 3.58
CA LEU L 298 16.39 -9.40 3.60
C LEU L 298 17.53 -10.40 3.69
N LEU L 299 17.41 -11.39 4.58
CA LEU L 299 18.45 -12.40 4.75
C LEU L 299 18.06 -13.76 4.17
N ASP L 300 16.94 -14.32 4.60
CA ASP L 300 16.52 -15.64 4.15
C ASP L 300 15.04 -15.66 3.84
N VAL L 301 14.68 -16.42 2.81
CA VAL L 301 13.29 -16.65 2.41
C VAL L 301 13.11 -18.13 2.14
N ALA L 302 12.00 -18.69 2.61
CA ALA L 302 11.71 -20.10 2.40
C ALA L 302 10.22 -20.38 2.52
N TRP L 303 9.69 -21.14 1.55
CA TRP L 303 8.29 -21.55 1.63
C TRP L 303 8.19 -22.90 2.35
N HIS L 304 6.99 -23.22 2.80
CA HIS L 304 6.73 -24.59 3.24
C HIS L 304 6.84 -25.50 2.04
N PRO L 305 7.62 -26.58 2.11
CA PRO L 305 7.71 -27.50 0.97
C PRO L 305 6.39 -28.15 0.58
N VAL L 306 5.29 -27.81 1.25
CA VAL L 306 3.96 -28.33 0.93
C VAL L 306 2.96 -27.21 0.68
N ARG L 307 2.88 -26.23 1.59
CA ARG L 307 1.86 -25.21 1.57
C ARG L 307 2.45 -23.88 1.11
N PRO L 308 1.81 -23.18 0.17
CA PRO L 308 2.34 -21.89 -0.30
C PRO L 308 2.35 -20.84 0.81
N ILE L 309 3.55 -20.39 1.16
CA ILE L 309 3.75 -19.40 2.20
C ILE L 309 5.04 -18.65 1.89
N ILE L 310 5.17 -17.44 2.41
CA ILE L 310 6.42 -16.71 2.37
C ILE L 310 6.72 -16.17 3.76
N ALA L 311 7.98 -16.32 4.19
CA ALA L 311 8.42 -15.85 5.49
C ALA L 311 9.84 -15.35 5.34
N SER L 312 10.00 -14.03 5.28
CA SER L 312 11.29 -13.40 5.04
C SER L 312 11.88 -12.93 6.36
N ILE L 313 13.05 -13.47 6.72
CA ILE L 313 13.76 -13.02 7.91
C ILE L 313 14.70 -11.88 7.52
N SER L 314 14.77 -10.87 8.40
CA SER L 314 15.57 -9.69 8.13
C SER L 314 15.77 -8.87 9.39
N SER L 315 17.02 -8.52 9.68
CA SER L 315 17.35 -7.58 10.77
C SER L 315 16.76 -8.04 12.11
N GLY L 316 16.76 -9.36 12.33
CA GLY L 316 16.26 -9.92 13.57
C GLY L 316 14.77 -10.16 13.64
N VAL L 317 14.00 -9.65 12.68
CA VAL L 317 12.55 -9.87 12.67
C VAL L 317 12.20 -10.76 11.49
N VAL L 318 10.93 -11.16 11.40
CA VAL L 318 10.46 -11.96 10.27
C VAL L 318 9.10 -11.44 9.83
N SER L 319 8.98 -11.17 8.54
CA SER L 319 7.71 -10.77 7.93
C SER L 319 7.10 -11.99 7.25
N ILE L 320 5.90 -12.38 7.68
CA ILE L 320 5.28 -13.61 7.21
C ILE L 320 3.98 -13.27 6.50
N TRP L 321 3.81 -13.83 5.31
CA TRP L 321 2.61 -13.69 4.49
C TRP L 321 2.15 -15.10 4.15
N ALA L 322 0.90 -15.42 4.51
CA ALA L 322 0.39 -16.78 4.42
C ALA L 322 -1.12 -16.72 4.16
N GLN L 323 -1.78 -17.85 4.36
CA GLN L 323 -3.23 -17.94 4.24
C GLN L 323 -3.85 -18.50 5.52
N MET M 6 7.04 -41.96 -37.73
CA MET M 6 7.81 -42.55 -36.63
C MET M 6 7.62 -41.77 -35.33
N GLN M 7 8.14 -42.32 -34.24
CA GLN M 7 7.82 -41.83 -32.90
C GLN M 7 9.08 -41.34 -32.20
N ILE M 8 8.95 -40.22 -31.48
CA ILE M 8 10.02 -39.66 -30.67
C ILE M 8 9.45 -39.13 -29.37
N PHE M 9 10.31 -38.57 -28.53
CA PHE M 9 9.92 -38.05 -27.22
C PHE M 9 10.15 -36.55 -27.16
N VAL M 10 9.27 -35.88 -26.44
CA VAL M 10 9.39 -34.45 -26.13
C VAL M 10 9.37 -34.32 -24.61
N LYS M 11 10.34 -33.59 -24.07
CA LYS M 11 10.47 -33.45 -22.62
C LYS M 11 10.07 -32.04 -22.20
N THR M 12 9.21 -31.97 -21.20
CA THR M 12 8.79 -30.70 -20.63
C THR M 12 9.75 -30.32 -19.49
N LEU M 13 9.48 -29.19 -18.84
CA LEU M 13 10.32 -28.73 -17.74
C LEU M 13 10.07 -29.53 -16.46
N THR M 14 8.80 -29.86 -16.18
CA THR M 14 8.49 -30.58 -14.95
C THR M 14 9.11 -31.98 -14.95
N GLY M 15 9.41 -32.51 -16.13
CA GLY M 15 10.11 -33.78 -16.21
C GLY M 15 9.40 -34.86 -16.99
N LYS M 16 8.11 -34.68 -17.24
CA LYS M 16 7.33 -35.67 -17.98
C LYS M 16 7.74 -35.69 -19.44
N THR M 17 7.75 -36.89 -20.02
CA THR M 17 8.09 -37.08 -21.43
C THR M 17 6.85 -37.58 -22.17
N ILE M 18 6.65 -37.07 -23.38
CA ILE M 18 5.49 -37.40 -24.19
C ILE M 18 5.97 -38.01 -25.51
N THR M 19 5.41 -39.16 -25.86
CA THR M 19 5.71 -39.83 -27.11
C THR M 19 4.81 -39.28 -28.20
N LEU M 20 5.40 -38.79 -29.28
CA LEU M 20 4.66 -38.17 -30.37
C LEU M 20 5.11 -38.75 -31.70
N GLU M 21 4.31 -38.48 -32.73
CA GLU M 21 4.54 -39.00 -34.07
C GLU M 21 4.90 -37.86 -35.01
N VAL M 22 6.00 -38.02 -35.74
CA VAL M 22 6.45 -37.04 -36.72
C VAL M 22 6.70 -37.77 -38.04
N GLU M 23 6.02 -37.31 -39.10
CA GLU M 23 6.22 -37.91 -40.40
C GLU M 23 7.54 -37.44 -41.00
N PRO M 24 8.24 -38.33 -41.73
CA PRO M 24 9.51 -37.91 -42.36
C PRO M 24 9.37 -36.78 -43.36
N SER M 25 8.21 -36.65 -44.00
CA SER M 25 7.95 -35.60 -44.97
C SER M 25 6.99 -34.56 -44.40
N ASP M 26 7.11 -34.28 -43.11
CA ASP M 26 6.25 -33.34 -42.41
C ASP M 26 7.09 -32.20 -41.85
N THR M 27 6.69 -30.97 -42.16
CA THR M 27 7.40 -29.80 -41.67
C THR M 27 7.16 -29.61 -40.16
N ILE M 28 8.01 -28.77 -39.56
CA ILE M 28 7.92 -28.54 -38.12
C ILE M 28 6.62 -27.84 -37.74
N GLU M 29 6.11 -26.95 -38.59
CA GLU M 29 4.89 -26.22 -38.26
C GLU M 29 3.70 -27.16 -38.10
N ASN M 30 3.62 -28.19 -38.96
CA ASN M 30 2.55 -29.17 -38.82
C ASN M 30 2.64 -29.92 -37.49
N VAL M 31 3.86 -30.29 -37.08
CA VAL M 31 4.04 -30.95 -35.78
C VAL M 31 3.62 -30.03 -34.65
N LYS M 32 3.99 -28.75 -34.73
CA LYS M 32 3.60 -27.80 -33.70
C LYS M 32 2.08 -27.65 -33.64
N ALA M 33 1.42 -27.57 -34.79
CA ALA M 33 -0.03 -27.48 -34.80
C ALA M 33 -0.66 -28.74 -34.20
N LYS M 34 -0.10 -29.91 -34.52
CA LYS M 34 -0.62 -31.15 -33.95
C LYS M 34 -0.47 -31.15 -32.43
N ILE M 35 0.68 -30.70 -31.92
CA ILE M 35 0.90 -30.64 -30.48
C ILE M 35 -0.08 -29.67 -29.83
N GLN M 36 -0.29 -28.51 -30.46
CA GLN M 36 -1.21 -27.52 -29.90
C GLN M 36 -2.64 -28.05 -29.86
N ASP M 37 -3.06 -28.76 -30.90
CA ASP M 37 -4.39 -29.37 -30.89
C ASP M 37 -4.48 -30.57 -29.97
N LYS M 38 -3.34 -31.20 -29.65
CA LYS M 38 -3.35 -32.39 -28.81
C LYS M 38 -3.43 -32.03 -27.33
N GLU M 39 -2.47 -31.25 -26.84
CA GLU M 39 -2.40 -30.95 -25.41
C GLU M 39 -2.81 -29.52 -25.08
N GLY M 40 -2.81 -28.60 -26.04
CA GLY M 40 -3.24 -27.24 -25.80
C GLY M 40 -2.13 -26.25 -25.50
N ILE M 41 -0.89 -26.71 -25.33
CA ILE M 41 0.23 -25.81 -25.07
C ILE M 41 0.48 -24.98 -26.32
N PRO M 42 0.50 -23.65 -26.22
CA PRO M 42 0.68 -22.83 -27.41
C PRO M 42 2.04 -23.07 -28.03
N PRO M 43 2.13 -23.08 -29.37
CA PRO M 43 3.45 -23.19 -30.01
C PRO M 43 4.37 -22.04 -29.69
N ASP M 44 3.82 -20.87 -29.32
CA ASP M 44 4.66 -19.74 -28.94
C ASP M 44 5.23 -19.89 -27.54
N GLN M 45 4.76 -20.87 -26.77
CA GLN M 45 5.30 -21.18 -25.45
C GLN M 45 6.25 -22.37 -25.47
N GLN M 46 6.60 -22.87 -26.66
CA GLN M 46 7.43 -24.06 -26.77
C GLN M 46 8.38 -23.91 -27.96
N ARG M 47 9.45 -24.70 -27.93
CA ARG M 47 10.43 -24.73 -29.00
C ARG M 47 11.21 -26.03 -28.92
N LEU M 48 11.94 -26.33 -29.99
CA LEU M 48 12.67 -27.59 -30.09
C LEU M 48 14.14 -27.39 -29.81
N ILE M 49 14.68 -28.19 -28.90
CA ILE M 49 16.10 -28.19 -28.57
C ILE M 49 16.58 -29.64 -28.56
N PHE M 50 17.63 -29.92 -29.33
CA PHE M 50 18.19 -31.27 -29.45
C PHE M 50 19.63 -31.24 -28.97
N ALA M 51 19.87 -31.80 -27.77
CA ALA M 51 21.20 -31.90 -27.19
C ALA M 51 21.89 -30.54 -27.12
N GLY M 52 21.15 -29.53 -26.71
CA GLY M 52 21.70 -28.20 -26.58
C GLY M 52 22.13 -27.57 -27.89
N LYS M 53 21.31 -27.72 -28.93
CA LYS M 53 21.59 -27.12 -30.23
C LYS M 53 20.36 -26.39 -30.72
N GLN M 54 20.58 -25.34 -31.51
CA GLN M 54 19.50 -24.46 -31.93
C GLN M 54 18.62 -25.12 -32.99
N LEU M 55 17.32 -25.07 -32.79
CA LEU M 55 16.33 -25.49 -33.78
C LEU M 55 15.24 -24.43 -33.85
N GLU M 56 14.70 -24.23 -35.05
CA GLU M 56 13.67 -23.23 -35.29
C GLU M 56 12.35 -23.92 -35.64
N ASP M 57 11.33 -23.09 -35.89
CA ASP M 57 10.02 -23.59 -36.26
C ASP M 57 9.83 -23.64 -37.77
N GLY M 58 10.53 -22.80 -38.51
CA GLY M 58 10.40 -22.76 -39.96
C GLY M 58 11.40 -23.63 -40.69
N ARG M 59 11.33 -24.95 -40.48
CA ARG M 59 12.22 -25.90 -41.13
C ARG M 59 11.54 -27.26 -41.12
N THR M 60 12.32 -28.31 -41.43
CA THR M 60 11.82 -29.67 -41.45
C THR M 60 12.79 -30.57 -40.72
N LEU M 61 12.26 -31.62 -40.09
CA LEU M 61 13.11 -32.57 -39.39
C LEU M 61 13.98 -33.35 -40.38
N SER M 62 13.54 -33.43 -41.64
CA SER M 62 14.36 -34.06 -42.67
C SER M 62 15.64 -33.28 -42.93
N ASP M 63 15.57 -31.95 -42.91
CA ASP M 63 16.76 -31.14 -43.08
C ASP M 63 17.70 -31.27 -41.88
N TYR M 64 17.16 -31.28 -40.66
CA TYR M 64 17.97 -31.41 -39.46
C TYR M 64 18.45 -32.84 -39.23
N ASN M 65 17.66 -33.83 -39.61
CA ASN M 65 18.04 -35.25 -39.55
C ASN M 65 18.44 -35.67 -38.13
N ILE M 66 17.47 -35.57 -37.23
CA ILE M 66 17.61 -36.08 -35.87
C ILE M 66 17.40 -37.58 -35.89
N GLN M 67 18.28 -38.32 -35.23
CA GLN M 67 18.23 -39.76 -35.29
C GLN M 67 17.02 -40.29 -34.51
N LYS M 68 16.71 -41.57 -34.73
CA LYS M 68 15.50 -42.17 -34.23
C LYS M 68 15.54 -42.32 -32.71
N GLU M 69 14.34 -42.52 -32.14
CA GLU M 69 14.16 -42.86 -30.72
C GLU M 69 14.85 -41.87 -29.79
N SER M 70 14.93 -40.61 -30.20
CA SER M 70 15.60 -39.58 -29.42
C SER M 70 14.60 -38.70 -28.68
N THR M 71 15.13 -37.87 -27.79
CA THR M 71 14.34 -36.92 -27.02
C THR M 71 14.68 -35.49 -27.43
N LEU M 72 13.65 -34.64 -27.43
CA LEU M 72 13.81 -33.22 -27.71
C LEU M 72 13.39 -32.44 -26.47
N HIS M 73 14.29 -31.58 -25.99
CA HIS M 73 14.03 -30.78 -24.80
C HIS M 73 13.13 -29.62 -25.15
N LEU M 74 11.86 -29.71 -24.78
CA LEU M 74 10.88 -28.67 -25.11
C LEU M 74 11.01 -27.55 -24.09
N VAL M 75 11.82 -26.55 -24.44
CA VAL M 75 12.06 -25.42 -23.56
C VAL M 75 10.84 -24.53 -23.53
N LEU M 76 10.31 -24.30 -22.33
CA LEU M 76 9.12 -23.46 -22.18
C LEU M 76 9.47 -21.99 -22.42
N ARG M 77 8.47 -21.26 -22.90
CA ARG M 77 8.65 -19.84 -23.20
C ARG M 77 7.56 -19.01 -22.54
N LEU M 78 7.52 -17.72 -22.84
CA LEU M 78 6.41 -16.86 -22.46
C LEU M 78 5.55 -16.62 -23.69
N ARG M 79 4.24 -16.58 -23.48
CA ARG M 79 3.30 -16.57 -24.59
C ARG M 79 3.55 -15.38 -25.51
N GLY M 80 3.57 -15.66 -26.82
CA GLY M 80 3.84 -14.63 -27.81
C GLY M 80 5.18 -14.82 -28.51
#